data_7BPF
# 
_entry.id   7BPF 
# 
_audit_conform.dict_name       mmcif_pdbx.dic 
_audit_conform.dict_version    5.387 
_audit_conform.dict_location   http://mmcif.pdb.org/dictionaries/ascii/mmcif_pdbx.dic 
# 
loop_
_database_2.database_id 
_database_2.database_code 
_database_2.pdbx_database_accession 
_database_2.pdbx_DOI 
PDB   7BPF         pdb_00007bpf 10.2210/pdb7bpf/pdb 
WWPDB D_1300016214 ?            ?                   
# 
loop_
_pdbx_audit_revision_history.ordinal 
_pdbx_audit_revision_history.data_content_type 
_pdbx_audit_revision_history.major_revision 
_pdbx_audit_revision_history.minor_revision 
_pdbx_audit_revision_history.revision_date 
1 'Structure model' 1 0 2020-11-25 
2 'Structure model' 1 1 2024-03-27 
# 
_pdbx_audit_revision_details.ordinal             1 
_pdbx_audit_revision_details.revision_ordinal    1 
_pdbx_audit_revision_details.data_content_type   'Structure model' 
_pdbx_audit_revision_details.provider            repository 
_pdbx_audit_revision_details.type                'Initial release' 
_pdbx_audit_revision_details.description         ? 
_pdbx_audit_revision_details.details             ? 
# 
loop_
_pdbx_audit_revision_group.ordinal 
_pdbx_audit_revision_group.revision_ordinal 
_pdbx_audit_revision_group.data_content_type 
_pdbx_audit_revision_group.group 
1 2 'Structure model' 'Data collection'      
2 2 'Structure model' 'Database references'  
3 2 'Structure model' 'Derived calculations' 
# 
loop_
_pdbx_audit_revision_category.ordinal 
_pdbx_audit_revision_category.revision_ordinal 
_pdbx_audit_revision_category.data_content_type 
_pdbx_audit_revision_category.category 
1 2 'Structure model' atom_type      
2 2 'Structure model' chem_comp_atom 
3 2 'Structure model' chem_comp_bond 
4 2 'Structure model' database_2     
# 
loop_
_pdbx_audit_revision_item.ordinal 
_pdbx_audit_revision_item.revision_ordinal 
_pdbx_audit_revision_item.data_content_type 
_pdbx_audit_revision_item.item 
1 2 'Structure model' '_atom_type.pdbx_N_electrons'         
2 2 'Structure model' '_atom_type.pdbx_scat_Z'              
3 2 'Structure model' '_database_2.pdbx_DOI'                
4 2 'Structure model' '_database_2.pdbx_database_accession' 
# 
_pdbx_database_status.status_code                     REL 
_pdbx_database_status.status_code_sf                  REL 
_pdbx_database_status.status_code_mr                  ? 
_pdbx_database_status.entry_id                        7BPF 
_pdbx_database_status.recvd_initial_deposition_date   2020-03-22 
_pdbx_database_status.SG_entry                        N 
_pdbx_database_status.deposit_site                    PDBJ 
_pdbx_database_status.process_site                    PDBJ 
_pdbx_database_status.status_code_cs                  ? 
_pdbx_database_status.status_code_nmr_data            ? 
_pdbx_database_status.methods_development_category    ? 
_pdbx_database_status.pdb_format_compatible           Y 
# 
loop_
_audit_author.name 
_audit_author.pdbx_ordinal 
_audit_author.identifier_ORCID 
'Kamiya, Y.'   1 ? 
'Satoh, T.'    2 ? 
'Kodama, A.'   3 ? 
'Suzuki, T.'   4 ? 
'Uchiyama, S.' 5 ? 
'Kato, K.'     6 ? 
'Asanuma, H.'  7 ? 
# 
_citation.abstract                  ? 
_citation.abstract_id_CAS           ? 
_citation.book_id_ISBN              ? 
_citation.book_publisher            ? 
_citation.book_publisher_city       ? 
_citation.book_title                ? 
_citation.coordinate_linkage        ? 
_citation.country                   UK 
_citation.database_id_Medline       ? 
_citation.details                   ? 
_citation.id                        primary 
_citation.journal_abbrev            'Commun Chem' 
_citation.journal_id_ASTM           ? 
_citation.journal_id_CSD            ? 
_citation.journal_id_ISSN           2399-3669 
_citation.journal_full              ? 
_citation.journal_issue             ? 
_citation.journal_volume            ? 
_citation.language                  ? 
_citation.page_first                ? 
_citation.page_last                 ? 
_citation.title                     
;Intrastrand backbone-nucleobase interactions stabilize unwound right-handed helical structures of heteroduplexes of L-aTNA/RNA and SNA/RNA
;
_citation.year                      2020 
_citation.database_id_CSD           ? 
_citation.pdbx_database_id_DOI      10.1038/s42004-020-00400-2 
_citation.pdbx_database_id_PubMed   ? 
_citation.unpublished_flag          ? 
# 
loop_
_citation_author.citation_id 
_citation_author.name 
_citation_author.ordinal 
_citation_author.identifier_ORCID 
primary 'Kamiya, Y.'   1 ? 
primary 'Satoh, T.'    2 ? 
primary 'Kodama, A.'   3 ? 
primary 'Suzuki, T.'   4 ? 
primary 'Murayama, K.' 5 ? 
primary 'Kashida, H.'  6 ? 
primary 'Uchiyama, S.' 7 ? 
primary 'Kato, K.'     8 ? 
primary 'Asanuma, H.'  9 ? 
# 
loop_
_entity.id 
_entity.type 
_entity.src_method 
_entity.pdbx_description 
_entity.formula_weight 
_entity.pdbx_number_of_molecules 
_entity.pdbx_ec 
_entity.pdbx_mutation 
_entity.pdbx_fragment 
_entity.details 
1 polymer syn 
;RNA (5'-R(*GP*CP*UP*GP*CP*(5BU)P*GP*C)-3')
;
2292.251 2  ? ? ? ?                           
2 polymer syn 
;L-aTNA (3'-(*GP*CP*AP*GP*CP*AP*GP*C)-1')
;
2588.968 2  ? ? ? 'L-threoninol nucleic acid' 
3 water   nat water                                        18.015   21 ? ? ? ?                           
# 
loop_
_entity_poly.entity_id 
_entity_poly.type 
_entity_poly.nstd_linkage 
_entity_poly.nstd_monomer 
_entity_poly.pdbx_seq_one_letter_code 
_entity_poly.pdbx_seq_one_letter_code_can 
_entity_poly.pdbx_strand_id 
_entity_poly.pdbx_target_identifier 
1 polyribonucleotide      no yes 'GCUGC(5BU)G'                              GCUGCUG  A,B ? 
2 polydeoxyribonucleotide no yes '(F6X)(F73)(F6U)(F6X)(F73)(F6U)(F6X)(GT3)' XXXXXXXX C,D ? 
# 
_pdbx_entity_nonpoly.entity_id   3 
_pdbx_entity_nonpoly.name        water 
_pdbx_entity_nonpoly.comp_id     HOH 
# 
loop_
_entity_poly_seq.entity_id 
_entity_poly_seq.num 
_entity_poly_seq.mon_id 
_entity_poly_seq.hetero 
1 1 G   n 
1 2 C   n 
1 3 U   n 
1 4 G   n 
1 5 C   n 
1 6 5BU n 
1 7 G   n 
2 1 F6X n 
2 2 F73 n 
2 3 F6U n 
2 4 F6X n 
2 5 F73 n 
2 6 F6U n 
2 7 F6X n 
2 8 GT3 n 
# 
loop_
_pdbx_entity_src_syn.entity_id 
_pdbx_entity_src_syn.pdbx_src_id 
_pdbx_entity_src_syn.pdbx_alt_source_flag 
_pdbx_entity_src_syn.pdbx_beg_seq_num 
_pdbx_entity_src_syn.pdbx_end_seq_num 
_pdbx_entity_src_syn.organism_scientific 
_pdbx_entity_src_syn.organism_common_name 
_pdbx_entity_src_syn.ncbi_taxonomy_id 
_pdbx_entity_src_syn.details 
1 1 sample 1 7 'synthetic construct' ? 32630 ? 
2 1 sample 1 8 'synthetic construct' ? 32630 ? 
# 
loop_
_chem_comp.id 
_chem_comp.type 
_chem_comp.mon_nstd_flag 
_chem_comp.name 
_chem_comp.pdbx_synonyms 
_chem_comp.formula 
_chem_comp.formula_weight 
5BU 'RNA linking' n "5-BROMO-URIDINE-5'-MONOPHOSPHATE" ? 'C9 H12 Br N2 O9 P' 403.077 
C   'RNA linking' y "CYTIDINE-5'-MONOPHOSPHATE" ? 'C9 H14 N3 O8 P'    323.197 
F6U 'DNA linking' . '[(2R,3R)-3-[2-(6-aminopurin-9-yl)ethanoylamino]-4-oxidanyl-butan-2-yl] dihydrogen phosphate' ? 
'C11 H17 N6 O6 P'   360.263 
F6X 'DNA linking' . 
'[(2R,3R)-3-[2-(4-azanyl-2-oxidanylidene-pyrimidin-1-yl)ethanoylamino]-4-oxidanyl-butan-2-yl] dihydrogen phosphate' ? 
'C10 H17 N4 O7 P'   336.238 
F73 'DNA linking' . 
'[(2R,3R)-3-[2-(2-azanyl-6-oxidanylidene-1H-purin-9-yl)ethanoylamino]-4-oxidanyl-butan-2-yl] dihydrogen phosphate'  ? 
'C11 H17 N6 O7 P'   376.262 
G   'RNA linking' y "GUANOSINE-5'-MONOPHOSPHATE" ? 'C10 H14 N5 O8 P'   363.221 
GT3 non-polymer   . '2-(2-azanyl-6-oxidanylidene-1H-purin-9-yl)-N-[(2R,3R)-1,3-bis(oxidanyl)butan-2-yl]ethanamide' ? 
'C11 H16 N6 O4'     296.283 
HOH non-polymer   . WATER ? 'H2 O'              18.015  
U   'RNA linking' y "URIDINE-5'-MONOPHOSPHATE" ? 'C9 H13 N2 O9 P'    324.181 
# 
loop_
_pdbx_poly_seq_scheme.asym_id 
_pdbx_poly_seq_scheme.entity_id 
_pdbx_poly_seq_scheme.seq_id 
_pdbx_poly_seq_scheme.mon_id 
_pdbx_poly_seq_scheme.ndb_seq_num 
_pdbx_poly_seq_scheme.pdb_seq_num 
_pdbx_poly_seq_scheme.auth_seq_num 
_pdbx_poly_seq_scheme.pdb_mon_id 
_pdbx_poly_seq_scheme.auth_mon_id 
_pdbx_poly_seq_scheme.pdb_strand_id 
_pdbx_poly_seq_scheme.pdb_ins_code 
_pdbx_poly_seq_scheme.hetero 
A 1 1 G   1 1   1   G   G   A . n 
A 1 2 C   2 2   2   C   C   A . n 
A 1 3 U   3 3   3   U   U   A . n 
A 1 4 G   4 4   4   G   G   A . n 
A 1 5 C   5 5   5   C   C   A . n 
A 1 6 5BU 6 6   6   5BU 5BU A . n 
A 1 7 G   7 7   7   G   G   A . n 
B 1 1 G   1 1   1   G   G   B . n 
B 1 2 C   2 2   2   C   C   B . n 
B 1 3 U   3 3   3   U   U   B . n 
B 1 4 G   4 4   4   G   G   B . n 
B 1 5 C   5 5   5   C   C   B . n 
B 1 6 5BU 6 6   6   5BU 5BU B . n 
B 1 7 G   7 7   7   G   G   B . n 
C 2 1 F6X 1 101 101 F6X F8X C . n 
C 2 2 F73 2 102 102 F73 F73 C . n 
C 2 3 F6U 3 103 103 F6U F6U C . n 
C 2 4 F6X 4 104 104 F6X F6X C . n 
C 2 5 F73 5 105 105 F73 F73 C . n 
C 2 6 F6U 6 106 106 F6U F6U C . n 
C 2 7 F6X 7 107 107 F6X F6X C . n 
C 2 8 GT3 8 108 108 GT3 GT3 C . n 
D 2 1 F6X 1 101 101 F6X F8X D . n 
D 2 2 F73 2 102 102 F73 F73 D . n 
D 2 3 F6U 3 103 103 F6U F6U D . n 
D 2 4 F6X 4 104 104 F6X F6X D . n 
D 2 5 F73 5 105 105 F73 F73 D . n 
D 2 6 F6U 6 106 106 F6U F6U D . n 
D 2 7 F6X 7 107 107 F6X F6X D . n 
D 2 8 GT3 8 108 108 GT3 GT3 D . n 
# 
loop_
_pdbx_nonpoly_scheme.asym_id 
_pdbx_nonpoly_scheme.entity_id 
_pdbx_nonpoly_scheme.mon_id 
_pdbx_nonpoly_scheme.ndb_seq_num 
_pdbx_nonpoly_scheme.pdb_seq_num 
_pdbx_nonpoly_scheme.auth_seq_num 
_pdbx_nonpoly_scheme.pdb_mon_id 
_pdbx_nonpoly_scheme.auth_mon_id 
_pdbx_nonpoly_scheme.pdb_strand_id 
_pdbx_nonpoly_scheme.pdb_ins_code 
E 3 HOH 1 101 7  HOH HOH A . 
E 3 HOH 2 102 4  HOH HOH A . 
E 3 HOH 3 103 1  HOH HOH A . 
E 3 HOH 4 104 11 HOH HOH A . 
E 3 HOH 5 105 10 HOH HOH A . 
F 3 HOH 1 101 20 HOH HOH B . 
F 3 HOH 2 102 2  HOH HOH B . 
F 3 HOH 3 103 19 HOH HOH B . 
G 3 HOH 1 201 21 HOH HOH C . 
G 3 HOH 2 202 15 HOH HOH C . 
G 3 HOH 3 203 9  HOH HOH C . 
G 3 HOH 4 204 14 HOH HOH C . 
G 3 HOH 5 205 12 HOH HOH C . 
G 3 HOH 6 206 17 HOH HOH C . 
G 3 HOH 7 207 16 HOH HOH C . 
G 3 HOH 8 208 8  HOH HOH C . 
H 3 HOH 1 201 6  HOH HOH D . 
H 3 HOH 2 202 3  HOH HOH D . 
H 3 HOH 3 203 18 HOH HOH D . 
H 3 HOH 4 204 5  HOH HOH D . 
H 3 HOH 5 205 13 HOH HOH D . 
# 
loop_
_software.citation_id 
_software.classification 
_software.compiler_name 
_software.compiler_version 
_software.contact_author 
_software.contact_author_email 
_software.date 
_software.description 
_software.dependencies 
_software.hardware 
_software.language 
_software.location 
_software.mods 
_software.name 
_software.os 
_software.os_version 
_software.type 
_software.version 
_software.pdbx_ordinal 
? refinement       ? ? ? ? ? ? ? ? ? ? ? REFMAC  ? ? ? 5.8.0266 1 
? 'data reduction' ? ? ? ? ? ? ? ? ? ? ? XDS     ? ? ? .        2 
? 'data scaling'   ? ? ? ? ? ? ? ? ? ? ? Aimless ? ? ? .        3 
? phasing          ? ? ? ? ? ? ? ? ? ? ? AutoSol ? ? ? .        4 
# 
_cell.angle_alpha                  90.00 
_cell.angle_alpha_esd              ? 
_cell.angle_beta                   115.64 
_cell.angle_beta_esd               ? 
_cell.angle_gamma                  90.00 
_cell.angle_gamma_esd              ? 
_cell.entry_id                     7BPF 
_cell.details                      ? 
_cell.formula_units_Z              ? 
_cell.length_a                     52.996 
_cell.length_a_esd                 ? 
_cell.length_b                     33.344 
_cell.length_b_esd                 ? 
_cell.length_c                     54.055 
_cell.length_c_esd                 ? 
_cell.volume                       ? 
_cell.volume_esd                   ? 
_cell.Z_PDB                        8 
_cell.reciprocal_angle_alpha       ? 
_cell.reciprocal_angle_beta        ? 
_cell.reciprocal_angle_gamma       ? 
_cell.reciprocal_angle_alpha_esd   ? 
_cell.reciprocal_angle_beta_esd    ? 
_cell.reciprocal_angle_gamma_esd   ? 
_cell.reciprocal_length_a          ? 
_cell.reciprocal_length_b          ? 
_cell.reciprocal_length_c          ? 
_cell.reciprocal_length_a_esd      ? 
_cell.reciprocal_length_b_esd      ? 
_cell.reciprocal_length_c_esd      ? 
_cell.pdbx_unique_axis             ? 
# 
_symmetry.entry_id                         7BPF 
_symmetry.cell_setting                     ? 
_symmetry.Int_Tables_number                5 
_symmetry.space_group_name_Hall            ? 
_symmetry.space_group_name_H-M             'I 1 2 1' 
_symmetry.pdbx_full_space_group_name_H-M   ? 
# 
_exptl.absorpt_coefficient_mu     ? 
_exptl.absorpt_correction_T_max   ? 
_exptl.absorpt_correction_T_min   ? 
_exptl.absorpt_correction_type    ? 
_exptl.absorpt_process_details    ? 
_exptl.entry_id                   7BPF 
_exptl.crystals_number            1 
_exptl.details                    ? 
_exptl.method                     'X-RAY DIFFRACTION' 
_exptl.method_details             ? 
# 
_exptl_crystal.colour                      ? 
_exptl_crystal.density_diffrn              ? 
_exptl_crystal.density_Matthews            2.21 
_exptl_crystal.density_method              ? 
_exptl_crystal.density_percent_sol         44.22 
_exptl_crystal.description                 ? 
_exptl_crystal.F_000                       ? 
_exptl_crystal.id                          1 
_exptl_crystal.preparation                 ? 
_exptl_crystal.size_max                    ? 
_exptl_crystal.size_mid                    ? 
_exptl_crystal.size_min                    ? 
_exptl_crystal.size_rad                    ? 
_exptl_crystal.colour_lustre               ? 
_exptl_crystal.colour_modifier             ? 
_exptl_crystal.colour_primary              ? 
_exptl_crystal.density_meas                ? 
_exptl_crystal.density_meas_esd            ? 
_exptl_crystal.density_meas_gt             ? 
_exptl_crystal.density_meas_lt             ? 
_exptl_crystal.density_meas_temp           ? 
_exptl_crystal.density_meas_temp_esd       ? 
_exptl_crystal.density_meas_temp_gt        ? 
_exptl_crystal.density_meas_temp_lt        ? 
_exptl_crystal.pdbx_crystal_image_url      ? 
_exptl_crystal.pdbx_crystal_image_format   ? 
_exptl_crystal.pdbx_mosaicity              ? 
_exptl_crystal.pdbx_mosaicity_esd          ? 
# 
_exptl_crystal_grow.apparatus       ? 
_exptl_crystal_grow.atmosphere      ? 
_exptl_crystal_grow.crystal_id      1 
_exptl_crystal_grow.details         ? 
_exptl_crystal_grow.method          'VAPOR DIFFUSION, SITTING DROP' 
_exptl_crystal_grow.method_ref      ? 
_exptl_crystal_grow.pH              7.5 
_exptl_crystal_grow.pressure        ? 
_exptl_crystal_grow.pressure_esd    ? 
_exptl_crystal_grow.seeding         ? 
_exptl_crystal_grow.seeding_ref     ? 
_exptl_crystal_grow.temp            293 
_exptl_crystal_grow.temp_details    ? 
_exptl_crystal_grow.temp_esd        ? 
_exptl_crystal_grow.time            ? 
_exptl_crystal_grow.pdbx_details    '28% PEG 400, 0.1M HEPES (pH 7.5), 0.2M Calcium chloride' 
_exptl_crystal_grow.pdbx_pH_range   ? 
# 
_diffrn.ambient_environment              ? 
_diffrn.ambient_temp                     95 
_diffrn.ambient_temp_details             ? 
_diffrn.ambient_temp_esd                 ? 
_diffrn.crystal_id                       1 
_diffrn.crystal_support                  ? 
_diffrn.crystal_treatment                ? 
_diffrn.details                          ? 
_diffrn.id                               1 
_diffrn.ambient_pressure                 ? 
_diffrn.ambient_pressure_esd             ? 
_diffrn.ambient_pressure_gt              ? 
_diffrn.ambient_pressure_lt              ? 
_diffrn.ambient_temp_gt                  ? 
_diffrn.ambient_temp_lt                  ? 
_diffrn.pdbx_serial_crystal_experiment   N 
# 
_diffrn_detector.details                      ? 
_diffrn_detector.detector                     PIXEL 
_diffrn_detector.diffrn_id                    1 
_diffrn_detector.type                         'DECTRIS EIGER X 16M' 
_diffrn_detector.area_resol_mean              ? 
_diffrn_detector.dtime                        ? 
_diffrn_detector.pdbx_frames_total            ? 
_diffrn_detector.pdbx_collection_time_total   ? 
_diffrn_detector.pdbx_collection_date         2019-05-13 
_diffrn_detector.pdbx_frequency               ? 
# 
_diffrn_radiation.collimation                      ? 
_diffrn_radiation.diffrn_id                        1 
_diffrn_radiation.filter_edge                      ? 
_diffrn_radiation.inhomogeneity                    ? 
_diffrn_radiation.monochromator                    ? 
_diffrn_radiation.polarisn_norm                    ? 
_diffrn_radiation.polarisn_ratio                   ? 
_diffrn_radiation.probe                            ? 
_diffrn_radiation.type                             ? 
_diffrn_radiation.xray_symbol                      ? 
_diffrn_radiation.wavelength_id                    1 
_diffrn_radiation.pdbx_monochromatic_or_laue_m_l   M 
_diffrn_radiation.pdbx_wavelength_list             ? 
_diffrn_radiation.pdbx_wavelength                  ? 
_diffrn_radiation.pdbx_diffrn_protocol             'SINGLE WAVELENGTH' 
_diffrn_radiation.pdbx_analyzer                    ? 
_diffrn_radiation.pdbx_scattering_type             x-ray 
# 
_diffrn_radiation_wavelength.id           1 
_diffrn_radiation_wavelength.wavelength   0.90000 
_diffrn_radiation_wavelength.wt           1.0 
# 
_diffrn_source.current                     ? 
_diffrn_source.details                     ? 
_diffrn_source.diffrn_id                   1 
_diffrn_source.power                       ? 
_diffrn_source.size                        ? 
_diffrn_source.source                      SYNCHROTRON 
_diffrn_source.target                      ? 
_diffrn_source.type                        'SPRING-8 BEAMLINE BL44XU' 
_diffrn_source.voltage                     ? 
_diffrn_source.take-off_angle              ? 
_diffrn_source.pdbx_wavelength_list        0.90000 
_diffrn_source.pdbx_wavelength             ? 
_diffrn_source.pdbx_synchrotron_beamline   BL44XU 
_diffrn_source.pdbx_synchrotron_site       SPring-8 
# 
_reflns.B_iso_Wilson_estimate            ? 
_reflns.entry_id                         7BPF 
_reflns.data_reduction_details           ? 
_reflns.data_reduction_method            ? 
_reflns.d_resolution_high                1.750 
_reflns.d_resolution_low                 28.500 
_reflns.details                          ? 
_reflns.limit_h_max                      ? 
_reflns.limit_h_min                      ? 
_reflns.limit_k_max                      ? 
_reflns.limit_k_min                      ? 
_reflns.limit_l_max                      ? 
_reflns.limit_l_min                      ? 
_reflns.number_all                       ? 
_reflns.number_obs                       8609 
_reflns.observed_criterion               ? 
_reflns.observed_criterion_F_max         ? 
_reflns.observed_criterion_F_min         ? 
_reflns.observed_criterion_I_max         ? 
_reflns.observed_criterion_I_min         ? 
_reflns.observed_criterion_sigma_F       ? 
_reflns.observed_criterion_sigma_I       ? 
_reflns.percent_possible_obs             98.7 
_reflns.R_free_details                   ? 
_reflns.Rmerge_F_all                     ? 
_reflns.Rmerge_F_obs                     ? 
_reflns.Friedel_coverage                 ? 
_reflns.number_gt                        ? 
_reflns.threshold_expression             ? 
_reflns.pdbx_redundancy                  4.300 
_reflns.pdbx_Rmerge_I_obs                0.06 
_reflns.pdbx_Rmerge_I_all                ? 
_reflns.pdbx_Rsym_value                  ? 
_reflns.pdbx_netI_over_av_sigmaI         ? 
_reflns.pdbx_netI_over_sigmaI            13.900 
_reflns.pdbx_res_netI_over_av_sigmaI_2   ? 
_reflns.pdbx_res_netI_over_sigmaI_2      ? 
_reflns.pdbx_chi_squared                 ? 
_reflns.pdbx_scaling_rejects             ? 
_reflns.pdbx_d_res_high_opt              ? 
_reflns.pdbx_d_res_low_opt               ? 
_reflns.pdbx_d_res_opt_method            ? 
_reflns.phase_calculation_details        ? 
_reflns.pdbx_Rrim_I_all                  0.079 
_reflns.pdbx_Rpim_I_all                  0.051 
_reflns.pdbx_d_opt                       ? 
_reflns.pdbx_number_measured_all         ? 
_reflns.pdbx_diffrn_id                   1 
_reflns.pdbx_ordinal                     1 
_reflns.pdbx_CC_half                     0.989 
_reflns.pdbx_CC_star                     ? 
_reflns.pdbx_R_split                     ? 
# 
_reflns_shell.d_res_high                  1.75 
_reflns_shell.d_res_low                   1.78 
_reflns_shell.meanI_over_sigI_all         ? 
_reflns_shell.meanI_over_sigI_obs         ? 
_reflns_shell.number_measured_all         ? 
_reflns_shell.number_measured_obs         ? 
_reflns_shell.number_possible             ? 
_reflns_shell.number_unique_all           ? 
_reflns_shell.number_unique_obs           2064 
_reflns_shell.percent_possible_all        99.1 
_reflns_shell.percent_possible_obs        ? 
_reflns_shell.Rmerge_F_all                ? 
_reflns_shell.Rmerge_F_obs                ? 
_reflns_shell.Rmerge_I_all                ? 
_reflns_shell.Rmerge_I_obs                0.307 
_reflns_shell.meanI_over_sigI_gt          ? 
_reflns_shell.meanI_over_uI_all           ? 
_reflns_shell.meanI_over_uI_gt            ? 
_reflns_shell.number_measured_gt          ? 
_reflns_shell.number_unique_gt            ? 
_reflns_shell.percent_possible_gt         ? 
_reflns_shell.Rmerge_F_gt                 ? 
_reflns_shell.Rmerge_I_gt                 ? 
_reflns_shell.pdbx_redundancy             ? 
_reflns_shell.pdbx_Rsym_value             ? 
_reflns_shell.pdbx_chi_squared            ? 
_reflns_shell.pdbx_netI_over_sigmaI_all   ? 
_reflns_shell.pdbx_netI_over_sigmaI_obs   ? 
_reflns_shell.pdbx_Rrim_I_all             0.397 
_reflns_shell.pdbx_Rpim_I_all             0.250 
_reflns_shell.pdbx_rejects                ? 
_reflns_shell.pdbx_ordinal                1 
_reflns_shell.pdbx_diffrn_id              1 
_reflns_shell.pdbx_CC_half                0.944 
_reflns_shell.pdbx_CC_star                ? 
_reflns_shell.pdbx_R_split                ? 
# 
_refine.aniso_B[1][1]                            0.74 
_refine.aniso_B[1][2]                            0.00 
_refine.aniso_B[1][3]                            4.67 
_refine.aniso_B[2][2]                            -3.81 
_refine.aniso_B[2][3]                            0.00 
_refine.aniso_B[3][3]                            -0.97 
_refine.B_iso_max                                ? 
_refine.B_iso_mean                               46.734 
_refine.B_iso_min                                ? 
_refine.correlation_coeff_Fo_to_Fc               0.948 
_refine.correlation_coeff_Fo_to_Fc_free          0.939 
_refine.details                                  'HYDROGENS HAVE BEEN ADDED IN THE RIDING POSITIONS' 
_refine.diff_density_max                         ? 
_refine.diff_density_max_esd                     ? 
_refine.diff_density_min                         ? 
_refine.diff_density_min_esd                     ? 
_refine.diff_density_rms                         ? 
_refine.diff_density_rms_esd                     ? 
_refine.entry_id                                 7BPF 
_refine.pdbx_refine_id                           'X-RAY DIFFRACTION' 
_refine.ls_abs_structure_details                 ? 
_refine.ls_abs_structure_Flack                   ? 
_refine.ls_abs_structure_Flack_esd               ? 
_refine.ls_abs_structure_Rogers                  ? 
_refine.ls_abs_structure_Rogers_esd              ? 
_refine.ls_d_res_high                            1.75 
_refine.ls_d_res_low                             20.00 
_refine.ls_extinction_coef                       ? 
_refine.ls_extinction_coef_esd                   ? 
_refine.ls_extinction_expression                 ? 
_refine.ls_extinction_method                     ? 
_refine.ls_goodness_of_fit_all                   ? 
_refine.ls_goodness_of_fit_all_esd               ? 
_refine.ls_goodness_of_fit_obs                   ? 
_refine.ls_goodness_of_fit_obs_esd               ? 
_refine.ls_hydrogen_treatment                    ? 
_refine.ls_matrix_type                           ? 
_refine.ls_number_constraints                    ? 
_refine.ls_number_parameters                     ? 
_refine.ls_number_reflns_all                     ? 
_refine.ls_number_reflns_obs                     8218 
_refine.ls_number_reflns_R_free                  383 
_refine.ls_number_reflns_R_work                  ? 
_refine.ls_number_restraints                     ? 
_refine.ls_percent_reflns_obs                    98.4 
_refine.ls_percent_reflns_R_free                 4.5 
_refine.ls_R_factor_all                          ? 
_refine.ls_R_factor_obs                          0.270 
_refine.ls_R_factor_R_free                       0.288 
_refine.ls_R_factor_R_free_error                 ? 
_refine.ls_R_factor_R_free_error_details         ? 
_refine.ls_R_factor_R_work                       0.269 
_refine.ls_R_Fsqd_factor_obs                     ? 
_refine.ls_R_I_factor_obs                        ? 
_refine.ls_redundancy_reflns_all                 ? 
_refine.ls_redundancy_reflns_obs                 ? 
_refine.ls_restrained_S_all                      ? 
_refine.ls_restrained_S_obs                      ? 
_refine.ls_shift_over_esd_max                    ? 
_refine.ls_shift_over_esd_mean                   ? 
_refine.ls_structure_factor_coef                 ? 
_refine.ls_weighting_details                     ? 
_refine.ls_weighting_scheme                      ? 
_refine.ls_wR_factor_all                         ? 
_refine.ls_wR_factor_obs                         ? 
_refine.ls_wR_factor_R_free                      ? 
_refine.ls_wR_factor_R_work                      ? 
_refine.occupancy_max                            ? 
_refine.occupancy_min                            ? 
_refine.solvent_model_details                    MASK 
_refine.solvent_model_param_bsol                 ? 
_refine.solvent_model_param_ksol                 ? 
_refine.pdbx_R_complete                          ? 
_refine.ls_R_factor_gt                           ? 
_refine.ls_goodness_of_fit_gt                    ? 
_refine.ls_goodness_of_fit_ref                   ? 
_refine.ls_shift_over_su_max                     ? 
_refine.ls_shift_over_su_max_lt                  ? 
_refine.ls_shift_over_su_mean                    ? 
_refine.ls_shift_over_su_mean_lt                 ? 
_refine.pdbx_ls_sigma_I                          ? 
_refine.pdbx_ls_sigma_F                          ? 
_refine.pdbx_ls_sigma_Fsqd                       ? 
_refine.pdbx_data_cutoff_high_absF               ? 
_refine.pdbx_data_cutoff_high_rms_absF           ? 
_refine.pdbx_data_cutoff_low_absF                ? 
_refine.pdbx_isotropic_thermal_model             ? 
_refine.pdbx_ls_cross_valid_method               THROUGHOUT 
_refine.pdbx_method_to_determine_struct          MAD 
_refine.pdbx_starting_model                      ? 
_refine.pdbx_stereochemistry_target_values       'MAXIMUM LIKELIHOOD' 
_refine.pdbx_R_Free_selection_details            RANDOM 
_refine.pdbx_stereochem_target_val_spec_case     ? 
_refine.pdbx_overall_ESU_R                       0.267 
_refine.pdbx_overall_ESU_R_Free                  0.147 
_refine.pdbx_solvent_vdw_probe_radii             1.20 
_refine.pdbx_solvent_ion_probe_radii             0.80 
_refine.pdbx_solvent_shrinkage_radii             0.80 
_refine.pdbx_real_space_R                        ? 
_refine.pdbx_density_correlation                 ? 
_refine.pdbx_pd_number_of_powder_patterns        ? 
_refine.pdbx_pd_number_of_points                 ? 
_refine.pdbx_pd_meas_number_of_points            ? 
_refine.pdbx_pd_proc_ls_prof_R_factor            ? 
_refine.pdbx_pd_proc_ls_prof_wR_factor           ? 
_refine.pdbx_pd_Marquardt_correlation_coeff      ? 
_refine.pdbx_pd_Fsqrd_R_factor                   ? 
_refine.pdbx_pd_ls_matrix_band_width             ? 
_refine.pdbx_overall_phase_error                 ? 
_refine.pdbx_overall_SU_R_free_Cruickshank_DPI   ? 
_refine.pdbx_overall_SU_R_free_Blow_DPI          ? 
_refine.pdbx_overall_SU_R_Blow_DPI               ? 
_refine.pdbx_TLS_residual_ADP_flag               ? 
_refine.pdbx_diffrn_id                           1 
_refine.overall_SU_B                             12.841 
_refine.overall_SU_ML                            0.173 
_refine.overall_SU_R_Cruickshank_DPI             ? 
_refine.overall_SU_R_free                        ? 
_refine.overall_FOM_free_R_set                   ? 
_refine.overall_FOM_work_R_set                   ? 
_refine.pdbx_average_fsc_overall                 ? 
_refine.pdbx_average_fsc_work                    ? 
_refine.pdbx_average_fsc_free                    ? 
# 
_refine_hist.pdbx_refine_id                   'X-RAY DIFFRACTION' 
_refine_hist.cycle_id                         1 
_refine_hist.details                          ? 
_refine_hist.d_res_high                       1.75 
_refine_hist.d_res_low                        20.00 
_refine_hist.number_atoms_solvent             21 
_refine_hist.number_atoms_total               671 
_refine_hist.number_reflns_all                ? 
_refine_hist.number_reflns_obs                ? 
_refine_hist.number_reflns_R_free             ? 
_refine_hist.number_reflns_R_work             ? 
_refine_hist.R_factor_all                     ? 
_refine_hist.R_factor_obs                     ? 
_refine_hist.R_factor_R_free                  ? 
_refine_hist.R_factor_R_work                  ? 
_refine_hist.pdbx_number_residues_total       ? 
_refine_hist.pdbx_B_iso_mean_ligand           ? 
_refine_hist.pdbx_B_iso_mean_solvent          ? 
_refine_hist.pdbx_number_atoms_protein        0 
_refine_hist.pdbx_number_atoms_nucleic_acid   294 
_refine_hist.pdbx_number_atoms_ligand         356 
_refine_hist.pdbx_number_atoms_lipid          ? 
_refine_hist.pdbx_number_atoms_carb           ? 
_refine_hist.pdbx_pseudo_atom_details         ? 
# 
loop_
_refine_ls_restr.pdbx_refine_id 
_refine_ls_restr.criterion 
_refine_ls_restr.dev_ideal 
_refine_ls_restr.dev_ideal_target 
_refine_ls_restr.number 
_refine_ls_restr.rejects 
_refine_ls_restr.type 
_refine_ls_restr.weight 
_refine_ls_restr.pdbx_restraint_function 
'X-RAY DIFFRACTION' ? 0.007  0.017  706  ? r_bond_refined_d             ? ? 
'X-RAY DIFFRACTION' ? 0.006  0.021  356  ? r_bond_other_d               ? ? 
'X-RAY DIFFRACTION' ? 1.655  2.089  994  ? r_angle_refined_deg          ? ? 
'X-RAY DIFFRACTION' ? 14.460 3.024  810  ? r_angle_other_deg            ? ? 
'X-RAY DIFFRACTION' ? ?      ?      ?    ? r_dihedral_angle_1_deg       ? ? 
'X-RAY DIFFRACTION' ? ?      ?      ?    ? r_dihedral_angle_2_deg       ? ? 
'X-RAY DIFFRACTION' ? ?      ?      ?    ? r_dihedral_angle_3_deg       ? ? 
'X-RAY DIFFRACTION' ? ?      ?      ?    ? r_dihedral_angle_4_deg       ? ? 
'X-RAY DIFFRACTION' ? 0.081  0.200  74   ? r_chiral_restr               ? ? 
'X-RAY DIFFRACTION' ? 0.004  0.020  390  ? r_gen_planes_refined         ? ? 
'X-RAY DIFFRACTION' ? 0.001  0.020  110  ? r_gen_planes_other           ? ? 
'X-RAY DIFFRACTION' ? ?      ?      ?    ? r_nbd_refined                ? ? 
'X-RAY DIFFRACTION' ? ?      ?      ?    ? r_nbd_other                  ? ? 
'X-RAY DIFFRACTION' ? ?      ?      ?    ? r_nbtor_refined              ? ? 
'X-RAY DIFFRACTION' ? ?      ?      ?    ? r_nbtor_other                ? ? 
'X-RAY DIFFRACTION' ? ?      ?      ?    ? r_xyhbond_nbd_refined        ? ? 
'X-RAY DIFFRACTION' ? ?      ?      ?    ? r_xyhbond_nbd_other          ? ? 
'X-RAY DIFFRACTION' ? ?      ?      ?    ? r_metal_ion_refined          ? ? 
'X-RAY DIFFRACTION' ? ?      ?      ?    ? r_metal_ion_other            ? ? 
'X-RAY DIFFRACTION' ? ?      ?      ?    ? r_symmetry_vdw_refined       ? ? 
'X-RAY DIFFRACTION' ? ?      ?      ?    ? r_symmetry_vdw_other         ? ? 
'X-RAY DIFFRACTION' ? ?      ?      ?    ? r_symmetry_hbond_refined     ? ? 
'X-RAY DIFFRACTION' ? ?      ?      ?    ? r_symmetry_hbond_other       ? ? 
'X-RAY DIFFRACTION' ? ?      ?      ?    ? r_symmetry_metal_ion_refined ? ? 
'X-RAY DIFFRACTION' ? ?      ?      ?    ? r_symmetry_metal_ion_other   ? ? 
'X-RAY DIFFRACTION' ? ?      ?      ?    ? r_mcbond_it                  ? ? 
'X-RAY DIFFRACTION' ? ?      ?      ?    ? r_mcbond_other               ? ? 
'X-RAY DIFFRACTION' ? ?      ?      ?    ? r_mcangle_it                 ? ? 
'X-RAY DIFFRACTION' ? ?      ?      ?    ? r_mcangle_other              ? ? 
'X-RAY DIFFRACTION' ? 3.335  4.789  706  ? r_scbond_it                  ? ? 
'X-RAY DIFFRACTION' ? 3.293  4.804  651  ? r_scbond_other               ? ? 
'X-RAY DIFFRACTION' ? ?      ?      ?    ? r_scangle_it                 ? ? 
'X-RAY DIFFRACTION' ? 4.081  7.242  911  ? r_scangle_other              ? ? 
'X-RAY DIFFRACTION' ? 4.938  47.034 1097 ? r_long_range_B_refined       ? ? 
'X-RAY DIFFRACTION' ? 4.937  47.035 1097 ? r_long_range_B_other         ? ? 
'X-RAY DIFFRACTION' ? 1.244  3.000  1062 ? r_rigid_bond_restr           ? ? 
'X-RAY DIFFRACTION' ? ?      ?      ?    ? r_sphericity_free            ? ? 
'X-RAY DIFFRACTION' ? ?      ?      ?    ? r_sphericity_bonded          ? ? 
# 
_refine_ls_shell.pdbx_refine_id                   'X-RAY DIFFRACTION' 
_refine_ls_shell.d_res_high                       1.750 
_refine_ls_shell.d_res_low                        1.795 
_refine_ls_shell.number_reflns_all                ? 
_refine_ls_shell.number_reflns_obs                ? 
_refine_ls_shell.number_reflns_R_free             27 
_refine_ls_shell.number_reflns_R_work             597 
_refine_ls_shell.percent_reflns_obs               99.05 
_refine_ls_shell.percent_reflns_R_free            ? 
_refine_ls_shell.R_factor_all                     ? 
_refine_ls_shell.R_factor_obs                     ? 
_refine_ls_shell.R_factor_R_free                  0.312 
_refine_ls_shell.R_factor_R_free_error            ? 
_refine_ls_shell.R_factor_R_work                  0.297 
_refine_ls_shell.redundancy_reflns_all            ? 
_refine_ls_shell.redundancy_reflns_obs            ? 
_refine_ls_shell.wR_factor_all                    ? 
_refine_ls_shell.wR_factor_obs                    ? 
_refine_ls_shell.wR_factor_R_free                 ? 
_refine_ls_shell.wR_factor_R_work                 ? 
_refine_ls_shell.pdbx_R_complete                  ? 
_refine_ls_shell.pdbx_total_number_of_bins_used   20 
_refine_ls_shell.pdbx_phase_error                 ? 
_refine_ls_shell.pdbx_fsc_work                    ? 
_refine_ls_shell.pdbx_fsc_free                    ? 
# 
_struct.entry_id                     7BPF 
_struct.title                        'Structure of L-threoninol nucleic acid - RNA complex' 
_struct.pdbx_model_details           ? 
_struct.pdbx_formula_weight          ? 
_struct.pdbx_formula_weight_method   ? 
_struct.pdbx_model_type_details      ? 
_struct.pdbx_CASP_flag               N 
# 
_struct_keywords.entry_id        7BPF 
_struct_keywords.text            
'Xeno nucleic acid, artificial nucleic acid, acyclic nucleic acid, L-threnoniol nucleic acid, RNA, RNA-NUCLEIC ACID complex' 
_struct_keywords.pdbx_keywords   'RNA/NUCLEIC ACID' 
# 
loop_
_struct_asym.id 
_struct_asym.pdbx_blank_PDB_chainid_flag 
_struct_asym.pdbx_modified 
_struct_asym.entity_id 
_struct_asym.details 
A N N 1 ? 
B N N 1 ? 
C N N 2 ? 
D N N 2 ? 
E N N 3 ? 
F N N 3 ? 
G N N 3 ? 
H N N 3 ? 
# 
loop_
_struct_ref.id 
_struct_ref.db_name 
_struct_ref.db_code 
_struct_ref.pdbx_db_accession 
_struct_ref.pdbx_db_isoform 
_struct_ref.entity_id 
_struct_ref.pdbx_seq_one_letter_code 
_struct_ref.pdbx_align_begin 
1 PDB 7BPF 7BPF ? 1 ? 1 
2 PDB 7BPF 7BPF ? 2 ? 1 
# 
loop_
_struct_ref_seq.align_id 
_struct_ref_seq.ref_id 
_struct_ref_seq.pdbx_PDB_id_code 
_struct_ref_seq.pdbx_strand_id 
_struct_ref_seq.seq_align_beg 
_struct_ref_seq.pdbx_seq_align_beg_ins_code 
_struct_ref_seq.seq_align_end 
_struct_ref_seq.pdbx_seq_align_end_ins_code 
_struct_ref_seq.pdbx_db_accession 
_struct_ref_seq.db_align_beg 
_struct_ref_seq.pdbx_db_align_beg_ins_code 
_struct_ref_seq.db_align_end 
_struct_ref_seq.pdbx_db_align_end_ins_code 
_struct_ref_seq.pdbx_auth_seq_align_beg 
_struct_ref_seq.pdbx_auth_seq_align_end 
1 1 7BPF A 1 ? 7 ? 7BPF 1   ? 7   ? 1   7   
2 1 7BPF B 1 ? 7 ? 7BPF 1   ? 7   ? 1   7   
3 2 7BPF C 1 ? 8 ? 7BPF 101 ? 108 ? 101 108 
4 2 7BPF D 1 ? 8 ? 7BPF 101 ? 108 ? 101 108 
# 
loop_
_pdbx_struct_assembly.id 
_pdbx_struct_assembly.details 
_pdbx_struct_assembly.method_details 
_pdbx_struct_assembly.oligomeric_details 
_pdbx_struct_assembly.oligomeric_count 
1 author_defined_assembly ? dimeric 2 
2 author_defined_assembly ? dimeric 2 
# 
loop_
_pdbx_struct_assembly_gen.assembly_id 
_pdbx_struct_assembly_gen.oper_expression 
_pdbx_struct_assembly_gen.asym_id_list 
1 1 A,C,E,G 
2 1 B,D,F,H 
# 
_pdbx_struct_assembly_auth_evidence.id                     1 
_pdbx_struct_assembly_auth_evidence.assembly_id            1 
_pdbx_struct_assembly_auth_evidence.experimental_support   'mass spectrometry' 
_pdbx_struct_assembly_auth_evidence.details                ? 
# 
_pdbx_struct_oper_list.id                   1 
_pdbx_struct_oper_list.type                 'identity operation' 
_pdbx_struct_oper_list.name                 1_555 
_pdbx_struct_oper_list.symmetry_operation   x,y,z 
_pdbx_struct_oper_list.matrix[1][1]         1.0000000000 
_pdbx_struct_oper_list.matrix[1][2]         0.0000000000 
_pdbx_struct_oper_list.matrix[1][3]         0.0000000000 
_pdbx_struct_oper_list.vector[1]            0.0000000000 
_pdbx_struct_oper_list.matrix[2][1]         0.0000000000 
_pdbx_struct_oper_list.matrix[2][2]         1.0000000000 
_pdbx_struct_oper_list.matrix[2][3]         0.0000000000 
_pdbx_struct_oper_list.vector[2]            0.0000000000 
_pdbx_struct_oper_list.matrix[3][1]         0.0000000000 
_pdbx_struct_oper_list.matrix[3][2]         0.0000000000 
_pdbx_struct_oper_list.matrix[3][3]         1.0000000000 
_pdbx_struct_oper_list.vector[3]            0.0000000000 
# 
loop_
_struct_conn.id 
_struct_conn.conn_type_id 
_struct_conn.pdbx_leaving_atom_flag 
_struct_conn.pdbx_PDB_id 
_struct_conn.ptnr1_label_asym_id 
_struct_conn.ptnr1_label_comp_id 
_struct_conn.ptnr1_label_seq_id 
_struct_conn.ptnr1_label_atom_id 
_struct_conn.pdbx_ptnr1_label_alt_id 
_struct_conn.pdbx_ptnr1_PDB_ins_code 
_struct_conn.pdbx_ptnr1_standard_comp_id 
_struct_conn.ptnr1_symmetry 
_struct_conn.ptnr2_label_asym_id 
_struct_conn.ptnr2_label_comp_id 
_struct_conn.ptnr2_label_seq_id 
_struct_conn.ptnr2_label_atom_id 
_struct_conn.pdbx_ptnr2_label_alt_id 
_struct_conn.pdbx_ptnr2_PDB_ins_code 
_struct_conn.ptnr1_auth_asym_id 
_struct_conn.ptnr1_auth_comp_id 
_struct_conn.ptnr1_auth_seq_id 
_struct_conn.ptnr2_auth_asym_id 
_struct_conn.ptnr2_auth_comp_id 
_struct_conn.ptnr2_auth_seq_id 
_struct_conn.ptnr2_symmetry 
_struct_conn.pdbx_ptnr3_label_atom_id 
_struct_conn.pdbx_ptnr3_label_seq_id 
_struct_conn.pdbx_ptnr3_label_comp_id 
_struct_conn.pdbx_ptnr3_label_asym_id 
_struct_conn.pdbx_ptnr3_label_alt_id 
_struct_conn.pdbx_ptnr3_PDB_ins_code 
_struct_conn.details 
_struct_conn.pdbx_dist_value 
_struct_conn.pdbx_value_order 
_struct_conn.pdbx_role 
covale1  covale both ? A C   5 "O3'" ? ? ? 1_555 A 5BU 6 P     ? ? A C   5   A 5BU 6   1_555 ? ? ? ? ? ? ? 1.598 ? ? 
covale2  covale both ? A 5BU 6 "O3'" ? ? ? 1_555 A G   7 P     ? ? A 5BU 6   A G   7   1_555 ? ? ? ? ? ? ? 1.591 ? ? 
covale3  covale both ? B C   5 "O3'" ? ? ? 1_555 B 5BU 6 P     ? ? B C   5   B 5BU 6   1_555 ? ? ? ? ? ? ? 1.592 ? ? 
covale4  covale both ? B 5BU 6 "O3'" ? ? ? 1_555 B G   7 P     ? ? B 5BU 6   B G   7   1_555 ? ? ? ? ? ? ? 1.599 ? ? 
covale5  covale both ? C F6X 1 P     ? ? ? 1_555 C F73 2 "O1'" ? ? C F6X 101 C F73 102 1_555 ? ? ? ? ? ? ? 1.508 ? ? 
covale6  covale both ? C F73 2 P     ? ? ? 1_555 C F6U 3 "O1'" ? ? C F73 102 C F6U 103 1_555 ? ? ? ? ? ? ? 1.513 ? ? 
covale7  covale both ? C F6U 3 P     ? ? ? 1_555 C F6X 4 "O1'" ? ? C F6U 103 C F6X 104 1_555 ? ? ? ? ? ? ? 1.519 ? ? 
covale8  covale both ? C F6X 4 P     ? ? ? 1_555 C F73 5 "O1'" ? ? C F6X 104 C F73 105 1_555 ? ? ? ? ? ? ? 1.519 ? ? 
covale9  covale both ? C F73 5 P     ? ? ? 1_555 C F6U 6 "O1'" ? ? C F73 105 C F6U 106 1_555 ? ? ? ? ? ? ? 1.520 ? ? 
covale10 covale both ? C F6U 6 P     ? ? ? 1_555 C F6X 7 "O1'" ? ? C F6U 106 C F6X 107 1_555 ? ? ? ? ? ? ? 1.524 ? ? 
covale11 covale one  ? C F6X 7 P     ? ? ? 1_555 C GT3 8 "O1'" ? ? C F6X 107 C GT3 108 1_555 ? ? ? ? ? ? ? 1.526 ? ? 
covale12 covale both ? D F6X 1 P     ? ? ? 1_555 D F73 2 "O1'" ? ? D F6X 101 D F73 102 1_555 ? ? ? ? ? ? ? 1.523 ? ? 
covale13 covale both ? D F73 2 P     ? ? ? 1_555 D F6U 3 "O1'" ? ? D F73 102 D F6U 103 1_555 ? ? ? ? ? ? ? 1.521 ? ? 
covale14 covale both ? D F6U 3 P     ? ? ? 1_555 D F6X 4 "O1'" ? ? D F6U 103 D F6X 104 1_555 ? ? ? ? ? ? ? 1.518 ? ? 
covale15 covale both ? D F6X 4 P     ? ? ? 1_555 D F73 5 "O1'" ? ? D F6X 104 D F73 105 1_555 ? ? ? ? ? ? ? 1.517 ? ? 
covale16 covale both ? D F73 5 P     ? ? ? 1_555 D F6U 6 "O1'" ? ? D F73 105 D F6U 106 1_555 ? ? ? ? ? ? ? 1.521 ? ? 
covale17 covale both ? D F6U 6 P     ? ? ? 1_555 D F6X 7 "O1'" ? ? D F6U 106 D F6X 107 1_555 ? ? ? ? ? ? ? 1.517 ? ? 
covale18 covale one  ? D F6X 7 P     ? ? ? 1_555 D GT3 8 "O1'" ? ? D F6X 107 D GT3 108 1_555 ? ? ? ? ? ? ? 1.523 ? ? 
# 
_struct_conn_type.id          covale 
_struct_conn_type.criteria    ? 
_struct_conn_type.reference   ? 
# 
_pdbx_validate_close_contact.id               1 
_pdbx_validate_close_contact.PDB_model_num    1 
_pdbx_validate_close_contact.auth_atom_id_1   "O2'" 
_pdbx_validate_close_contact.auth_asym_id_1   A 
_pdbx_validate_close_contact.auth_comp_id_1   G 
_pdbx_validate_close_contact.auth_seq_id_1    7 
_pdbx_validate_close_contact.PDB_ins_code_1   ? 
_pdbx_validate_close_contact.label_alt_id_1   ? 
_pdbx_validate_close_contact.auth_atom_id_2   "O2'" 
_pdbx_validate_close_contact.auth_asym_id_2   B 
_pdbx_validate_close_contact.auth_comp_id_2   G 
_pdbx_validate_close_contact.auth_seq_id_2    7 
_pdbx_validate_close_contact.PDB_ins_code_2   ? 
_pdbx_validate_close_contact.label_alt_id_2   ? 
_pdbx_validate_close_contact.dist             2.07 
# 
_pdbx_struct_special_symmetry.id              1 
_pdbx_struct_special_symmetry.PDB_model_num   1 
_pdbx_struct_special_symmetry.auth_asym_id    C 
_pdbx_struct_special_symmetry.auth_comp_id    HOH 
_pdbx_struct_special_symmetry.auth_seq_id     201 
_pdbx_struct_special_symmetry.PDB_ins_code    ? 
_pdbx_struct_special_symmetry.label_asym_id   G 
_pdbx_struct_special_symmetry.label_comp_id   HOH 
_pdbx_struct_special_symmetry.label_seq_id    . 
# 
_pdbx_entry_details.entry_id                 7BPF 
_pdbx_entry_details.nonpolymer_details       ? 
_pdbx_entry_details.sequence_details         ? 
_pdbx_entry_details.compound_details         ? 
_pdbx_entry_details.source_details           ? 
_pdbx_entry_details.has_ligand_of_interest   N 
# 
loop_
_chem_comp_atom.comp_id 
_chem_comp_atom.atom_id 
_chem_comp_atom.type_symbol 
_chem_comp_atom.pdbx_aromatic_flag 
_chem_comp_atom.pdbx_stereo_config 
_chem_comp_atom.pdbx_ordinal 
5BU P      P  N N 1   
5BU OP1    O  N N 2   
5BU OP2    O  N N 3   
5BU OP3    O  N N 4   
5BU "O5'"  O  N N 5   
5BU "C5'"  C  N N 6   
5BU "C4'"  C  N R 7   
5BU "O4'"  O  N N 8   
5BU "C3'"  C  N S 9   
5BU "O3'"  O  N N 10  
5BU "C2'"  C  N R 11  
5BU "O2'"  O  N N 12  
5BU "C1'"  C  N R 13  
5BU N1     N  N N 14  
5BU C2     C  N N 15  
5BU O2     O  N N 16  
5BU N3     N  N N 17  
5BU C4     C  N N 18  
5BU O4     O  N N 19  
5BU C5     C  N N 20  
5BU C6     C  N N 21  
5BU BR     BR N N 22  
5BU HOP2   H  N N 23  
5BU HOP3   H  N N 24  
5BU "H5'"  H  N N 25  
5BU "H5''" H  N N 26  
5BU "H4'"  H  N N 27  
5BU "H3'"  H  N N 28  
5BU "HO3'" H  N N 29  
5BU "H2'"  H  N N 30  
5BU "HO2'" H  N N 31  
5BU "H1'"  H  N N 32  
5BU H3     H  N N 33  
5BU H6     H  N N 34  
C   OP3    O  N N 35  
C   P      P  N N 36  
C   OP1    O  N N 37  
C   OP2    O  N N 38  
C   "O5'"  O  N N 39  
C   "C5'"  C  N N 40  
C   "C4'"  C  N R 41  
C   "O4'"  O  N N 42  
C   "C3'"  C  N S 43  
C   "O3'"  O  N N 44  
C   "C2'"  C  N R 45  
C   "O2'"  O  N N 46  
C   "C1'"  C  N R 47  
C   N1     N  N N 48  
C   C2     C  N N 49  
C   O2     O  N N 50  
C   N3     N  N N 51  
C   C4     C  N N 52  
C   N4     N  N N 53  
C   C5     C  N N 54  
C   C6     C  N N 55  
C   HOP3   H  N N 56  
C   HOP2   H  N N 57  
C   "H5'"  H  N N 58  
C   "H5''" H  N N 59  
C   "H4'"  H  N N 60  
C   "H3'"  H  N N 61  
C   "HO3'" H  N N 62  
C   "H2'"  H  N N 63  
C   "HO2'" H  N N 64  
C   "H1'"  H  N N 65  
C   H41    H  N N 66  
C   H42    H  N N 67  
C   H5     H  N N 68  
C   H6     H  N N 69  
F6U N1     N  Y N 70  
F6U C2     C  Y N 71  
F6U N3     N  Y N 72  
F6U C4     C  Y N 73  
F6U OP1    O  N N 74  
F6U P      P  N N 75  
F6U OP2    O  N N 76  
F6U "O3'"  O  N N 77  
F6U "C3'"  C  N R 78  
F6U C3A    C  N N 79  
F6U "C2'"  C  N R 80  
F6U "C1'"  C  N N 81  
F6U "O1'"  O  N N 82  
F6U "N2'"  N  N N 83  
F6U C2A    C  N N 84  
F6U O2A    O  N N 85  
F6U C2B    C  N N 86  
F6U N9     N  Y N 87  
F6U C8     C  Y N 88  
F6U N7     N  Y N 89  
F6U C5     C  Y N 90  
F6U C6     C  Y N 91  
F6U N6     N  N N 92  
F6U H1     H  N N 93  
F6U HOP2   H  N N 94  
F6U H4     H  N N 95  
F6U H5     H  N N 96  
F6U H6     H  N N 97  
F6U H7     H  N N 98  
F6U H8     H  N N 99  
F6U H9     H  N N 100 
F6U H10    H  N N 101 
F6U H11    H  N N 102 
F6U H12    H  N N 103 
F6U H13    H  N N 104 
F6U H14    H  N N 105 
F6U H15    H  N N 106 
F6U H16    H  N N 107 
F6U H17    H  N N 108 
F6U OP3    O  N N 109 
F6U HOP3   H  N N 110 
F6X "C1'"  C  N N 111 
F6X N1     N  N N 112 
F6X C6     C  N N 113 
F6X C5     C  N N 114 
F6X C4     C  N N 115 
F6X N3     N  N N 116 
F6X C2     C  N N 117 
F6X O2     O  N N 118 
F6X N4     N  N N 119 
F6X "C2'"  C  N R 120 
F6X "C3'"  C  N R 121 
F6X "O3'"  O  N N 122 
F6X OP1    O  N N 123 
F6X P      P  N N 124 
F6X OP2    O  N N 125 
F6X C3A    C  N N 126 
F6X "O1'"  O  N N 127 
F6X "N2'"  N  N N 128 
F6X C2A    C  N N 129 
F6X O2A    O  N N 130 
F6X C2B    C  N N 131 
F6X H1     H  N N 132 
F6X H2     H  N N 133 
F6X H3     H  N N 134 
F6X H4     H  N N 135 
F6X H5     H  N N 136 
F6X H6     H  N N 137 
F6X H7     H  N N 138 
F6X H8     H  N N 139 
F6X HOP2   H  N N 140 
F6X H11    H  N N 141 
F6X H12    H  N N 142 
F6X H13    H  N N 143 
F6X H14    H  N N 144 
F6X H15    H  N N 145 
F6X H16    H  N N 146 
F6X H17    H  N N 147 
F6X OP3    O  N N 148 
F6X HOP3   H  N N 149 
F73 O2A    O  N N 150 
F73 "C3'"  C  N R 151 
F73 "O3'"  O  N N 152 
F73 "C2'"  C  N R 153 
F73 "C1'"  C  N N 154 
F73 N9     N  Y N 155 
F73 C8     C  Y N 156 
F73 N7     N  Y N 157 
F73 C5     C  Y N 158 
F73 C6     C  N N 159 
F73 O6     O  N N 160 
F73 N1     N  N N 161 
F73 C2     C  N N 162 
F73 N2     N  N N 163 
F73 N3     N  N N 164 
F73 C4     C  Y N 165 
F73 OP2    O  N N 166 
F73 P      P  N N 167 
F73 OP1    O  N N 168 
F73 C3A    C  N N 169 
F73 "O1'"  O  N N 170 
F73 "N2'"  N  N N 171 
F73 C2A    C  N N 172 
F73 C2B    C  N N 173 
F73 H1     H  N N 174 
F73 H2     H  N N 175 
F73 H3     H  N N 176 
F73 H4     H  N N 177 
F73 H5     H  N N 178 
F73 H6     H  N N 179 
F73 H7     H  N N 180 
F73 H8     H  N N 181 
F73 HOP2   H  N N 182 
F73 H11    H  N N 183 
F73 H12    H  N N 184 
F73 H13    H  N N 185 
F73 H14    H  N N 186 
F73 H15    H  N N 187 
F73 H16    H  N N 188 
F73 H17    H  N N 189 
F73 OP3    O  N N 190 
F73 HOP3   H  N N 191 
G   OP3    O  N N 192 
G   P      P  N N 193 
G   OP1    O  N N 194 
G   OP2    O  N N 195 
G   "O5'"  O  N N 196 
G   "C5'"  C  N N 197 
G   "C4'"  C  N R 198 
G   "O4'"  O  N N 199 
G   "C3'"  C  N S 200 
G   "O3'"  O  N N 201 
G   "C2'"  C  N R 202 
G   "O2'"  O  N N 203 
G   "C1'"  C  N R 204 
G   N9     N  Y N 205 
G   C8     C  Y N 206 
G   N7     N  Y N 207 
G   C5     C  Y N 208 
G   C6     C  N N 209 
G   O6     O  N N 210 
G   N1     N  N N 211 
G   C2     C  N N 212 
G   N2     N  N N 213 
G   N3     N  N N 214 
G   C4     C  Y N 215 
G   HOP3   H  N N 216 
G   HOP2   H  N N 217 
G   "H5'"  H  N N 218 
G   "H5''" H  N N 219 
G   "H4'"  H  N N 220 
G   "H3'"  H  N N 221 
G   "HO3'" H  N N 222 
G   "H2'"  H  N N 223 
G   "HO2'" H  N N 224 
G   "H1'"  H  N N 225 
G   H8     H  N N 226 
G   H1     H  N N 227 
G   H21    H  N N 228 
G   H22    H  N N 229 
GT3 O6     O  N N 230 
GT3 C6     C  N N 231 
GT3 N1     N  N N 232 
GT3 C2     C  N N 233 
GT3 N2     N  N N 234 
GT3 N3     N  N N 235 
GT3 C4     C  Y N 236 
GT3 C5     C  Y N 237 
GT3 N7     N  Y N 238 
GT3 C8     C  Y N 239 
GT3 N9     N  Y N 240 
GT3 C2B    C  N N 241 
GT3 C2A    C  N N 242 
GT3 O2A    O  N N 243 
GT3 "N2'"  N  N N 244 
GT3 "C2'"  C  N R 245 
GT3 "C3'"  C  N R 246 
GT3 C3A    C  N N 247 
GT3 "O3'"  O  N N 248 
GT3 "C1'"  C  N N 249 
GT3 "O1'"  O  N N 250 
GT3 H1     H  N N 251 
GT3 H2     H  N N 252 
GT3 H3     H  N N 253 
GT3 H4     H  N N 254 
GT3 H5     H  N N 255 
GT3 H6     H  N N 256 
GT3 H7     H  N N 257 
GT3 H8     H  N N 258 
GT3 H9     H  N N 259 
GT3 H10    H  N N 260 
GT3 H11    H  N N 261 
GT3 H12    H  N N 262 
GT3 H13    H  N N 263 
GT3 H14    H  N N 264 
GT3 H15    H  N N 265 
GT3 H16    H  N N 266 
HOH O      O  N N 267 
HOH H1     H  N N 268 
HOH H2     H  N N 269 
U   OP3    O  N N 270 
U   P      P  N N 271 
U   OP1    O  N N 272 
U   OP2    O  N N 273 
U   "O5'"  O  N N 274 
U   "C5'"  C  N N 275 
U   "C4'"  C  N R 276 
U   "O4'"  O  N N 277 
U   "C3'"  C  N S 278 
U   "O3'"  O  N N 279 
U   "C2'"  C  N R 280 
U   "O2'"  O  N N 281 
U   "C1'"  C  N R 282 
U   N1     N  N N 283 
U   C2     C  N N 284 
U   O2     O  N N 285 
U   N3     N  N N 286 
U   C4     C  N N 287 
U   O4     O  N N 288 
U   C5     C  N N 289 
U   C6     C  N N 290 
U   HOP3   H  N N 291 
U   HOP2   H  N N 292 
U   "H5'"  H  N N 293 
U   "H5''" H  N N 294 
U   "H4'"  H  N N 295 
U   "H3'"  H  N N 296 
U   "HO3'" H  N N 297 
U   "H2'"  H  N N 298 
U   "HO2'" H  N N 299 
U   "H1'"  H  N N 300 
U   H3     H  N N 301 
U   H5     H  N N 302 
U   H6     H  N N 303 
# 
loop_
_chem_comp_bond.comp_id 
_chem_comp_bond.atom_id_1 
_chem_comp_bond.atom_id_2 
_chem_comp_bond.value_order 
_chem_comp_bond.pdbx_aromatic_flag 
_chem_comp_bond.pdbx_stereo_config 
_chem_comp_bond.pdbx_ordinal 
5BU P     OP1    doub N N 1   
5BU P     OP2    sing N N 2   
5BU P     OP3    sing N N 3   
5BU P     "O5'"  sing N N 4   
5BU OP2   HOP2   sing N N 5   
5BU OP3   HOP3   sing N N 6   
5BU "O5'" "C5'"  sing N N 7   
5BU "C5'" "C4'"  sing N N 8   
5BU "C5'" "H5'"  sing N N 9   
5BU "C5'" "H5''" sing N N 10  
5BU "C4'" "O4'"  sing N N 11  
5BU "C4'" "C3'"  sing N N 12  
5BU "C4'" "H4'"  sing N N 13  
5BU "O4'" "C1'"  sing N N 14  
5BU "C3'" "O3'"  sing N N 15  
5BU "C3'" "C2'"  sing N N 16  
5BU "C3'" "H3'"  sing N N 17  
5BU "O3'" "HO3'" sing N N 18  
5BU "C2'" "O2'"  sing N N 19  
5BU "C2'" "C1'"  sing N N 20  
5BU "C2'" "H2'"  sing N N 21  
5BU "O2'" "HO2'" sing N N 22  
5BU "C1'" N1     sing N N 23  
5BU "C1'" "H1'"  sing N N 24  
5BU N1    C2     sing N N 25  
5BU N1    C6     sing N N 26  
5BU C2    O2     doub N N 27  
5BU C2    N3     sing N N 28  
5BU N3    C4     sing N N 29  
5BU N3    H3     sing N N 30  
5BU C4    O4     doub N N 31  
5BU C4    C5     sing N N 32  
5BU C5    C6     doub N N 33  
5BU C5    BR     sing N N 34  
5BU C6    H6     sing N N 35  
C   OP3   P      sing N N 36  
C   OP3   HOP3   sing N N 37  
C   P     OP1    doub N N 38  
C   P     OP2    sing N N 39  
C   P     "O5'"  sing N N 40  
C   OP2   HOP2   sing N N 41  
C   "O5'" "C5'"  sing N N 42  
C   "C5'" "C4'"  sing N N 43  
C   "C5'" "H5'"  sing N N 44  
C   "C5'" "H5''" sing N N 45  
C   "C4'" "O4'"  sing N N 46  
C   "C4'" "C3'"  sing N N 47  
C   "C4'" "H4'"  sing N N 48  
C   "O4'" "C1'"  sing N N 49  
C   "C3'" "O3'"  sing N N 50  
C   "C3'" "C2'"  sing N N 51  
C   "C3'" "H3'"  sing N N 52  
C   "O3'" "HO3'" sing N N 53  
C   "C2'" "O2'"  sing N N 54  
C   "C2'" "C1'"  sing N N 55  
C   "C2'" "H2'"  sing N N 56  
C   "O2'" "HO2'" sing N N 57  
C   "C1'" N1     sing N N 58  
C   "C1'" "H1'"  sing N N 59  
C   N1    C2     sing N N 60  
C   N1    C6     sing N N 61  
C   C2    O2     doub N N 62  
C   C2    N3     sing N N 63  
C   N3    C4     doub N N 64  
C   C4    N4     sing N N 65  
C   C4    C5     sing N N 66  
C   N4    H41    sing N N 67  
C   N4    H42    sing N N 68  
C   C5    C6     doub N N 69  
C   C5    H5     sing N N 70  
C   C6    H6     sing N N 71  
F6U OP2   P      sing N N 72  
F6U P     OP1    doub N N 73  
F6U P     "O3'"  sing N N 74  
F6U "O3'" "C3'"  sing N N 75  
F6U "C3'" C3A    sing N N 76  
F6U "C3'" "C2'"  sing N N 77  
F6U "C1'" "O1'"  sing N N 78  
F6U "C1'" "C2'"  sing N N 79  
F6U "N2'" "C2'"  sing N N 80  
F6U "N2'" C2A    sing N N 81  
F6U C2B   C2A    sing N N 82  
F6U C2B   N9     sing N N 83  
F6U C2A   O2A    doub N N 84  
F6U N9    C8     sing Y N 85  
F6U N9    C4     sing Y N 86  
F6U C8    N7     doub Y N 87  
F6U C4    N3     sing Y N 88  
F6U C4    C5     doub Y N 89  
F6U N7    C5     sing Y N 90  
F6U N3    C2     doub Y N 91  
F6U C5    C6     sing Y N 92  
F6U C2    N1     sing Y N 93  
F6U C6    N1     doub Y N 94  
F6U C6    N6     sing N N 95  
F6U C2    H1     sing N N 96  
F6U OP2   HOP2   sing N N 97  
F6U "C3'" H4     sing N N 98  
F6U C3A   H5     sing N N 99  
F6U C3A   H6     sing N N 100 
F6U C3A   H7     sing N N 101 
F6U "C2'" H8     sing N N 102 
F6U "C1'" H9     sing N N 103 
F6U "C1'" H10    sing N N 104 
F6U "O1'" H11    sing N N 105 
F6U "N2'" H12    sing N N 106 
F6U C2B   H13    sing N N 107 
F6U C2B   H14    sing N N 108 
F6U C8    H15    sing N N 109 
F6U N6    H16    sing N N 110 
F6U N6    H17    sing N N 111 
F6U P     OP3    sing N N 112 
F6U OP3   HOP3   sing N N 113 
F6X OP2   P      sing N N 114 
F6X OP1   P      doub N N 115 
F6X P     "O3'"  sing N N 116 
F6X C3A   "C3'"  sing N N 117 
F6X "O3'" "C3'"  sing N N 118 
F6X C5    C6     doub N N 119 
F6X C5    C4     sing N N 120 
F6X C6    N1     sing N N 121 
F6X "C3'" "C2'"  sing N N 122 
F6X C2B   N1     sing N N 123 
F6X C2B   C2A    sing N N 124 
F6X "N2'" "C2'"  sing N N 125 
F6X "N2'" C2A    sing N N 126 
F6X N1    C2     sing N N 127 
F6X C4    N4     sing N N 128 
F6X C4    N3     doub N N 129 
F6X "C2'" "C1'"  sing N N 130 
F6X C2A   O2A    doub N N 131 
F6X C2    N3     sing N N 132 
F6X C2    O2     doub N N 133 
F6X "C1'" "O1'"  sing N N 134 
F6X "C1'" H1     sing N N 135 
F6X "C1'" H2     sing N N 136 
F6X C6    H3     sing N N 137 
F6X C5    H4     sing N N 138 
F6X N4    H5     sing N N 139 
F6X N4    H6     sing N N 140 
F6X "C2'" H7     sing N N 141 
F6X "C3'" H8     sing N N 142 
F6X OP2   HOP2   sing N N 143 
F6X C3A   H11    sing N N 144 
F6X C3A   H12    sing N N 145 
F6X C3A   H13    sing N N 146 
F6X "O1'" H14    sing N N 147 
F6X "N2'" H15    sing N N 148 
F6X C2B   H16    sing N N 149 
F6X C2B   H17    sing N N 150 
F6X P     OP3    sing N N 151 
F6X OP3   HOP3   sing N N 152 
F73 OP2   P      sing N N 153 
F73 P     OP1    doub N N 154 
F73 P     "O3'"  sing N N 155 
F73 "O3'" "C3'"  sing N N 156 
F73 C3A   "C3'"  sing N N 157 
F73 "C3'" "C2'"  sing N N 158 
F73 "N2'" "C2'"  sing N N 159 
F73 "N2'" C2A    sing N N 160 
F73 "C2'" "C1'"  sing N N 161 
F73 C2B   C2A    sing N N 162 
F73 C2B   N9     sing N N 163 
F73 "C1'" "O1'"  sing N N 164 
F73 C8    N9     sing Y N 165 
F73 C8    N7     doub Y N 166 
F73 C2A   O2A    doub N N 167 
F73 N9    C4     sing Y N 168 
F73 N7    C5     sing Y N 169 
F73 C4    C5     doub Y N 170 
F73 C4    N3     sing N N 171 
F73 C5    C6     sing N N 172 
F73 N3    C2     doub N N 173 
F73 C6    O6     doub N N 174 
F73 C6    N1     sing N N 175 
F73 C2    N1     sing N N 176 
F73 C2    N2     sing N N 177 
F73 "C3'" H1     sing N N 178 
F73 "C2'" H2     sing N N 179 
F73 "C1'" H3     sing N N 180 
F73 "C1'" H4     sing N N 181 
F73 C8    H5     sing N N 182 
F73 N1    H6     sing N N 183 
F73 N2    H7     sing N N 184 
F73 N2    H8     sing N N 185 
F73 OP2   HOP2   sing N N 186 
F73 C3A   H11    sing N N 187 
F73 C3A   H12    sing N N 188 
F73 C3A   H13    sing N N 189 
F73 "O1'" H14    sing N N 190 
F73 "N2'" H15    sing N N 191 
F73 C2B   H16    sing N N 192 
F73 C2B   H17    sing N N 193 
F73 P     OP3    sing N N 194 
F73 OP3   HOP3   sing N N 195 
G   OP3   P      sing N N 196 
G   OP3   HOP3   sing N N 197 
G   P     OP1    doub N N 198 
G   P     OP2    sing N N 199 
G   P     "O5'"  sing N N 200 
G   OP2   HOP2   sing N N 201 
G   "O5'" "C5'"  sing N N 202 
G   "C5'" "C4'"  sing N N 203 
G   "C5'" "H5'"  sing N N 204 
G   "C5'" "H5''" sing N N 205 
G   "C4'" "O4'"  sing N N 206 
G   "C4'" "C3'"  sing N N 207 
G   "C4'" "H4'"  sing N N 208 
G   "O4'" "C1'"  sing N N 209 
G   "C3'" "O3'"  sing N N 210 
G   "C3'" "C2'"  sing N N 211 
G   "C3'" "H3'"  sing N N 212 
G   "O3'" "HO3'" sing N N 213 
G   "C2'" "O2'"  sing N N 214 
G   "C2'" "C1'"  sing N N 215 
G   "C2'" "H2'"  sing N N 216 
G   "O2'" "HO2'" sing N N 217 
G   "C1'" N9     sing N N 218 
G   "C1'" "H1'"  sing N N 219 
G   N9    C8     sing Y N 220 
G   N9    C4     sing Y N 221 
G   C8    N7     doub Y N 222 
G   C8    H8     sing N N 223 
G   N7    C5     sing Y N 224 
G   C5    C6     sing N N 225 
G   C5    C4     doub Y N 226 
G   C6    O6     doub N N 227 
G   C6    N1     sing N N 228 
G   N1    C2     sing N N 229 
G   N1    H1     sing N N 230 
G   C2    N2     sing N N 231 
G   C2    N3     doub N N 232 
G   N2    H21    sing N N 233 
G   N2    H22    sing N N 234 
G   N3    C4     sing N N 235 
GT3 N2    C2     sing N N 236 
GT3 "O1'" "C1'"  sing N N 237 
GT3 "C1'" "C2'"  sing N N 238 
GT3 C2    N3     doub N N 239 
GT3 C2    N1     sing N N 240 
GT3 N3    C4     sing N N 241 
GT3 N1    C6     sing N N 242 
GT3 "N2'" "C2'"  sing N N 243 
GT3 "N2'" C2A    sing N N 244 
GT3 "C2'" "C3'"  sing N N 245 
GT3 C4    N9     sing Y N 246 
GT3 C4    C5     doub Y N 247 
GT3 C2B   C2A    sing N N 248 
GT3 C2B   N9     sing N N 249 
GT3 C2A   O2A    doub N N 250 
GT3 C6    C5     sing N N 251 
GT3 C6    O6     doub N N 252 
GT3 N9    C8     sing Y N 253 
GT3 C5    N7     sing Y N 254 
GT3 "C3'" "O3'"  sing N N 255 
GT3 "C3'" C3A    sing N N 256 
GT3 C8    N7     doub Y N 257 
GT3 N1    H1     sing N N 258 
GT3 N2    H2     sing N N 259 
GT3 N2    H3     sing N N 260 
GT3 C8    H4     sing N N 261 
GT3 C2B   H5     sing N N 262 
GT3 C2B   H6     sing N N 263 
GT3 "N2'" H7     sing N N 264 
GT3 "C2'" H8     sing N N 265 
GT3 "C3'" H9     sing N N 266 
GT3 C3A   H10    sing N N 267 
GT3 C3A   H11    sing N N 268 
GT3 C3A   H12    sing N N 269 
GT3 "O3'" H13    sing N N 270 
GT3 "C1'" H14    sing N N 271 
GT3 "C1'" H15    sing N N 272 
GT3 "O1'" H16    sing N N 273 
HOH O     H1     sing N N 274 
HOH O     H2     sing N N 275 
U   OP3   P      sing N N 276 
U   OP3   HOP3   sing N N 277 
U   P     OP1    doub N N 278 
U   P     OP2    sing N N 279 
U   P     "O5'"  sing N N 280 
U   OP2   HOP2   sing N N 281 
U   "O5'" "C5'"  sing N N 282 
U   "C5'" "C4'"  sing N N 283 
U   "C5'" "H5'"  sing N N 284 
U   "C5'" "H5''" sing N N 285 
U   "C4'" "O4'"  sing N N 286 
U   "C4'" "C3'"  sing N N 287 
U   "C4'" "H4'"  sing N N 288 
U   "O4'" "C1'"  sing N N 289 
U   "C3'" "O3'"  sing N N 290 
U   "C3'" "C2'"  sing N N 291 
U   "C3'" "H3'"  sing N N 292 
U   "O3'" "HO3'" sing N N 293 
U   "C2'" "O2'"  sing N N 294 
U   "C2'" "C1'"  sing N N 295 
U   "C2'" "H2'"  sing N N 296 
U   "O2'" "HO2'" sing N N 297 
U   "C1'" N1     sing N N 298 
U   "C1'" "H1'"  sing N N 299 
U   N1    C2     sing N N 300 
U   N1    C6     sing N N 301 
U   C2    O2     doub N N 302 
U   C2    N3     sing N N 303 
U   N3    C4     sing N N 304 
U   N3    H3     sing N N 305 
U   C4    O4     doub N N 306 
U   C4    C5     sing N N 307 
U   C5    C6     doub N N 308 
U   C5    H5     sing N N 309 
U   C6    H6     sing N N 310 
# 
_pdbx_audit_support.funding_organization   'Japan Agency for Medical Research and Development (AMED)' 
_pdbx_audit_support.country                Japan 
_pdbx_audit_support.grant_number           ? 
_pdbx_audit_support.ordinal                1 
# 
_atom_sites.entry_id                    7BPF 
_atom_sites.Cartn_transf_matrix[1][1]   ? 
_atom_sites.Cartn_transf_matrix[1][2]   ? 
_atom_sites.Cartn_transf_matrix[1][3]   ? 
_atom_sites.Cartn_transf_matrix[2][1]   ? 
_atom_sites.Cartn_transf_matrix[2][2]   ? 
_atom_sites.Cartn_transf_matrix[2][3]   ? 
_atom_sites.Cartn_transf_matrix[3][1]   ? 
_atom_sites.Cartn_transf_matrix[3][2]   ? 
_atom_sites.Cartn_transf_matrix[3][3]   ? 
_atom_sites.Cartn_transf_vector[1]      ? 
_atom_sites.Cartn_transf_vector[2]      ? 
_atom_sites.Cartn_transf_vector[3]      ? 
_atom_sites.fract_transf_matrix[1][1]   -0.02016366 
_atom_sites.fract_transf_matrix[1][2]   -0.00351835 
_atom_sites.fract_transf_matrix[1][3]   -0.00437637 
_atom_sites.fract_transf_matrix[2][1]   -0.00528296 
_atom_sites.fract_transf_matrix[2][2]   -0.00574228 
_atom_sites.fract_transf_matrix[2][3]   0.02895715 
_atom_sites.fract_transf_matrix[3][1]   -0.01229914 
_atom_sites.fract_transf_matrix[3][2]   0.01639596 
_atom_sites.fract_transf_matrix[3][3]   0.00100750 
_atom_sites.fract_transf_vector[1]      -0.137294 
_atom_sites.fract_transf_vector[2]      -0.483661 
_atom_sites.fract_transf_vector[3]      0.001192 
_atom_sites.solution_primary            ? 
_atom_sites.solution_secondary          ? 
_atom_sites.solution_hydrogens          ? 
_atom_sites.special_details             ? 
# 
loop_
_atom_type.symbol 
_atom_type.pdbx_scat_Z 
_atom_type.pdbx_N_electrons 
_atom_type.scat_Cromer_Mann_a1 
_atom_type.scat_Cromer_Mann_b1 
_atom_type.scat_Cromer_Mann_a2 
_atom_type.scat_Cromer_Mann_b2 
_atom_type.scat_Cromer_Mann_a3 
_atom_type.scat_Cromer_Mann_b3 
_atom_type.scat_Cromer_Mann_a4 
_atom_type.scat_Cromer_Mann_b4 
_atom_type.scat_Cromer_Mann_c 
BR 35 35 17.182 2.172  5.237 16.580 5.639 0.261  3.986 41.433 -0.162  
C  6  6  2.310  20.844 1.020 10.208 1.589 0.569  0.865 51.651 0.216   
H  1  1  0.493  10.511 0.323 26.126 0.140 3.142  0.041 57.800 0.003   
N  7  7  12.222 0.006  3.135 9.893  2.014 28.997 1.167 0.583  -11.538 
O  8  8  3.049  13.277 2.287 5.701  1.546 0.324  0.867 32.909 0.251   
P  15 15 6.435  1.907  4.179 27.157 1.780 0.526  1.491 68.164 1.247   
# 
loop_
_atom_site.group_PDB 
_atom_site.id 
_atom_site.type_symbol 
_atom_site.label_atom_id 
_atom_site.label_alt_id 
_atom_site.label_comp_id 
_atom_site.label_asym_id 
_atom_site.label_entity_id 
_atom_site.label_seq_id 
_atom_site.pdbx_PDB_ins_code 
_atom_site.Cartn_x 
_atom_site.Cartn_y 
_atom_site.Cartn_z 
_atom_site.occupancy 
_atom_site.B_iso_or_equiv 
_atom_site.pdbx_formal_charge 
_atom_site.auth_seq_id 
_atom_site.auth_comp_id 
_atom_site.auth_asym_id 
_atom_site.auth_atom_id 
_atom_site.pdbx_PDB_model_num 
ATOM   1   O  "O5'" . G   A 1 1 ? -5.937  22.446  3.167   1.00 74.41 ? 1   G   A "O5'" 1 
ATOM   2   C  "C5'" . G   A 1 1 ? -6.376  23.787  3.470   1.00 72.51 ? 1   G   A "C5'" 1 
ATOM   3   C  "C4'" . G   A 1 1 ? -6.245  24.695  2.268   1.00 71.76 ? 1   G   A "C4'" 1 
ATOM   4   O  "O4'" . G   A 1 1 ? -5.106  25.582  2.450   1.00 71.54 ? 1   G   A "O4'" 1 
ATOM   5   C  "C3'" . G   A 1 1 ? -6.039  24.017  0.915   1.00 72.06 ? 1   G   A "C3'" 1 
ATOM   6   O  "O3'" . G   A 1 1 ? -7.288  23.794  0.271   1.00 84.03 ? 1   G   A "O3'" 1 
ATOM   7   C  "C2'" . G   A 1 1 ? -5.154  25.014  0.176   1.00 70.36 ? 1   G   A "C2'" 1 
ATOM   8   O  "O2'" . G   A 1 1 ? -5.854  26.080  -0.432  1.00 71.24 ? 1   G   A "O2'" 1 
ATOM   9   C  "C1'" . G   A 1 1 ? -4.268  25.515  1.313   1.00 70.62 ? 1   G   A "C1'" 1 
ATOM   10  N  N9    . G   A 1 1 ? -3.156  24.621  1.622   1.00 67.53 ? 1   G   A N9    1 
ATOM   11  C  C8    . G   A 1 1 ? -2.987  23.871  2.762   1.00 65.57 ? 1   G   A C8    1 
ATOM   12  N  N7    . G   A 1 1 ? -1.889  23.165  2.752   1.00 60.87 ? 1   G   A N7    1 
ATOM   13  C  C5    . G   A 1 1 ? -1.298  23.467  1.533   1.00 62.76 ? 1   G   A C5    1 
ATOM   14  C  C6    . G   A 1 1 ? -0.084  23.007  0.962   1.00 59.61 ? 1   G   A C6    1 
ATOM   15  O  O6    . G   A 1 1 ? 0.737   22.211  1.432   1.00 55.86 ? 1   G   A O6    1 
ATOM   16  N  N1    . G   A 1 1 ? 0.135   23.568  -0.291  1.00 58.71 ? 1   G   A N1    1 
ATOM   17  C  C2    . G   A 1 1 ? -0.701  24.461  -0.915  1.00 60.31 ? 1   G   A C2    1 
ATOM   18  N  N2    . G   A 1 1 ? -0.315  24.889  -2.126  1.00 57.64 ? 1   G   A N2    1 
ATOM   19  N  N3    . G   A 1 1 ? -1.835  24.898  -0.394  1.00 64.05 ? 1   G   A N3    1 
ATOM   20  C  C4    . G   A 1 1 ? -2.070  24.363  0.823   1.00 64.77 ? 1   G   A C4    1 
ATOM   21  P  P     . C   A 1 2 ? -7.444  22.607  -0.792  1.00 85.84 ? 2   C   A P     1 
ATOM   22  O  OP1   . C   A 1 2 ? -8.827  22.658  -1.338  1.00 87.40 ? 2   C   A OP1   1 
ATOM   23  O  OP2   . C   A 1 2 ? -6.946  21.356  -0.162  1.00 82.87 ? 2   C   A OP2   1 
ATOM   24  O  "O5'" . C   A 1 2 ? -6.415  23.021  -1.933  1.00 76.91 ? 2   C   A "O5'" 1 
ATOM   25  C  "C5'" . C   A 1 2 ? -6.848  23.206  -3.288  1.00 73.27 ? 2   C   A "C5'" 1 
ATOM   26  C  "C4'" . C   A 1 2 ? -5.659  23.306  -4.209  1.00 67.31 ? 2   C   A "C4'" 1 
ATOM   27  O  "O4'" . C   A 1 2 ? -4.487  23.779  -3.486  1.00 65.30 ? 2   C   A "O4'" 1 
ATOM   28  C  "C3'" . C   A 1 2 ? -5.184  21.995  -4.806  1.00 65.63 ? 2   C   A "C3'" 1 
ATOM   29  O  "O3'" . C   A 1 2 ? -6.057  21.480  -5.804  1.00 68.12 ? 2   C   A "O3'" 1 
ATOM   30  C  "C2'" . C   A 1 2 ? -3.780  22.369  -5.249  1.00 64.64 ? 2   C   A "C2'" 1 
ATOM   31  O  "O2'" . C   A 1 2 ? -3.733  23.126  -6.443  1.00 65.37 ? 2   C   A "O2'" 1 
ATOM   32  C  "C1'" . C   A 1 2 ? -3.316  23.195  -4.049  1.00 64.30 ? 2   C   A "C1'" 1 
ATOM   33  N  N1    . C   A 1 2 ? -2.650  22.366  -3.024  1.00 56.47 ? 2   C   A N1    1 
ATOM   34  C  C2    . C   A 1 2 ? -1.360  21.891  -3.285  1.00 56.63 ? 2   C   A C2    1 
ATOM   35  O  O2    . C   A 1 2 ? -0.810  22.199  -4.353  1.00 55.14 ? 2   C   A O2    1 
ATOM   36  N  N3    . C   A 1 2 ? -0.741  21.114  -2.364  1.00 53.44 ? 2   C   A N3    1 
ATOM   37  C  C4    . C   A 1 2 ? -1.366  20.803  -1.225  1.00 56.46 ? 2   C   A C4    1 
ATOM   38  N  N4    . C   A 1 2 ? -0.717  20.040  -0.344  1.00 57.74 ? 2   C   A N4    1 
ATOM   39  C  C5    . C   A 1 2 ? -2.685  21.266  -0.939  1.00 56.63 ? 2   C   A C5    1 
ATOM   40  C  C6    . C   A 1 2 ? -3.285  22.032  -1.860  1.00 57.61 ? 2   C   A C6    1 
ATOM   41  P  P     . U   A 1 3 ? -6.325  19.904  -5.876  1.00 71.25 ? 3   U   A P     1 
ATOM   42  O  OP1   . U   A 1 3 ? -7.532  19.676  -6.706  1.00 70.38 ? 3   U   A OP1   1 
ATOM   43  O  OP2   . U   A 1 3 ? -6.270  19.358  -4.495  1.00 67.07 ? 3   U   A OP2   1 
ATOM   44  O  "O5'" . U   A 1 3 ? -5.058  19.373  -6.678  1.00 65.21 ? 3   U   A "O5'" 1 
ATOM   45  C  "C5'" . U   A 1 3 ? -4.616  20.046  -7.868  1.00 65.64 ? 3   U   A "C5'" 1 
ATOM   46  C  "C4'" . U   A 1 3 ? -3.250  19.554  -8.274  1.00 66.20 ? 3   U   A "C4'" 1 
ATOM   47  O  "O4'" . U   A 1 3 ? -2.253  19.985  -7.310  1.00 67.56 ? 3   U   A "O4'" 1 
ATOM   48  C  "C3'" . U   A 1 3 ? -3.066  18.048  -8.314  1.00 64.43 ? 3   U   A "C3'" 1 
ATOM   49  O  "O3'" . U   A 1 3 ? -3.668  17.478  -9.470  1.00 65.68 ? 3   U   A "O3'" 1 
ATOM   50  C  "C2'" . U   A 1 3 ? -1.550  17.936  -8.275  1.00 61.08 ? 3   U   A "C2'" 1 
ATOM   51  O  "O2'" . U   A 1 3 ? -0.938  18.185  -9.524  1.00 59.94 ? 3   U   A "O2'" 1 
ATOM   52  C  "C1'" . U   A 1 3 ? -1.192  19.045  -7.284  1.00 60.41 ? 3   U   A "C1'" 1 
ATOM   53  N  N1    . U   A 1 3 ? -1.014  18.566  -5.904  1.00 53.19 ? 3   U   A N1    1 
ATOM   54  C  C2    . U   A 1 3 ? 0.177   17.936  -5.603  1.00 47.95 ? 3   U   A C2    1 
ATOM   55  O  O2    . U   A 1 3 ? 1.060   17.767  -6.425  1.00 50.45 ? 3   U   A O2    1 
ATOM   56  N  N3    . U   A 1 3 ? 0.295   17.512  -4.303  1.00 47.37 ? 3   U   A N3    1 
ATOM   57  C  C4    . U   A 1 3 ? -0.636  17.647  -3.294  1.00 49.30 ? 3   U   A C4    1 
ATOM   58  O  O4    . U   A 1 3 ? -0.382  17.212  -2.171  1.00 51.37 ? 3   U   A O4    1 
ATOM   59  C  C5    . U   A 1 3 ? -1.844  18.306  -3.684  1.00 51.69 ? 3   U   A C5    1 
ATOM   60  C  C6    . U   A 1 3 ? -1.989  18.733  -4.944  1.00 53.47 ? 3   U   A C6    1 
ATOM   61  P  P     . G   A 1 4 ? -3.995  15.913  -9.514  1.00 69.88 ? 4   G   A P     1 
ATOM   62  O  OP1   . G   A 1 4 ? -4.720  15.631  -10.779 1.00 72.68 ? 4   G   A OP1   1 
ATOM   63  O  OP2   . G   A 1 4 ? -4.605  15.530  -8.215  1.00 65.78 ? 4   G   A OP2   1 
ATOM   64  O  "O5'" . G   A 1 4 ? -2.547  15.256  -9.625  1.00 63.85 ? 4   G   A "O5'" 1 
ATOM   65  C  "C5'" . G   A 1 4 ? -1.811  15.328  -10.860 1.00 61.27 ? 4   G   A "C5'" 1 
ATOM   66  C  "C4'" . G   A 1 4 ? -0.460  14.667  -10.723 1.00 62.15 ? 4   G   A "C4'" 1 
ATOM   67  O  "O4'" . G   A 1 4 ? 0.297   15.278  -9.644  1.00 59.31 ? 4   G   A "O4'" 1 
ATOM   68  C  "C3'" . G   A 1 4 ? -0.459  13.196  -10.345 1.00 62.28 ? 4   G   A "C3'" 1 
ATOM   69  O  "O3'" . G   A 1 4 ? -0.810  12.328  -11.414 1.00 70.03 ? 4   G   A "O3'" 1 
ATOM   70  C  "C2'" . G   A 1 4 ? 0.974   13.012  -9.864  1.00 57.81 ? 4   G   A "C2'" 1 
ATOM   71  O  "O2'" . G   A 1 4 ? 1.931   12.850  -10.891 1.00 57.20 ? 4   G   A "O2'" 1 
ATOM   72  C  "C1'" . G   A 1 4 ? 1.204   14.322  -9.110  1.00 53.49 ? 4   G   A "C1'" 1 
ATOM   73  N  N9    . G   A 1 4 ? 0.948   14.178  -7.682  1.00 48.61 ? 4   G   A N9    1 
ATOM   74  C  C8    . G   A 1 4 ? -0.174  14.570  -6.990  1.00 46.73 ? 4   G   A C8    1 
ATOM   75  N  N7    . G   A 1 4 ? -0.115  14.285  -5.719  1.00 42.70 ? 4   G   A N7    1 
ATOM   76  C  C5    . G   A 1 4 ? 1.115   13.661  -5.561  1.00 45.28 ? 4   G   A C5    1 
ATOM   77  C  C6    . G   A 1 4 ? 1.729   13.126  -4.404  1.00 43.28 ? 4   G   A C6    1 
ATOM   78  O  O6    . G   A 1 4 ? 1.297   13.100  -3.246  1.00 45.48 ? 4   G   A O6    1 
ATOM   79  N  N1    . G   A 1 4 ? 2.977   12.578  -4.691  1.00 41.89 ? 4   G   A N1    1 
ATOM   80  C  C2    . G   A 1 4 ? 3.556   12.545  -5.938  1.00 45.19 ? 4   G   A C2    1 
ATOM   81  N  N2    . G   A 1 4 ? 4.766   11.968  -6.016  1.00 48.22 ? 4   G   A N2    1 
ATOM   82  N  N3    . G   A 1 4 ? 2.988   13.036  -7.028  1.00 47.25 ? 4   G   A N3    1 
ATOM   83  C  C4    . G   A 1 4 ? 1.778   13.577  -6.767  1.00 43.93 ? 4   G   A C4    1 
ATOM   84  P  P     . C   A 1 5 ? -1.302  10.841  -11.096 1.00 69.84 ? 5   C   A P     1 
ATOM   85  O  OP1   . C   A 1 5 ? -1.490  10.135  -12.388 1.00 69.99 ? 5   C   A OP1   1 
ATOM   86  O  OP2   . C   A 1 5 ? -2.417  10.912  -10.114 1.00 73.12 ? 5   C   A OP2   1 
ATOM   87  O  "O5'" . C   A 1 5 ? -0.034  10.188  -10.393 1.00 66.58 ? 5   C   A "O5'" 1 
ATOM   88  C  "C5'" . C   A 1 5 ? 0.781   9.287   -11.151 1.00 58.23 ? 5   C   A "C5'" 1 
ATOM   89  C  "C4'" . C   A 1 5 ? 2.108   9.045   -10.481 1.00 50.94 ? 5   C   A "C4'" 1 
ATOM   90  O  "O4'" . C   A 1 5 ? 2.369   10.000  -9.419  1.00 51.71 ? 5   C   A "O4'" 1 
ATOM   91  C  "C3'" . C   A 1 5 ? 2.238   7.722   -9.763  1.00 48.37 ? 5   C   A "C3'" 1 
ATOM   92  O  "O3'" . C   A 1 5 ? 2.281   6.666   -10.714 1.00 51.13 ? 5   C   A "O3'" 1 
ATOM   93  C  "C2'" . C   A 1 5 ? 3.497   7.974   -8.951  1.00 48.59 ? 5   C   A "C2'" 1 
ATOM   94  O  "O2'" . C   A 1 5 ? 4.656   7.884   -9.754  1.00 51.87 ? 5   C   A "O2'" 1 
ATOM   95  C  "C1'" . C   A 1 5 ? 3.256   9.412   -8.477  1.00 47.39 ? 5   C   A "C1'" 1 
ATOM   96  N  N1    . C   A 1 5 ? 2.653   9.502   -7.130  1.00 45.60 ? 5   C   A N1    1 
ATOM   97  C  C2    . C   A 1 5 ? 3.389   9.032   -6.037  1.00 44.44 ? 5   C   A C2    1 
ATOM   98  O  O2    . C   A 1 5 ? 4.518   8.560   -6.233  1.00 49.87 ? 5   C   A O2    1 
ATOM   99  N  N3    . C   A 1 5 ? 2.855   9.112   -4.796  1.00 41.82 ? 5   C   A N3    1 
ATOM   100 C  C4    . C   A 1 5 ? 1.638   9.634   -4.626  1.00 44.10 ? 5   C   A C4    1 
ATOM   101 N  N4    . C   A 1 5 ? 1.148   9.690   -3.386  1.00 42.71 ? 5   C   A N4    1 
ATOM   102 C  C5    . C   A 1 5 ? 0.868   10.123  -5.723  1.00 41.61 ? 5   C   A C5    1 
ATOM   103 C  C6    . C   A 1 5 ? 1.408   10.037  -6.945  1.00 43.02 ? 5   C   A C6    1 
HETATM 104 P  P     . 5BU A 1 6 ? 1.682   5.229   -10.357 1.00 51.10 ? 6   5BU A P     1 
HETATM 105 O  OP1   . 5BU A 1 6 ? 1.408   4.504   -11.652 1.00 51.19 ? 6   5BU A OP1   1 
HETATM 106 O  OP2   . 5BU A 1 6 ? 0.582   5.407   -9.332  1.00 46.37 ? 6   5BU A OP2   1 
HETATM 107 O  "O5'" . 5BU A 1 6 ? 2.910   4.514   -9.602  1.00 49.09 ? 6   5BU A "O5'" 1 
HETATM 108 C  "C5'" . 5BU A 1 6 ? 4.227   4.501   -10.142 1.00 48.11 ? 6   5BU A "C5'" 1 
HETATM 109 C  "C4'" . 5BU A 1 6 ? 5.211   4.240   -9.015  1.00 47.90 ? 6   5BU A "C4'" 1 
HETATM 110 O  "O4'" . 5BU A 1 6 ? 5.168   5.214   -7.969  1.00 47.08 ? 6   5BU A "O4'" 1 
HETATM 111 C  "C3'" . 5BU A 1 6 ? 4.909   2.937   -8.321  1.00 48.43 ? 6   5BU A "C3'" 1 
HETATM 112 O  "O3'" . 5BU A 1 6 ? 5.409   1.852   -9.094  1.00 53.62 ? 6   5BU A "O3'" 1 
HETATM 113 C  "C2'" . 5BU A 1 6 ? 5.580   3.112   -6.983  1.00 48.25 ? 6   5BU A "C2'" 1 
HETATM 114 O  "O2'" . 5BU A 1 6 ? 6.964   2.773   -7.071  1.00 51.93 ? 6   5BU A "O2'" 1 
HETATM 115 C  "C1'" . 5BU A 1 6 ? 5.421   4.594   -6.696  1.00 47.28 ? 6   5BU A "C1'" 1 
HETATM 116 N  N1    . 5BU A 1 6 ? 4.326   4.848   -5.737  1.00 43.61 ? 6   5BU A N1    1 
HETATM 117 C  C2    . 5BU A 1 6 ? 4.452   4.453   -4.379  1.00 40.13 ? 6   5BU A C2    1 
HETATM 118 O  O2    . 5BU A 1 6 ? 5.483   3.866   -3.974  1.00 40.64 ? 6   5BU A O2    1 
HETATM 119 N  N3    . 5BU A 1 6 ? 3.470   4.687   -3.494  1.00 40.62 ? 6   5BU A N3    1 
HETATM 120 C  C4    . 5BU A 1 6 ? 2.342   5.305   -3.849  1.00 38.49 ? 6   5BU A C4    1 
HETATM 121 O  O4    . 5BU A 1 6 ? 1.432   5.520   -3.020  1.00 39.73 ? 6   5BU A O4    1 
HETATM 122 C  C5    . 5BU A 1 6 ? 2.189   5.735   -5.242  1.00 38.90 ? 6   5BU A C5    1 
HETATM 123 C  C6    . 5BU A 1 6 ? 3.204   5.478   -6.142  1.00 42.03 ? 6   5BU A C6    1 
HETATM 124 BR BR    . 5BU A 1 6 ? 0.601   6.616   -5.767  1.00 44.71 ? 6   5BU A BR    1 
ATOM   125 P  P     . G   A 1 7 ? 4.967   0.363   -8.753  1.00 53.28 ? 7   G   A P     1 
ATOM   126 O  OP1   . G   A 1 7 ? 5.365   -0.508  -9.892  1.00 55.56 ? 7   G   A OP1   1 
ATOM   127 O  OP2   . G   A 1 7 ? 3.551   0.388   -8.294  1.00 57.27 ? 7   G   A OP2   1 
ATOM   128 O  "O5'" . G   A 1 7 ? 5.862   0.024   -7.484  1.00 51.59 ? 7   G   A "O5'" 1 
ATOM   129 C  "C5'" . G   A 1 7 ? 7.251   -0.312  -7.609  1.00 50.86 ? 7   G   A "C5'" 1 
ATOM   130 C  "C4'" . G   A 1 7 ? 7.693   -0.943  -6.320  1.00 50.96 ? 7   G   A "C4'" 1 
ATOM   131 O  "O4'" . G   A 1 7 ? 7.457   0.004   -5.248  1.00 45.35 ? 7   G   A "O4'" 1 
ATOM   132 C  "C3'" . G   A 1 7 ? 6.906   -2.190  -5.939  1.00 52.18 ? 7   G   A "C3'" 1 
ATOM   133 O  "O3'" . G   A 1 7 ? 7.512   -3.367  -6.470  1.00 61.25 ? 7   G   A "O3'" 1 
ATOM   134 C  "C2'" . G   A 1 7 ? 6.956   -2.182  -4.417  1.00 44.72 ? 7   G   A "C2'" 1 
ATOM   135 O  "O2'" . G   A 1 7 ? 8.072   -2.888  -3.922  1.00 57.17 ? 7   G   A "O2'" 1 
ATOM   136 C  "C1'" . G   A 1 7 ? 7.022   -0.685  -4.094  1.00 42.36 ? 7   G   A "C1'" 1 
ATOM   137 N  N9    . G   A 1 7 ? 5.730   -0.148  -3.678  1.00 36.47 ? 7   G   A N9    1 
ATOM   138 C  C8    . G   A 1 7 ? 4.714   0.326   -4.474  1.00 34.59 ? 7   G   A C8    1 
ATOM   139 N  N7    . G   A 1 7 ? 3.667   0.702   -3.793  1.00 32.48 ? 7   G   A N7    1 
ATOM   140 C  C5    . G   A 1 7 ? 4.001   0.436   -2.473  1.00 33.73 ? 7   G   A C5    1 
ATOM   141 C  C6    . G   A 1 7 ? 3.256   0.619   -1.278  1.00 36.92 ? 7   G   A C6    1 
ATOM   142 O  O6    . G   A 1 7 ? 2.109   1.068   -1.145  1.00 38.09 ? 7   G   A O6    1 
ATOM   143 N  N1    . G   A 1 7 ? 3.973   0.204   -0.158  1.00 36.05 ? 7   G   A N1    1 
ATOM   144 C  C2    . G   A 1 7 ? 5.253   -0.305  -0.184  1.00 36.69 ? 7   G   A C2    1 
ATOM   145 N  N2    . G   A 1 7 ? 5.792   -0.643  0.999   1.00 34.49 ? 7   G   A N2    1 
ATOM   146 N  N3    . G   A 1 7 ? 5.949   -0.487  -1.290  1.00 35.14 ? 7   G   A N3    1 
ATOM   147 C  C4    . G   A 1 7 ? 5.269   -0.096  -2.388  1.00 33.60 ? 7   G   A C4    1 
ATOM   148 O  "O5'" . G   B 1 1 ? -21.471 -14.149 9.759   1.00 67.55 ? 1   G   B "O5'" 1 
ATOM   149 C  "C5'" . G   B 1 1 ? -21.049 -15.376 9.141   1.00 67.66 ? 1   G   B "C5'" 1 
ATOM   150 C  "C4'" . G   B 1 1 ? -20.422 -16.292 10.168  1.00 68.01 ? 1   G   B "C4'" 1 
ATOM   151 O  "O4'" . G   B 1 1 ? -20.438 -17.660 9.668   1.00 67.80 ? 1   G   B "O4'" 1 
ATOM   152 C  "C3'" . G   B 1 1 ? -18.964 -15.990 10.507  1.00 67.94 ? 1   G   B "C3'" 1 
ATOM   153 O  "O3'" . G   B 1 1 ? -18.843 -15.135 11.637  1.00 64.74 ? 1   G   B "O3'" 1 
ATOM   154 C  "C2'" . G   B 1 1 ? -18.385 -17.378 10.753  1.00 62.75 ? 1   G   B "C2'" 1 
ATOM   155 O  "O2'" . G   B 1 1 ? -18.603 -17.868 12.059  1.00 65.50 ? 1   G   B "O2'" 1 
ATOM   156 C  "C1'" . G   B 1 1 ? -19.124 -18.189 9.693   1.00 64.57 ? 1   G   B "C1'" 1 
ATOM   157 N  N9    . G   B 1 1 ? -18.541 -18.035 8.363   1.00 53.38 ? 1   G   B N9    1 
ATOM   158 C  C8    . G   B 1 1 ? -19.108 -17.425 7.269   1.00 55.37 ? 1   G   B C8    1 
ATOM   159 N  N7    . G   B 1 1 ? -18.329 -17.426 6.222   1.00 52.68 ? 1   G   B N7    1 
ATOM   160 C  C5    . G   B 1 1 ? -17.176 -18.066 6.652   1.00 55.84 ? 1   G   B C5    1 
ATOM   161 C  C6    . G   B 1 1 ? -15.977 -18.364 5.955   1.00 55.85 ? 1   G   B C6    1 
ATOM   162 O  O6    . G   B 1 1 ? -15.685 -18.113 4.780   1.00 58.38 ? 1   G   B O6    1 
ATOM   163 N  N1    . G   B 1 1 ? -15.063 -19.021 6.771   1.00 53.41 ? 1   G   B N1    1 
ATOM   164 C  C2    . G   B 1 1 ? -15.273 -19.356 8.086   1.00 55.88 ? 1   G   B C2    1 
ATOM   165 N  N2    . G   B 1 1 ? -14.265 -19.990 8.706   1.00 57.07 ? 1   G   B N2    1 
ATOM   166 N  N3    . G   B 1 1 ? -16.387 -19.085 8.747   1.00 55.02 ? 1   G   B N3    1 
ATOM   167 C  C4    . G   B 1 1 ? -17.289 -18.444 7.973   1.00 54.05 ? 1   G   B C4    1 
ATOM   168 P  P     . C   B 1 2 ? -17.692 -14.022 11.676  1.00 70.84 ? 2   C   B P     1 
ATOM   169 O  OP1   . C   B 1 2 ? -17.837 -13.257 12.940  1.00 77.21 ? 2   C   B OP1   1 
ATOM   170 O  OP2   . C   B 1 2 ? -17.698 -13.302 10.374  1.00 67.51 ? 2   C   B OP2   1 
ATOM   171 O  "O5'" . C   B 1 2 ? -16.357 -14.885 11.755  1.00 64.43 ? 2   C   B "O5'" 1 
ATOM   172 C  "C5'" . C   B 1 2 ? -15.914 -15.457 12.996  1.00 61.39 ? 2   C   B "C5'" 1 
ATOM   173 C  "C4'" . C   B 1 2 ? -14.591 -16.168 12.815  1.00 57.89 ? 2   C   B "C4'" 1 
ATOM   174 O  "O4'" . C   B 1 2 ? -14.687 -17.186 11.775  1.00 54.29 ? 2   C   B "O4'" 1 
ATOM   175 C  "C3'" . C   B 1 2 ? -13.414 -15.329 12.345  1.00 55.73 ? 2   C   B "C3'" 1 
ATOM   176 O  "O3'" . C   B 1 2 ? -12.838 -14.465 13.316  1.00 54.82 ? 2   C   B "O3'" 1 
ATOM   177 C  "C2'" . C   B 1 2 ? -12.458 -16.421 11.900  1.00 54.78 ? 2   C   B "C2'" 1 
ATOM   178 O  "O2'" . C   B 1 2 ? -11.838 -17.120 12.958  1.00 56.80 ? 2   C   B "O2'" 1 
ATOM   179 C  "C1'" . C   B 1 2 ? -13.420 -17.335 11.143  1.00 51.50 ? 2   C   B "C1'" 1 
ATOM   180 N  N1    . C   B 1 2 ? -13.529 -16.929 9.732   1.00 49.35 ? 2   C   B N1    1 
ATOM   181 C  C2    . C   B 1 2 ? -12.419 -17.118 8.903   1.00 50.12 ? 2   C   B C2    1 
ATOM   182 O  O2    . C   B 1 2 ? -11.404 -17.655 9.373   1.00 49.22 ? 2   C   B O2    1 
ATOM   183 N  N3    . C   B 1 2 ? -12.484 -16.724 7.610   1.00 44.53 ? 2   C   B N3    1 
ATOM   184 C  C4    . C   B 1 2 ? -13.595 -16.150 7.142   1.00 45.51 ? 2   C   B C4    1 
ATOM   185 N  N4    . C   B 1 2 ? -13.616 -15.782 5.860   1.00 47.83 ? 2   C   B N4    1 
ATOM   186 C  C5    . C   B 1 2 ? -14.735 -15.936 7.968   1.00 45.77 ? 2   C   B C5    1 
ATOM   187 C  C6    . C   B 1 2 ? -14.656 -16.325 9.247   1.00 46.57 ? 2   C   B C6    1 
ATOM   188 P  P     . U   B 1 3 ? -12.021 -13.174 12.837  1.00 53.77 ? 3   U   B P     1 
ATOM   189 O  OP1   . U   B 1 3 ? -11.782 -12.321 14.025  1.00 61.44 ? 3   U   B OP1   1 
ATOM   190 O  OP2   . U   B 1 3 ? -12.699 -12.607 11.642  1.00 57.79 ? 3   U   B OP2   1 
ATOM   191 O  "O5'" . U   B 1 3 ? -10.631 -13.782 12.355  1.00 51.28 ? 3   U   B "O5'" 1 
ATOM   192 C  "C5'" . U   B 1 3 ? -9.739  -14.382 13.304  1.00 51.64 ? 3   U   B "C5'" 1 
ATOM   193 C  "C4'" . U   B 1 3 ? -8.581  -15.037 12.596  1.00 51.54 ? 3   U   B "C4'" 1 
ATOM   194 O  "O4'" . U   B 1 3 ? -9.043  -15.745 11.415  1.00 53.03 ? 3   U   B "O4'" 1 
ATOM   195 C  "C3'" . U   B 1 3 ? -7.518  -14.099 12.055  1.00 52.66 ? 3   U   B "C3'" 1 
ATOM   196 O  "O3'" . U   B 1 3 ? -6.643  -13.636 13.075  1.00 53.76 ? 3   U   B "O3'" 1 
ATOM   197 C  "C2'" . U   B 1 3 ? -6.825  -14.988 11.033  1.00 51.95 ? 3   U   B "C2'" 1 
ATOM   198 O  "O2'" . U   B 1 3 ? -5.902  -15.882 11.625  1.00 48.62 ? 3   U   B "O2'" 1 
ATOM   199 C  "C1'" . U   B 1 3 ? -8.019  -15.733 10.427  1.00 51.55 ? 3   U   B "C1'" 1 
ATOM   200 N  N1    . U   B 1 3 ? -8.543  -15.107 9.202   1.00 48.15 ? 3   U   B N1    1 
ATOM   201 C  C2    . U   B 1 3 ? -7.725  -15.117 8.087   1.00 48.28 ? 3   U   B C2    1 
ATOM   202 O  O2    . U   B 1 3 ? -6.610  -15.613 8.086   1.00 46.87 ? 3   U   B O2    1 
ATOM   203 N  N3    . U   B 1 3 ? -8.261  -14.521 6.972   1.00 45.89 ? 3   U   B N3    1 
ATOM   204 C  C4    . U   B 1 3 ? -9.500  -13.931 6.855   1.00 46.14 ? 3   U   B C4    1 
ATOM   205 O  O4    . U   B 1 3 ? -9.835  -13.437 5.779   1.00 46.16 ? 3   U   B O4    1 
ATOM   206 C  C5    . U   B 1 3 ? -10.286 -13.958 8.050   1.00 46.73 ? 3   U   B C5    1 
ATOM   207 C  C6    . U   B 1 3 ? -9.794  -14.530 9.155   1.00 48.02 ? 3   U   B C6    1 
ATOM   208 P  P     . G   B 1 4 ? -5.824  -12.276 12.866  1.00 54.39 ? 4   G   B P     1 
ATOM   209 O  OP1   . G   B 1 4 ? -5.285  -11.854 14.186  1.00 58.05 ? 4   G   B OP1   1 
ATOM   210 O  OP2   . G   B 1 4 ? -6.668  -11.337 12.083  1.00 47.08 ? 4   G   B OP2   1 
ATOM   211 O  "O5'" . G   B 1 4 ? -4.629  -12.725 11.919  1.00 49.39 ? 4   G   B "O5'" 1 
ATOM   212 C  "C5'" . G   B 1 4 ? -3.544  -13.518 12.424  1.00 48.93 ? 4   G   B "C5'" 1 
ATOM   213 C  "C4'" . G   B 1 4 ? -2.570  -13.803 11.312  1.00 47.52 ? 4   G   B "C4'" 1 
ATOM   214 O  "O4'" . G   B 1 4 ? -3.268  -14.408 10.187  1.00 46.31 ? 4   G   B "O4'" 1 
ATOM   215 C  "C3'" . G   B 1 4 ? -1.914  -12.590 10.679  1.00 50.84 ? 4   G   B "C3'" 1 
ATOM   216 O  "O3'" . G   B 1 4 ? -0.941  -11.931 11.486  1.00 51.76 ? 4   G   B "O3'" 1 
ATOM   217 C  "C2'" . G   B 1 4 ? -1.407  -13.186 9.377   1.00 48.38 ? 4   G   B "C2'" 1 
ATOM   218 O  "O2'" . G   B 1 4 ? -0.227  -13.962 9.489   1.00 48.24 ? 4   G   B "O2'" 1 
ATOM   219 C  "C1'" . G   B 1 4 ? -2.605  -14.053 8.980   1.00 46.26 ? 4   G   B "C1'" 1 
ATOM   220 N  N9    . G   B 1 4 ? -3.538  -13.346 8.102   1.00 45.46 ? 4   G   B N9    1 
ATOM   221 C  C8    . G   B 1 4 ? -4.754  -12.790 8.423   1.00 44.22 ? 4   G   B C8    1 
ATOM   222 N  N7    . G   B 1 4 ? -5.336  -12.210 7.408   1.00 42.41 ? 4   G   B N7    1 
ATOM   223 C  C5    . G   B 1 4 ? -4.443  -12.381 6.357   1.00 41.80 ? 4   G   B C5    1 
ATOM   224 C  C6    . G   B 1 4 ? -4.528  -11.971 4.999   1.00 39.95 ? 4   G   B C6    1 
ATOM   225 O  O6    . G   B 1 4 ? -5.429  -11.338 4.440   1.00 40.27 ? 4   G   B O6    1 
ATOM   226 N  N1    . G   B 1 4 ? -3.404  -12.360 4.276   1.00 42.00 ? 4   G   B N1    1 
ATOM   227 C  C2    . G   B 1 4 ? -2.338  -13.057 4.789   1.00 42.29 ? 4   G   B C2    1 
ATOM   228 N  N2    . G   B 1 4 ? -1.345  -13.341 3.934   1.00 41.14 ? 4   G   B N2    1 
ATOM   229 N  N3    . G   B 1 4 ? -2.247  -13.442 6.051   1.00 40.74 ? 4   G   B N3    1 
ATOM   230 C  C4    . G   B 1 4 ? -3.328  -13.078 6.771   1.00 42.60 ? 4   G   B C4    1 
ATOM   231 P  P     . C   B 1 5 ? -0.691  -10.358 11.278  1.00 62.41 ? 5   C   B P     1 
ATOM   232 O  OP1   . C   B 1 5 ? 0.191   -9.881  12.372  1.00 62.25 ? 5   C   B OP1   1 
ATOM   233 O  OP2   . C   B 1 5 ? -2.010  -9.705  11.063  1.00 66.79 ? 5   C   B OP2   1 
ATOM   234 O  "O5'" . C   B 1 5 ? 0.150   -10.310 9.925   1.00 55.63 ? 5   C   B "O5'" 1 
ATOM   235 C  "C5'" . C   B 1 5 ? 1.507   -10.783 9.928   1.00 51.95 ? 5   C   B "C5'" 1 
ATOM   236 C  "C4'" . C   B 1 5 ? 2.008   -11.085 8.535   1.00 44.61 ? 5   C   B "C4'" 1 
ATOM   237 O  "O4'" . C   B 1 5 ? 0.979   -11.680 7.702   1.00 44.52 ? 5   C   B "O4'" 1 
ATOM   238 C  "C3'" . C   B 1 5 ? 2.460   -9.898  7.709   1.00 45.31 ? 5   C   B "C3'" 1 
ATOM   239 O  "O3'" . C   B 1 5 ? 3.724   -9.430  8.137   1.00 48.04 ? 5   C   B "O3'" 1 
ATOM   240 C  "C2'" . C   B 1 5 ? 2.519   -10.515 6.321   1.00 41.81 ? 5   C   B "C2'" 1 
ATOM   241 O  "O2'" . C   B 1 5 ? 3.710   -11.251 6.104   1.00 43.43 ? 5   C   B "O2'" 1 
ATOM   242 C  "C1'" . C   B 1 5 ? 1.269   -11.399 6.339   1.00 41.03 ? 5   C   B "C1'" 1 
ATOM   243 N  N1    . C   B 1 5 ? 0.096   -10.749 5.721   1.00 38.01 ? 5   C   B N1    1 
ATOM   244 C  C2    . C   B 1 5 ? 0.115   -10.503 4.345   1.00 39.13 ? 5   C   B C2    1 
ATOM   245 O  O2    . C   B 1 5 ? 1.113   -10.839 3.692   1.00 40.10 ? 5   C   B O2    1 
ATOM   246 N  N3    . C   B 1 5 ? -0.956  -9.913  3.762   1.00 37.97 ? 5   C   B N3    1 
ATOM   247 C  C4    . C   B 1 5 ? -2.010  -9.566  4.505   1.00 39.90 ? 5   C   B C4    1 
ATOM   248 N  N4    . C   B 1 5 ? -3.048  -8.990  3.891   1.00 38.79 ? 5   C   B N4    1 
ATOM   249 C  C5    . C   B 1 5 ? -2.054  -9.803  5.909   1.00 38.14 ? 5   C   B C5    1 
ATOM   250 C  C6    . C   B 1 5 ? -0.992  -10.394 6.469   1.00 39.16 ? 5   C   B C6    1 
HETATM 251 P  P     . 5BU B 1 6 ? 4.162   -7.924  7.863   1.00 48.34 ? 6   5BU B P     1 
HETATM 252 O  OP1   . 5BU B 1 6 ? 5.380   -7.646  8.718   1.00 51.36 ? 6   5BU B OP1   1 
HETATM 253 O  OP2   . 5BU B 1 6 ? 2.934   -7.038  7.955   1.00 50.94 ? 6   5BU B OP2   1 
HETATM 254 O  "O5'" . 5BU B 1 6 ? 4.627   -7.967  6.338   1.00 45.60 ? 6   5BU B "O5'" 1 
HETATM 255 C  "C5'" . 5BU B 1 6 ? 5.810   -8.663  5.986   1.00 47.55 ? 6   5BU B "C5'" 1 
HETATM 256 C  "C4'" . 5BU B 1 6 ? 5.926   -8.688  4.473   1.00 50.83 ? 6   5BU B "C4'" 1 
HETATM 257 O  "O4'" . 5BU B 1 6 ? 4.746   -9.183  3.831   1.00 49.11 ? 6   5BU B "O4'" 1 
HETATM 258 C  "C3'" . 5BU B 1 6 ? 6.123   -7.294  3.920   1.00 51.18 ? 6   5BU B "C3'" 1 
HETATM 259 O  "O3'" . 5BU B 1 6 ? 7.489   -6.897  4.031   1.00 48.84 ? 6   5BU B "O3'" 1 
HETATM 260 C  "C2'" . 5BU B 1 6 ? 5.637   -7.449  2.500   1.00 51.64 ? 6   5BU B "C2'" 1 
HETATM 261 O  "O2'" . 5BU B 1 6 ? 6.673   -8.013  1.685   1.00 56.37 ? 6   5BU B "O2'" 1 
HETATM 262 C  "C1'" . 5BU B 1 6 ? 4.470   -8.416  2.649   1.00 48.68 ? 6   5BU B "C1'" 1 
HETATM 263 N  N1    . 5BU B 1 6 ? 3.144   -7.741  2.742   1.00 45.53 ? 6   5BU B N1    1 
HETATM 264 C  C2    . 5BU B 1 6 ? 2.565   -7.179  1.580   1.00 43.85 ? 6   5BU B C2    1 
HETATM 265 O  O2    . 5BU B 1 6 ? 3.180   -7.224  0.499   1.00 48.19 ? 6   5BU B O2    1 
HETATM 266 N  N3    . 5BU B 1 6 ? 1.363   -6.579  1.609   1.00 44.24 ? 6   5BU B N3    1 
HETATM 267 C  C4    . 5BU B 1 6 ? 0.648   -6.496  2.737   1.00 44.34 ? 6   5BU B C4    1 
HETATM 268 O  O4    . 5BU B 1 6 ? -0.475  -5.939  2.769   1.00 40.32 ? 6   5BU B O4    1 
HETATM 269 C  C5    . 5BU B 1 6 ? 1.210   -7.075  3.974   1.00 44.47 ? 6   5BU B C5    1 
HETATM 270 C  C6    . 5BU B 1 6 ? 2.464   -7.686  3.905   1.00 44.12 ? 6   5BU B C6    1 
HETATM 271 BR BR    . 5BU B 1 6 ? 0.216   -6.970  5.583   1.00 50.60 ? 6   5BU B BR    1 
ATOM   272 P  P     . G   B 1 7 ? 7.867   -5.362  4.272   1.00 50.63 ? 7   G   B P     1 
ATOM   273 O  OP1   . G   B 1 7 ? 9.206   -5.308  4.916   1.00 50.80 ? 7   G   B OP1   1 
ATOM   274 O  OP2   . G   B 1 7 ? 6.711   -4.683  4.915   1.00 44.23 ? 7   G   B OP2   1 
ATOM   275 O  "O5'" . G   B 1 7 ? 7.996   -4.796  2.792   1.00 46.22 ? 7   G   B "O5'" 1 
ATOM   276 C  "C5'" . G   B 1 7 ? 9.035   -5.230  1.910   1.00 45.47 ? 7   G   B "C5'" 1 
ATOM   277 C  "C4'" . G   B 1 7 ? 8.763   -4.726  0.515   1.00 41.88 ? 7   G   B "C4'" 1 
ATOM   278 O  "O4'" . G   B 1 7 ? 7.488   -5.254  0.039   1.00 41.32 ? 7   G   B "O4'" 1 
ATOM   279 C  "C3'" . G   B 1 7 ? 8.589   -3.223  0.363   1.00 47.06 ? 7   G   B "C3'" 1 
ATOM   280 O  "O3'" . G   B 1 7 ? 9.795   -2.456  0.383   1.00 46.85 ? 7   G   B "O3'" 1 
ATOM   281 C  "C2'" . G   B 1 7 ? 7.877   -3.157  -0.979  1.00 41.14 ? 7   G   B "C2'" 1 
ATOM   282 O  "O2'" . G   B 1 7 ? 8.794   -3.373  -2.040  1.00 42.03 ? 7   G   B "O2'" 1 
ATOM   283 C  "C1'" . G   B 1 7 ? 6.887   -4.320  -0.847  1.00 40.90 ? 7   G   B "C1'" 1 
ATOM   284 N  N9    . G   B 1 7 ? 5.582   -3.938  -0.304  1.00 36.99 ? 7   G   B N9    1 
ATOM   285 C  C8    . G   B 1 7 ? 5.200   -3.939  1.015   1.00 37.12 ? 7   G   B C8    1 
ATOM   286 N  N7    . G   B 1 7 ? 3.975   -3.528  1.194   1.00 38.31 ? 7   G   B N7    1 
ATOM   287 C  C5    . G   B 1 7 ? 3.523   -3.228  -0.082  1.00 36.42 ? 7   G   B C5    1 
ATOM   288 C  C6    . G   B 1 7 ? 2.262   -2.740  -0.520  1.00 37.05 ? 7   G   B C6    1 
ATOM   289 O  O6    . G   B 1 7 ? 1.268   -2.457  0.157   1.00 36.74 ? 7   G   B O6    1 
ATOM   290 N  N1    . G   B 1 7 ? 2.229   -2.575  -1.901  1.00 34.14 ? 7   G   B N1    1 
ATOM   291 C  C2    . G   B 1 7 ? 3.273   -2.853  -2.752  1.00 35.75 ? 7   G   B C2    1 
ATOM   292 N  N2    . G   B 1 7 ? 3.049   -2.636  -4.055  1.00 36.07 ? 7   G   B N2    1 
ATOM   293 N  N3    . G   B 1 7 ? 4.450   -3.306  -2.356  1.00 34.90 ? 7   G   B N3    1 
ATOM   294 C  C4    . G   B 1 7 ? 4.503   -3.471  -1.018  1.00 35.23 ? 7   G   B C4    1 
HETATM 295 C  "C1'" . F6X C 2 1 ? 6.511   26.515  -8.140  1.00 66.50 ? 101 F6X C "C1'" 1 
HETATM 296 N  N1    . F6X C 2 1 ? 4.279   23.122  -3.730  1.00 60.22 ? 101 F6X C N1    1 
HETATM 297 C  C6    . F6X C 2 1 ? 5.013   22.273  -2.889  1.00 56.15 ? 101 F6X C C6    1 
HETATM 298 C  C5    . F6X C 2 1 ? 4.720   22.135  -1.542  1.00 57.24 ? 101 F6X C C5    1 
HETATM 299 C  C4    . F6X C 2 1 ? 3.667   22.858  -1.020  1.00 58.65 ? 101 F6X C C4    1 
HETATM 300 N  N3    . F6X C 2 1 ? 2.938   23.712  -1.869  1.00 60.71 ? 101 F6X C N3    1 
HETATM 301 C  C2    . F6X C 2 1 ? 3.253   23.829  -3.225  1.00 59.77 ? 101 F6X C C2    1 
HETATM 302 O  O2    . F6X C 2 1 ? 2.593   24.586  -3.933  1.00 62.78 ? 101 F6X C O2    1 
HETATM 303 N  N4    . F6X C 2 1 ? 3.384   22.727  0.269   1.00 61.02 ? 101 F6X C N4    1 
HETATM 304 C  "C2'" . F6X C 2 1 ? 6.884   25.857  -6.794  1.00 61.96 ? 101 F6X C "C2'" 1 
HETATM 305 C  "C3'" . F6X C 2 1 ? 8.362   25.446  -6.801  1.00 58.31 ? 101 F6X C "C3'" 1 
HETATM 306 O  "O3'" . F6X C 2 1 ? 8.368   24.333  -7.803  1.00 48.94 ? 101 F6X C "O3'" 1 
HETATM 307 O  OP1   . F6X C 2 1 ? 8.733   22.980  -9.888  1.00 50.50 ? 101 F6X C OP1   1 
HETATM 308 P  P     . F6X C 2 1 ? 9.367   23.454  -8.579  1.00 47.00 ? 101 F6X C P     1 
HETATM 309 O  OP2   . F6X C 2 1 ? 10.634  24.255  -8.880  1.00 49.83 ? 101 F6X C OP2   1 
HETATM 310 C  C3A   . F6X C 2 1 ? 8.833   24.518  -5.663  1.00 58.71 ? 101 F6X C C3A   1 
HETATM 311 O  "O1'" . F6X C 2 1 ? 5.239   26.041  -8.589  1.00 71.93 ? 101 F6X C "O1'" 1 
HETATM 312 N  "N2'" . F6X C 2 1 ? 6.036   24.680  -6.503  1.00 60.79 ? 101 F6X C "N2'" 1 
HETATM 313 C  C2A   . F6X C 2 1 ? 5.510   24.474  -5.280  1.00 60.50 ? 101 F6X C C2A   1 
HETATM 314 O  O2A   . F6X C 2 1 ? 5.668   25.229  -4.321  1.00 61.28 ? 101 F6X C O2A   1 
HETATM 315 C  C2B   . F6X C 2 1 ? 4.655   23.207  -5.147  1.00 61.41 ? 101 F6X C C2B   1 
HETATM 316 O  O2A   . F73 C 2 2 ? 7.188   20.708  -4.135  1.00 47.41 ? 102 F73 C O2A   1 
HETATM 317 C  "C3'" . F73 C 2 2 ? 10.459  20.029  -5.811  1.00 48.32 ? 102 F73 C "C3'" 1 
HETATM 318 O  "O3'" . F73 C 2 2 ? 10.669  18.966  -6.828  1.00 47.35 ? 102 F73 C "O3'" 1 
HETATM 319 C  "C2'" . F73 C 2 2 ? 9.105   20.662  -6.115  1.00 46.73 ? 102 F73 C "C2'" 1 
HETATM 320 C  "C1'" . F73 C 2 2 ? 8.932   21.034  -7.579  1.00 47.90 ? 102 F73 C "C1'" 1 
HETATM 321 N  N9    . F73 C 2 2 ? 5.582   18.603  -3.503  1.00 45.41 ? 102 F73 C N9    1 
HETATM 322 C  C8    . F73 C 2 2 ? 5.892   18.201  -2.255  1.00 48.62 ? 102 F73 C C8    1 
HETATM 323 N  N7    . F73 C 2 2 ? 4.868   18.469  -1.402  1.00 48.47 ? 102 F73 C N7    1 
HETATM 324 C  C5    . F73 C 2 2 ? 3.893   19.052  -2.121  1.00 47.51 ? 102 F73 C C5    1 
HETATM 325 C  C6    . F73 C 2 2 ? 2.547   19.586  -1.856  1.00 49.80 ? 102 F73 C C6    1 
HETATM 326 O  O6    . F73 C 2 2 ? 2.081   19.543  -0.701  1.00 53.27 ? 102 F73 C O6    1 
HETATM 327 N  N1    . F73 C 2 2 ? 1.861   20.113  -2.900  1.00 54.38 ? 102 F73 C N1    1 
HETATM 328 C  C2    . F73 C 2 2 ? 2.380   20.157  -4.161  1.00 54.11 ? 102 F73 C C2    1 
HETATM 329 N  N2    . F73 C 2 2 ? 1.666   20.690  -5.175  1.00 60.00 ? 102 F73 C N2    1 
HETATM 330 N  N3    . F73 C 2 2 ? 3.610   19.684  -4.460  1.00 49.57 ? 102 F73 C N3    1 
HETATM 331 C  C4    . F73 C 2 2 ? 4.374   19.135  -3.501  1.00 46.15 ? 102 F73 C C4    1 
HETATM 332 O  OP2   . F73 C 2 2 ? 11.974  17.486  -8.344  1.00 45.65 ? 102 F73 C OP2   1 
HETATM 333 P  P     . F73 C 2 2 ? 11.951  18.145  -6.973  1.00 47.99 ? 102 F73 C P     1 
HETATM 334 O  OP1   . F73 C 2 2 ? 13.157  19.064  -6.813  1.00 55.66 ? 102 F73 C OP1   1 
HETATM 335 C  C3A   . F73 C 2 2 ? 10.693  19.805  -4.327  1.00 50.38 ? 102 F73 C C3A   1 
HETATM 336 O  "O1'" . F73 C 2 2 ? 9.727   22.262  -7.728  1.00 49.06 ? 102 F73 C "O1'" 1 
HETATM 337 N  "N2'" . F73 C 2 2 ? 8.158   19.615  -5.820  1.00 47.03 ? 102 F73 C "N2'" 1 
HETATM 338 C  C2A   . F73 C 2 2 ? 7.268   19.723  -4.853  1.00 47.25 ? 102 F73 C C2A   1 
HETATM 339 C  C2B   . F73 C 2 2 ? 6.386   18.510  -4.709  1.00 44.05 ? 102 F73 C C2B   1 
HETATM 340 N  N1    . F6U C 2 3 ? 2.749   16.228  -3.775  1.00 42.39 ? 103 F6U C N1    1 
HETATM 341 C  C2    . F6U C 2 3 ? 3.613   16.030  -4.952  1.00 42.61 ? 103 F6U C C2    1 
HETATM 342 N  N3    . F6U C 2 3 ? 4.879   15.335  -4.695  1.00 45.28 ? 103 F6U C N3    1 
HETATM 343 C  C4    . F6U C 2 3 ? 5.229   14.920  -3.458  1.00 43.41 ? 103 F6U C C4    1 
HETATM 344 O  OP1   . F6U C 2 3 ? 14.069  12.458  -5.095  1.00 49.26 ? 103 F6U C OP1   1 
HETATM 345 P  P     . F6U C 2 3 ? 13.380  13.162  -3.932  1.00 44.78 ? 103 F6U C P     1 
HETATM 346 O  OP2   . F6U C 2 3 ? 14.343  14.142  -3.274  1.00 47.66 ? 103 F6U C OP2   1 
HETATM 347 O  "O3'" . F6U C 2 3 ? 12.153  13.917  -4.457  1.00 42.51 ? 103 F6U C "O3'" 1 
HETATM 348 C  "C3'" . F6U C 2 3 ? 11.718  15.146  -3.751  1.00 46.90 ? 103 F6U C "C3'" 1 
HETATM 349 C  C3A   . F6U C 2 3 ? 11.468  15.152  -2.254  1.00 47.80 ? 103 F6U C C3A   1 
HETATM 350 C  "C2'" . F6U C 2 3 ? 10.591  15.764  -4.578  1.00 46.58 ? 103 F6U C "C2'" 1 
HETATM 351 C  "C1'" . F6U C 2 3 ? 10.975  15.993  -6.042  1.00 48.55 ? 103 F6U C "C1'" 1 
HETATM 352 O  "O1'" . F6U C 2 3 ? 11.976  17.077  -5.901  1.00 47.59 ? 103 F6U C "O1'" 1 
HETATM 353 N  "N2'" . F6U C 2 3 ? 9.520   14.788  -4.520  1.00 45.00 ? 103 F6U C "N2'" 1 
HETATM 354 C  C2A   . F6U C 2 3 ? 8.389   15.046  -3.885  1.00 45.69 ? 103 F6U C C2A   1 
HETATM 355 O  O2A   . F6U C 2 3 ? 8.291   15.976  -3.101  1.00 44.92 ? 103 F6U C O2A   1 
HETATM 356 C  C2B   . F6U C 2 3 ? 7.425   13.889  -3.810  1.00 45.53 ? 103 F6U C C2B   1 
HETATM 357 N  N9    . F6U C 2 3 ? 6.293   14.288  -2.981  1.00 42.95 ? 103 F6U C N9    1 
HETATM 358 C  C8    . F6U C 2 3 ? 6.150   14.113  -1.656  1.00 42.70 ? 103 F6U C C8    1 
HETATM 359 N  N7    . F6U C 2 3 ? 4.974   14.621  -1.226  1.00 43.45 ? 103 F6U C N7    1 
HETATM 360 C  C5    . F6U C 2 3 ? 4.352   15.141  -2.301  1.00 43.64 ? 103 F6U C C5    1 
HETATM 361 C  C6    . F6U C 2 3 ? 3.069   15.822  -2.524  1.00 44.00 ? 103 F6U C C6    1 
HETATM 362 N  N6    . F6U C 2 3 ? 2.261   16.023  -1.462  1.00 41.61 ? 103 F6U C N6    1 
HETATM 363 C  "C1'" . F6X C 2 4 ? 11.793  11.178  -3.015  1.00 45.88 ? 104 F6X C "C1'" 1 
HETATM 364 N  N1    . F6X C 2 4 ? 6.259   10.315  -1.351  1.00 38.88 ? 104 F6X C N1    1 
HETATM 365 C  C6    . F6X C 2 4 ? 5.779   10.315  -0.104  1.00 38.91 ? 104 F6X C C6    1 
HETATM 366 C  C5    . F6X C 2 4 ? 4.532   10.879  0.151   1.00 40.82 ? 104 F6X C C5    1 
HETATM 367 C  C4    . F6X C 2 4 ? 3.823   11.460  -0.895  1.00 39.59 ? 104 F6X C C4    1 
HETATM 368 N  N3    . F6X C 2 4 ? 4.320   11.466  -2.159  1.00 37.54 ? 104 F6X C N3    1 
HETATM 369 C  C2    . F6X C 2 4 ? 5.531   10.909  -2.404  1.00 38.95 ? 104 F6X C C2    1 
HETATM 370 O  O2    . F6X C 2 4 ? 5.996   10.909  -3.565  1.00 38.92 ? 104 F6X C O2    1 
HETATM 371 N  N4    . F6X C 2 4 ? 2.623   12.011  -0.628  1.00 43.63 ? 104 F6X C N4    1 
HETATM 372 C  "C2'" . F6X C 2 4 ? 11.018  11.250  -1.696  1.00 44.47 ? 104 F6X C "C2'" 1 
HETATM 373 C  "C3'" . F6X C 2 4 ? 11.862  10.811  -0.507  1.00 46.48 ? 104 F6X C "C3'" 1 
HETATM 374 O  "O3'" . F6X C 2 4 ? 12.415  9.465   -0.826  1.00 44.08 ? 104 F6X C "O3'" 1 
HETATM 375 O  OP1   . F6X C 2 4 ? 14.375  7.922   -0.870  1.00 44.49 ? 104 F6X C OP1   1 
HETATM 376 P  P     . F6X C 2 4 ? 13.496  8.784   0.031   1.00 41.37 ? 104 F6X C P     1 
HETATM 377 O  OP2   . F6X C 2 4 ? 14.317  9.848   0.729   1.00 42.44 ? 104 F6X C OP2   1 
HETATM 378 C  C3A   . F6X C 2 4 ? 11.210  11.110  0.829   1.00 47.40 ? 104 F6X C C3A   1 
HETATM 379 O  "O1'" . F6X C 2 4 ? 12.916  12.139  -2.910  1.00 45.47 ? 104 F6X C "O1'" 1 
HETATM 380 N  "N2'" . F6X C 2 4 ? 9.879   10.334  -1.703  1.00 43.10 ? 104 F6X C "N2'" 1 
HETATM 381 C  C2A   . F6X C 2 4 ? 8.629   10.788  -1.616  1.00 43.20 ? 104 F6X C C2A   1 
HETATM 382 O  O2A   . F6X C 2 4 ? 8.375   11.872  -1.124  1.00 46.92 ? 104 F6X C O2A   1 
HETATM 383 C  C2B   . F6X C 2 4 ? 7.568   9.718   -1.629  1.00 41.22 ? 104 F6X C C2B   1 
HETATM 384 O  O2A   . F73 C 2 5 ? 8.034   7.879   1.288   1.00 43.58 ? 105 F73 C O2A   1 
HETATM 385 C  "C3'" . F73 C 2 5 ? 11.147  6.839   3.034   1.00 46.89 ? 105 F73 C "C3'" 1 
HETATM 386 O  "O3'" . F73 C 2 5 ? 11.692  5.467   3.126   1.00 44.05 ? 105 F73 C "O3'" 1 
HETATM 387 C  "C2'" . F73 C 2 5 ? 10.681  7.189   1.624   1.00 44.88 ? 105 F73 C "C2'" 1 
HETATM 388 C  "C1'" . F73 C 2 5 ? 11.765  6.989   0.568   1.00 47.37 ? 105 F73 C "C1'" 1 
HETATM 389 N  N9    . F73 C 2 5 ? 6.007   6.276   0.742   1.00 38.83 ? 105 F73 C N9    1 
HETATM 390 C  C8    . F73 C 2 5 ? 5.104   6.524   1.705   1.00 37.82 ? 105 F73 C C8    1 
HETATM 391 N  N7    . F73 C 2 5 ? 4.012   7.156   1.185   1.00 36.73 ? 105 F73 C N7    1 
HETATM 392 C  C5    . F73 C 2 5 ? 4.216   7.321   -0.130  1.00 34.41 ? 105 F73 C C5    1 
HETATM 393 C  C6    . F73 C 2 5 ? 3.490   7.903   -1.279  1.00 37.76 ? 105 F73 C C6    1 
HETATM 394 O  O6    . F73 C 2 5 ? 2.356   8.415   -1.125  1.00 38.95 ? 105 F73 C O6    1 
HETATM 395 N  N1    . F73 C 2 5 ? 4.085   7.862   -2.493  1.00 36.81 ? 105 F73 C N1    1 
HETATM 396 C  C2    . F73 C 2 5 ? 5.319   7.317   -2.676  1.00 38.72 ? 105 F73 C C2    1 
HETATM 397 N  N2    . F73 C 2 5 ? 5.884   7.291   -3.898  1.00 40.82 ? 105 F73 C N2    1 
HETATM 398 N  N3    . F73 C 2 5 ? 6.014   6.760   -1.666  1.00 36.97 ? 105 F73 C N3    1 
HETATM 399 C  C4    . F73 C 2 5 ? 5.540   6.742   -0.410  1.00 35.48 ? 105 F73 C C4    1 
HETATM 400 O  OP2   . F73 C 2 5 ? 13.260  5.628   5.038   1.00 40.60 ? 105 F73 C OP2   1 
HETATM 401 P  P     . F73 C 2 5 ? 12.404  4.682   4.220   1.00 45.40 ? 105 F73 C P     1 
HETATM 402 O  OP1   . F73 C 2 5 ? 13.254  3.607   3.566   1.00 46.97 ? 105 F73 C OP1   1 
HETATM 403 C  C3A   . F73 C 2 5 ? 10.203  7.309   4.122   1.00 47.43 ? 105 F73 C C3A   1 
HETATM 404 O  "O1'" . F73 C 2 5 ? 12.823  7.907   1.072   1.00 43.92 ? 105 F73 C "O1'" 1 
HETATM 405 N  "N2'" . F73 C 2 5 ? 9.588   6.272   1.341   1.00 43.63 ? 105 F73 C "N2'" 1 
HETATM 406 C  C2A   . F73 C 2 5 ? 8.342   6.701   1.191   1.00 42.76 ? 105 F73 C C2A   1 
HETATM 407 C  C2B   . F73 C 2 5 ? 7.316   5.641   0.888   1.00 41.27 ? 105 F73 C C2B   1 
HETATM 408 N  N1    . F6U C 2 6 ? 3.947   3.929   -0.959  1.00 34.84 ? 106 F6U C N1    1 
HETATM 409 C  C2    . F6U C 2 6 ? 5.283   3.327   -0.837  1.00 33.52 ? 106 F6U C C2    1 
HETATM 410 N  N3    . F6U C 2 6 ? 5.622   2.876   0.511   1.00 34.86 ? 106 F6U C N3    1 
HETATM 411 C  C4    . F6U C 2 6 ? 4.793   2.990   1.572   1.00 34.07 ? 106 F6U C C4    1 
HETATM 412 O  OP1   . F6U C 2 6 ? 10.178  -0.139  8.303   1.00 51.03 ? 106 F6U C OP1   1 
HETATM 413 P  P     . F6U C 2 6 ? 9.302   1.112   8.271   1.00 44.23 ? 106 F6U C P     1 
HETATM 414 O  OP2   . F6U C 2 6 ? 9.814   2.134   9.275   1.00 49.55 ? 106 F6U C OP2   1 
HETATM 415 O  "O3'" . F6U C 2 6 ? 9.329   1.717   6.867   1.00 39.33 ? 106 F6U C "O3'" 1 
HETATM 416 C  "C3'" . F6U C 2 6 ? 9.094   3.146   6.568   1.00 45.88 ? 106 F6U C "C3'" 1 
HETATM 417 C  C3A   . F6U C 2 6 ? 7.865   3.776   7.190   1.00 45.52 ? 106 F6U C C3A   1 
HETATM 418 C  "C2'" . F6U C 2 6 ? 9.204   3.388   5.066   1.00 45.49 ? 106 F6U C "C2'" 1 
HETATM 419 C  "C1'" . F6U C 2 6 ? 10.570  2.943   4.528   1.00 46.19 ? 106 F6U C "C1'" 1 
HETATM 420 O  "O1'" . F6U C 2 6 ? 11.374  4.032   5.130   1.00 46.64 ? 106 F6U C "O1'" 1 
HETATM 421 N  "N2'" . F6U C 2 6 ? 8.144   2.569   4.492   1.00 46.38 ? 106 F6U C "N2'" 1 
HETATM 422 C  C2A   . F6U C 2 6 ? 7.024   3.067   3.954   1.00 43.10 ? 106 F6U C C2A   1 
HETATM 423 O  O2A   . F6U C 2 6 ? 6.784   4.262   3.865   1.00 41.66 ? 106 F6U C O2A   1 
HETATM 424 C  C2B   . F6U C 2 6 ? 6.033   2.033   3.479   1.00 37.61 ? 106 F6U C C2B   1 
HETATM 425 N  N9    . F6U C 2 6 ? 4.879   2.665   2.852   1.00 36.17 ? 106 F6U C N9    1 
HETATM 426 C  C8    . F6U C 2 6 ? 3.740   3.012   3.482   1.00 36.01 ? 106 F6U C C8    1 
HETATM 427 N  N7    . F6U C 2 6 ? 2.876   3.580   2.607   1.00 36.16 ? 106 F6U C N7    1 
HETATM 428 C  C5    . F6U C 2 6 ? 3.466   3.594   1.408   1.00 33.45 ? 106 F6U C C5    1 
HETATM 429 C  C6    . F6U C 2 6 ? 3.080   4.067   0.069   1.00 35.13 ? 106 F6U C C6    1 
HETATM 430 N  N6    . F6U C 2 6 ? 1.853   4.619   -0.111  1.00 35.81 ? 106 F6U C N6    1 
HETATM 431 C  "C1'" . F6X C 2 7 ? 7.156   -0.334  7.922   1.00 43.32 ? 107 F6X C "C1'" 1 
HETATM 432 N  N1    . F6X C 2 7 ? 2.326   -0.443  4.722   1.00 35.88 ? 107 F6X C N1    1 
HETATM 433 C  C6    . F6X C 2 7 ? 1.059   -0.020  4.844   1.00 35.76 ? 107 F6X C C6    1 
HETATM 434 C  C5    . F6X C 2 7 ? 0.422   0.522   3.740   1.00 34.73 ? 107 F6X C C5    1 
HETATM 435 C  C4    . F6X C 2 7 ? 1.093   0.632   2.527   1.00 35.00 ? 107 F6X C C4    1 
HETATM 436 N  N3    . F6X C 2 7 ? 2.373   0.207   2.403   1.00 34.36 ? 107 F6X C N3    1 
HETATM 437 C  C2    . F6X C 2 7 ? 3.001   -0.326  3.482   1.00 35.67 ? 107 F6X C C2    1 
HETATM 438 O  O2    . F6X C 2 7 ? 4.190   -0.718  3.378   1.00 36.86 ? 107 F6X C O2    1 
HETATM 439 N  N4    . F6X C 2 7 ? 0.462   1.163   1.459   1.00 35.09 ? 107 F6X C N4    1 
HETATM 440 C  "C2'" . F6X C 2 7 ? 5.774   0.294   8.102   1.00 42.73 ? 107 F6X C "C2'" 1 
HETATM 441 C  "C3'" . F6X C 2 7 ? 5.304   0.291   9.547   1.00 45.02 ? 107 F6X C "C3'" 1 
HETATM 442 O  "O3'" . F6X C 2 7 ? 5.153   -1.090  10.070  1.00 49.79 ? 107 F6X C "O3'" 1 
HETATM 443 O  OP1   . F6X C 2 7 ? 5.377   -2.942  11.713  1.00 55.70 ? 107 F6X C OP1   1 
HETATM 444 P  P     . F6X C 2 7 ? 4.668   -1.632  11.419  1.00 49.97 ? 107 F6X C P     1 
HETATM 445 O  OP2   . F6X C 2 7 ? 4.988   -0.617  12.517  1.00 59.31 ? 107 F6X C OP2   1 
HETATM 446 C  C3A   . F6X C 2 7 ? 3.970   1.007   9.711   1.00 44.06 ? 107 F6X C C3A   1 
HETATM 447 O  "O1'" . F6X C 2 7 ? 7.869   0.745   8.638   1.00 45.42 ? 107 F6X C "O1'" 1 
HETATM 448 N  "N2'" . F6X C 2 7 ? 4.773   -0.514  7.413   1.00 41.54 ? 107 F6X C "N2'" 1 
HETATM 449 C  C2A   . F6X C 2 7 ? 3.993   -0.027  6.459   1.00 40.01 ? 107 F6X C C2A   1 
HETATM 450 O  O2A   . F6X C 2 7 ? 3.975   1.152   6.143   1.00 38.32 ? 107 F6X C O2A   1 
HETATM 451 C  C2B   . F6X C 2 7 ? 3.023   -1.022  5.879   1.00 38.01 ? 107 F6X C C2B   1 
HETATM 452 O  O6    . GT3 C 2 8 ? -1.329  -1.781  1.861   1.00 39.33 ? 108 GT3 C O6    1 
HETATM 453 C  C6    . GT3 C 2 8 ? -0.705  -2.303  2.822   1.00 41.95 ? 108 GT3 C C6    1 
HETATM 454 N  N1    . GT3 C 2 8 ? 0.565   -2.784  2.725   1.00 38.75 ? 108 GT3 C N1    1 
HETATM 455 C  C2    . GT3 C 2 8 ? 1.197   -3.336  3.800   1.00 39.09 ? 108 GT3 C C2    1 
HETATM 456 N  N2    . GT3 C 2 8 ? 2.462   -3.818  3.697   1.00 39.94 ? 108 GT3 C N2    1 
HETATM 457 N  N3    . GT3 C 2 8 ? 0.594   -3.414  5.005   1.00 38.79 ? 108 GT3 C N3    1 
HETATM 458 C  C4    . GT3 C 2 8 ? -0.667  -2.945  5.181   1.00 42.68 ? 108 GT3 C C4    1 
HETATM 459 C  C5    . GT3 C 2 8 ? -1.366  -2.382  4.138   1.00 42.43 ? 108 GT3 C C5    1 
HETATM 460 N  N7    . GT3 C 2 8 ? -2.582  -2.006  4.598   1.00 43.66 ? 108 GT3 C N7    1 
HETATM 461 C  C8    . GT3 C 2 8 ? -2.623  -2.339  5.906   1.00 43.78 ? 108 GT3 C C8    1 
HETATM 462 N  N9    . GT3 C 2 8 ? -1.452  -2.904  6.248   1.00 43.83 ? 108 GT3 C N9    1 
HETATM 463 C  C2B   . GT3 C 2 8 ? -1.061  -3.423  7.548   1.00 44.79 ? 108 GT3 C C2B   1 
HETATM 464 C  C2A   . GT3 C 2 8 ? -0.227  -2.445  8.337   1.00 45.28 ? 108 GT3 C C2A   1 
HETATM 465 O  O2A   . GT3 C 2 8 ? 0.183   -1.409  7.840   1.00 42.95 ? 108 GT3 C O2A   1 
HETATM 466 N  "N2'" . GT3 C 2 8 ? 0.303   -2.994  9.423   1.00 51.85 ? 108 GT3 C "N2'" 1 
HETATM 467 C  "C2'" . GT3 C 2 8 ? 1.123   -2.288  10.396  1.00 58.19 ? 108 GT3 C "C2'" 1 
HETATM 468 C  "C3'" . GT3 C 2 8 ? 0.411   -2.695  11.702  1.00 61.67 ? 108 GT3 C "C3'" 1 
HETATM 469 C  C3A   . GT3 C 2 8 ? 1.177   -3.579  12.697  1.00 65.99 ? 108 GT3 C C3A   1 
HETATM 470 O  "O3'" . GT3 C 2 8 ? -0.013  -1.499  12.361  1.00 62.60 ? 108 GT3 C "O3'" 1 
HETATM 471 C  "C1'" . GT3 C 2 8 ? 2.603   -2.656  10.240  1.00 58.77 ? 108 GT3 C "C1'" 1 
HETATM 472 O  "O1'" . GT3 C 2 8 ? 3.161   -1.868  11.364  1.00 55.53 ? 108 GT3 C "O1'" 1 
HETATM 473 C  "C1'" . F6X D 2 1 ? -8.472  -25.854 8.071   1.00 59.65 ? 101 F6X D "C1'" 1 
HETATM 474 N  N1    . F6X D 2 1 ? -10.088 -20.686 5.583   1.00 46.28 ? 101 F6X D N1    1 
HETATM 475 C  C6    . F6X D 2 1 ? -9.879  -20.242 4.267   1.00 47.38 ? 101 F6X D C6    1 
HETATM 476 C  C5    . F6X D 2 1 ? -10.860 -19.525 3.574   1.00 49.02 ? 101 F6X D C5    1 
HETATM 477 C  C4    . F6X D 2 1 ? -12.060 -19.240 4.207   1.00 49.90 ? 101 F6X D C4    1 
HETATM 478 N  N3    . F6X D 2 1 ? -12.228 -19.695 5.512   1.00 48.44 ? 101 F6X D N3    1 
HETATM 479 C  C2    . F6X D 2 1 ? -11.250 -20.411 6.192   1.00 47.83 ? 101 F6X D C2    1 
HETATM 480 O  O2    . F6X D 2 1 ? -11.482 -20.784 7.340   1.00 46.62 ? 101 F6X D O2    1 
HETATM 481 N  N4    . F6X D 2 1 ? -13.041 -18.555 3.605   1.00 49.22 ? 101 F6X D N4    1 
HETATM 482 C  "C2'" . F6X D 2 1 ? -8.672  -25.213 6.685   1.00 53.40 ? 101 F6X D "C2'" 1 
HETATM 483 C  "C3'" . F6X D 2 1 ? -7.662  -25.794 5.682   1.00 51.74 ? 101 F6X D "C3'" 1 
HETATM 484 O  "O3'" . F6X D 2 1 ? -6.302  -25.258 6.017   1.00 43.88 ? 101 F6X D "O3'" 1 
HETATM 485 O  OP1   . F6X D 2 1 ? -4.686  -26.941 5.102   1.00 44.09 ? 101 F6X D OP1   1 
HETATM 486 P  P     . F6X D 2 1 ? -4.828  -25.508 5.604   1.00 43.72 ? 101 F6X D P     1 
HETATM 487 O  OP2   . F6X D 2 1 ? -3.914  -25.268 6.799   1.00 45.33 ? 101 F6X D OP2   1 
HETATM 488 C  C3A   . F6X D 2 1 ? -7.650  -25.163 4.275   1.00 49.20 ? 101 F6X D C3A   1 
HETATM 489 O  "O1'" . F6X D 2 1 ? -8.336  -24.842 9.073   1.00 65.74 ? 101 F6X D "O1'" 1 
HETATM 490 N  "N2'" . F6X D 2 1 ? -8.526  -23.753 6.759   1.00 51.79 ? 101 F6X D "N2'" 1 
HETATM 491 C  C2A   . F6X D 2 1 ? -9.362  -22.931 6.103   1.00 51.27 ? 101 F6X D C2A   1 
HETATM 492 O  O2A   . F6X D 2 1 ? -10.286 -23.329 5.392   1.00 53.54 ? 101 F6X D O2A   1 
HETATM 493 C  C2B   . F6X D 2 1 ? -9.045  -21.434 6.281   1.00 48.82 ? 101 F6X D C2B   1 
HETATM 494 O  O2A   . F73 D 2 2 ? -7.010  -20.495 2.964   1.00 46.37 ? 102 F73 D O2A   1 
HETATM 495 C  "C3'" . F73 D 2 2 ? -4.113  -22.617 2.142   1.00 49.08 ? 102 F73 D "C3'" 1 
HETATM 496 O  "O3'" . F73 D 2 2 ? -2.725  -22.308 2.558   1.00 44.87 ? 102 F73 D "O3'" 1 
HETATM 497 C  "C2'" . F73 D 2 2 ? -4.973  -22.351 3.371   1.00 48.69 ? 102 F73 D "C2'" 1 
HETATM 498 C  "C1'" . F73 D 2 2 ? -4.450  -23.084 4.603   1.00 45.83 ? 102 F73 D "C1'" 1 
HETATM 499 N  N9    . F73 D 2 2 ? -6.948  -17.933 3.439   1.00 42.35 ? 102 F73 D N9    1 
HETATM 500 C  C8    . F73 D 2 2 ? -7.413  -17.408 2.294   1.00 41.07 ? 102 F73 D C8    1 
HETATM 501 N  N7    . F73 D 2 2 ? -8.640  -16.850 2.489   1.00 43.51 ? 102 F73 D N7    1 
HETATM 502 C  C5    . F73 D 2 2 ? -8.963  -17.024 3.780   1.00 42.22 ? 102 F73 D C5    1 
HETATM 503 C  C6    . F73 D 2 2 ? -10.114 -16.678 4.640   1.00 42.43 ? 102 F73 D C6    1 
HETATM 504 O  O6    . F73 D 2 2 ? -11.093 -16.066 4.156   1.00 45.31 ? 102 F73 D O6    1 
HETATM 505 N  N1    . F73 D 2 2 ? -10.064 -17.053 5.940   1.00 43.27 ? 102 F73 D N1    1 
HETATM 506 C  C2    . F73 D 2 2 ? -8.994  -17.723 6.453   1.00 43.92 ? 102 F73 D C2    1 
HETATM 507 N  N2    . F73 D 2 2 ? -8.992  -18.068 7.757   1.00 42.79 ? 102 F73 D N2    1 
HETATM 508 N  N3    . F73 D 2 2 ? -7.907  -18.065 5.712   1.00 41.62 ? 102 F73 D N3    1 
HETATM 509 C  C4    . F73 D 2 2 ? -7.847  -17.748 4.399   1.00 41.03 ? 102 F73 D C4    1 
HETATM 510 O  OP2   . F73 D 2 2 ? -0.309  -22.838 2.851   1.00 48.50 ? 102 F73 D OP2   1 
HETATM 511 P  P     . F73 D 2 2 ? -1.433  -22.690 1.834   1.00 44.07 ? 102 F73 D P     1 
HETATM 512 O  OP1   . F73 D 2 2 ? -1.633  -24.002 1.086   1.00 45.31 ? 102 F73 D OP1   1 
HETATM 513 C  C3A   . F73 D 2 2 ? -4.714  -22.071 0.859   1.00 49.01 ? 102 F73 D C3A   1 
HETATM 514 O  "O1'" . F73 D 2 2 ? -4.455  -24.556 4.475   1.00 42.23 ? 102 F73 D "O1'" 1 
HETATM 515 N  "N2'" . F73 D 2 2 ? -4.891  -20.911 3.583   1.00 48.19 ? 102 F73 D "N2'" 1 
HETATM 516 C  C2A   . F73 D 2 2 ? -5.923  -20.102 3.361   1.00 47.38 ? 102 F73 D C2A   1 
HETATM 517 C  C2B   . F73 D 2 2 ? -5.682  -18.636 3.622   1.00 42.83 ? 102 F73 D C2B   1 
HETATM 518 N  N1    . F6U D 2 3 ? -6.659  -14.680 4.686   1.00 45.28 ? 103 F6U D N1    1 
HETATM 519 C  C2    . F6U D 2 3 ? -5.429  -15.417 5.034   1.00 47.12 ? 103 F6U D C2    1 
HETATM 520 N  N3    . F6U D 2 3 ? -4.465  -15.577 3.943   1.00 45.95 ? 103 F6U D N3    1 
HETATM 521 C  C4    . F6U D 2 3 ? -4.686  -15.092 2.698   1.00 47.25 ? 103 F6U D C4    1 
HETATM 522 O  OP1   . F6U D 2 3 ? 2.536   -19.193 -1.801  1.00 50.24 ? 103 F6U D OP1   1 
HETATM 523 P  P     . F6U D 2 3 ? 1.074   -19.045 -2.207  1.00 48.02 ? 103 F6U D P     1 
HETATM 524 O  OP2   . F6U D 2 3 ? 0.677   -20.184 -3.144  1.00 46.37 ? 103 F6U D OP2   1 
HETATM 525 O  "O3'" . F6U D 2 3 ? 0.201   -19.074 -0.954  1.00 46.93 ? 103 F6U D "O3'" 1 
HETATM 526 C  "C3'" . F6U D 2 3 ? -1.249  -19.368 -0.956  1.00 50.69 ? 103 F6U D "C3'" 1 
HETATM 527 C  C3A   . F6U D 2 3 ? -2.193  -18.816 -2.002  1.00 50.64 ? 103 F6U D C3A   1 
HETATM 528 C  "C2'" . F6U D 2 3 ? -1.803  -19.337 0.465   1.00 50.09 ? 103 F6U D "C2'" 1 
HETATM 529 C  "C1'" . F6U D 2 3 ? -0.981  -20.225 1.409   1.00 49.64 ? 103 F6U D "C1'" 1 
HETATM 530 O  "O1'" . F6U D 2 3 ? -1.085  -21.592 0.841   1.00 40.26 ? 103 F6U D "O1'" 1 
HETATM 531 N  "N2'" . F6U D 2 3 ? -1.746  -17.940 0.889   1.00 50.42 ? 103 F6U D "N2'" 1 
HETATM 532 C  C2A   . F6U D 2 3 ? -2.843  -17.199 1.034   1.00 48.27 ? 103 F6U D C2A   1 
HETATM 533 O  O2A   . F6U D 2 3 ? -3.959  -17.649 0.847   1.00 45.82 ? 103 F6U D O2A   1 
HETATM 534 C  C2B   . F6U D 2 3 ? -2.656  -15.763 1.474   1.00 49.47 ? 103 F6U D C2B   1 
HETATM 535 N  N9    . F6U D 2 3 ? -3.970  -15.114 1.579   1.00 46.79 ? 103 F6U D N9    1 
HETATM 536 C  C8    . F6U D 2 3 ? -4.658  -14.484 0.604   1.00 45.99 ? 103 F6U D C8    1 
HETATM 537 N  N7    . F6U D 2 3 ? -5.842  -14.026 1.085   1.00 44.88 ? 103 F6U D N7    1 
HETATM 538 C  C5    . F6U D 2 3 ? -5.925  -14.366 2.380   1.00 46.14 ? 103 F6U D C5    1 
HETATM 539 C  C6    . F6U D 2 3 ? -6.924  -14.183 3.456   1.00 45.63 ? 103 F6U D C6    1 
HETATM 540 N  N6    . F6U D 2 3 ? -8.076  -13.521 3.202   1.00 47.01 ? 103 F6U D N6    1 
HETATM 541 C  "C1'" . F6X D 2 4 ? 0.954   -16.411 -2.235  1.00 53.47 ? 104 F6X D "C1'" 1 
HETATM 542 N  N1    . F6X D 2 4 ? -2.288  -11.818 -0.627  1.00 39.61 ? 104 F6X D N1    1 
HETATM 543 C  C6    . F6X D 2 4 ? -3.303  -11.201 -1.249  1.00 40.48 ? 104 F6X D C6    1 
HETATM 544 C  C5    . F6X D 2 4 ? -4.409  -10.786 -0.515  1.00 37.67 ? 104 F6X D C5    1 
HETATM 545 C  C4    . F6X D 2 4 ? -4.460  -11.011 0.850   1.00 39.02 ? 104 F6X D C4    1 
HETATM 546 N  N3    . F6X D 2 4 ? -3.425  -11.638 1.482   1.00 38.46 ? 104 F6X D N3    1 
HETATM 547 C  C2    . F6X D 2 4 ? -2.347  -12.049 0.768   1.00 40.29 ? 104 F6X D C2    1 
HETATM 548 O  O2    . F6X D 2 4 ? -1.393  -12.631 1.351   1.00 36.70 ? 104 F6X D O2    1 
HETATM 549 N  N4    . F6X D 2 4 ? -5.546  -10.586 1.528   1.00 40.47 ? 104 F6X D N4    1 
HETATM 550 C  "C2'" . F6X D 2 4 ? -0.177  -15.621 -2.900  1.00 50.72 ? 104 F6X D "C2'" 1 
HETATM 551 C  "C3'" . F6X D 2 4 ? 0.030   -15.481 -4.403  1.00 51.00 ? 104 F6X D "C3'" 1 
HETATM 552 O  "O3'" . F6X D 2 4 ? 1.330   -14.842 -4.712  1.00 45.80 ? 104 F6X D "O3'" 1 
HETATM 553 O  OP1   . F6X D 2 4 ? 3.703   -14.967 -5.439  1.00 47.13 ? 104 F6X D OP1   1 
HETATM 554 P  P     . F6X D 2 4 ? 2.264   -14.801 -5.917  1.00 45.64 ? 104 F6X D P     1 
HETATM 555 O  OP2   . F6X D 2 4 ? 1.906   -15.925 -6.883  1.00 47.70 ? 104 F6X D OP2   1 
HETATM 556 C  C3A   . F6X D 2 4 ? -1.194  -14.984 -5.136  1.00 51.48 ? 104 F6X D C3A   1 
HETATM 557 O  "O1'" . F6X D 2 4 ? 0.885   -17.721 -2.925  1.00 51.34 ? 104 F6X D "O1'" 1 
HETATM 558 N  "N2'" . F6X D 2 4 ? -0.190  -14.247 -2.417  1.00 48.81 ? 104 F6X D "N2'" 1 
HETATM 559 C  C2A   . F6X D 2 4 ? -1.257  -13.708 -1.838  1.00 45.85 ? 104 F6X D C2A   1 
HETATM 560 O  O2A   . F6X D 2 4 ? -2.140  -14.404 -1.382  1.00 48.20 ? 104 F6X D O2A   1 
HETATM 561 C  C2B   . F6X D 2 4 ? -1.117  -12.265 -1.401  1.00 45.31 ? 104 F6X D C2B   1 
HETATM 562 O  O2A   . F73 D 2 5 ? -0.814  -10.431 -4.221  1.00 51.49 ? 105 F73 D O2A   1 
HETATM 563 C  "C3'" . F73 D 2 5 ? 0.879   -11.033 -7.520  1.00 45.90 ? 105 F73 D "C3'" 1 
HETATM 564 O  "O3'" . F73 D 2 5 ? 2.010   -10.266 -8.093  1.00 48.49 ? 105 F73 D "O3'" 1 
HETATM 565 C  "C2'" . F73 D 2 5 ? 1.023   -11.428 -6.054  1.00 46.34 ? 105 F73 D "C2'" 1 
HETATM 566 C  "C1'" . F73 D 2 5 ? 2.293   -12.247 -5.786  1.00 47.49 ? 105 F73 D "C1'" 1 
HETATM 567 N  N9    . F73 D 2 5 ? -0.636  -8.205  -2.854  1.00 41.42 ? 105 F73 D N9    1 
HETATM 568 C  C8    . F73 D 2 5 ? -1.840  -7.627  -3.033  1.00 40.70 ? 105 F73 D C8    1 
HETATM 569 N  N7    . F73 D 2 5 ? -2.541  -7.615  -1.873  1.00 39.06 ? 105 F73 D N7    1 
HETATM 570 C  C5    . F73 D 2 5 ? -1.766  -8.199  -0.936  1.00 39.32 ? 105 F73 D C5    1 
HETATM 571 C  C6    . F73 D 2 5 ? -1.873  -8.524  0.503   1.00 39.48 ? 105 F73 D C6    1 
HETATM 572 O  O6    . F73 D 2 5 ? -2.901  -8.236  1.155   1.00 38.76 ? 105 F73 D O6    1 
HETATM 573 N  N1    . F73 D 2 5 ? -0.822  -9.143  1.088   1.00 38.88 ? 105 F73 D N1    1 
HETATM 574 C  C2    . F73 D 2 5 ? 0.313   -9.470  0.411   1.00 37.35 ? 105 F73 D C2    1 
HETATM 575 N  N2    . F73 D 2 5 ? 1.346   -10.087 1.036   1.00 38.78 ? 105 F73 D N2    1 
HETATM 576 N  N3    . F73 D 2 5 ? 0.469   -9.207  -0.895  1.00 38.33 ? 105 F73 D N3    1 
HETATM 577 C  C4    . F73 D 2 5 ? -0.517  -8.588  -1.599  1.00 38.42 ? 105 F73 D C4    1 
HETATM 578 O  OP2   . F73 D 2 5 ? 1.687   -10.810 -10.491 1.00 47.49 ? 105 F73 D OP2   1 
HETATM 579 P  P     . F73 D 2 5 ? 2.326   -9.835  -9.515  1.00 44.40 ? 105 F73 D P     1 
HETATM 580 O  OP1   . F73 D 2 5 ? 3.842   -9.828  -9.714  1.00 46.16 ? 105 F73 D OP1   1 
HETATM 581 C  C3A   . F73 D 2 5 ? -0.479  -10.460 -7.856  1.00 42.35 ? 105 F73 D C3A   1 
HETATM 582 O  "O1'" . F73 D 2 5 ? 2.122   -13.463 -6.616  1.00 49.76 ? 105 F73 D "O1'" 1 
HETATM 583 N  "N2'" . F73 D 2 5 ? 1.101   -10.152 -5.355  1.00 45.55 ? 105 F73 D "N2'" 1 
HETATM 584 C  C2A   . F73 D 2 5 ? 0.172   -9.762  -4.495  1.00 44.68 ? 105 F73 D C2A   1 
HETATM 585 C  C2B   . F73 D 2 5 ? 0.393   -8.415  -3.863  1.00 43.20 ? 105 F73 D C2B   1 
HETATM 586 N  N1    . F6U D 2 6 ? 0.507   -5.592  -0.706  1.00 35.26 ? 106 F6U D N1    1 
HETATM 587 C  C2    . F6U D 2 6 ? 1.525   -5.821  -1.737  1.00 34.64 ? 106 F6U D C2    1 
HETATM 588 N  N3    . F6U D 2 6 ? 1.207   -5.341  -3.079  1.00 35.37 ? 106 F6U D N3    1 
HETATM 589 C  C4    . F6U D 2 6 ? 0.023   -4.735  -3.353  1.00 35.71 ? 106 F6U D C4    1 
HETATM 590 O  OP1   . F6U D 2 6 ? 0.107   -5.082  -12.561 1.00 49.32 ? 106 F6U D OP1   1 
HETATM 591 P  P     . F6U D 2 6 ? 0.672   -4.212  -11.446 1.00 45.05 ? 106 F6U D P     1 
HETATM 592 O  OP2   . F6U D 2 6 ? 1.977   -3.569  -11.903 1.00 45.40 ? 106 F6U D OP2   1 
HETATM 593 O  "O3'" . F6U D 2 6 ? 0.936   -5.074  -10.218 1.00 44.77 ? 106 F6U D "O3'" 1 
HETATM 594 C  "C3'" . F6U D 2 6 ? -0.048  -6.091  -9.778  1.00 44.76 ? 106 F6U D "C3'" 1 
HETATM 595 C  C3A   . F6U D 2 6 ? -1.514  -5.768  -9.590  1.00 46.24 ? 106 F6U D C3A   1 
HETATM 596 C  "C2'" . F6U D 2 6 ? 0.550   -6.712  -8.534  1.00 45.13 ? 106 F6U D "C2'" 1 
HETATM 597 C  "C1'" . F6U D 2 6 ? 1.931   -7.323  -8.794  1.00 48.57 ? 106 F6U D "C1'" 1 
HETATM 598 O  "O1'" . F6U D 2 6 ? 1.770   -8.441  -9.760  1.00 50.54 ? 106 F6U D "O1'" 1 
HETATM 599 N  "N2'" . F6U D 2 6 ? 0.632   -5.573  -7.634  1.00 38.35 ? 106 F6U D "N2'" 1 
HETATM 600 C  C2A   . F6U D 2 6 ? -0.068  -5.487  -6.504  1.00 39.76 ? 106 F6U D C2A   1 
HETATM 601 O  O2A   . F6U D 2 6 ? -0.945  -6.278  -6.160  1.00 43.05 ? 106 F6U D O2A   1 
HETATM 602 C  C2B   . F6U D 2 6 ? 0.172   -4.210  -5.746  1.00 36.87 ? 106 F6U D C2B   1 
HETATM 603 N  N9    . F6U D 2 6 ? -0.497  -4.225  -4.456  1.00 37.09 ? 106 F6U D N9    1 
HETATM 604 C  C8    . F6U D 2 6 ? -1.718  -3.733  -4.178  1.00 35.85 ? 106 F6U D C8    1 
HETATM 605 N  N7    . F6U D 2 6 ? -2.031  -3.913  -2.875  1.00 34.39 ? 106 F6U D N7    1 
HETATM 606 C  C5    . F6U D 2 6 ? -0.979  -4.527  -2.299  1.00 34.36 ? 106 F6U D C5    1 
HETATM 607 C  C6    . F6U D 2 6 ? -0.686  -5.002  -0.943  1.00 36.39 ? 106 F6U D C6    1 
HETATM 608 N  N6    . F6U D 2 6 ? -1.595  -4.821  0.045   1.00 37.03 ? 106 F6U D N6    1 
HETATM 609 C  "C1'" . F6X D 2 7 ? 0.096   -2.140  -10.073 1.00 44.41 ? 107 F6X D "C1'" 1 
HETATM 610 N  N1    . F6X D 2 7 ? -1.222  -0.097  -4.882  1.00 33.76 ? 107 F6X D N1    1 
HETATM 611 C  C6    . F6X D 2 7 ? -2.235  0.295   -4.100  1.00 33.19 ? 107 F6X D C6    1 
HETATM 612 C  C5    . F6X D 2 7 ? -2.253  -0.028  -2.752  1.00 31.49 ? 107 F6X D C5    1 
HETATM 613 C  C4    . F6X D 2 7 ? -1.195  -0.758  -2.219  1.00 34.01 ? 107 F6X D C4    1 
HETATM 614 N  N3    . F6X D 2 7 ? -0.169  -1.159  -3.005  1.00 33.18 ? 107 F6X D N3    1 
HETATM 615 C  C2    . F6X D 2 7 ? -0.156  -0.847  -4.316  1.00 33.42 ? 107 F6X D C2    1 
HETATM 616 O  O2    . F6X D 2 7 ? 0.797   -1.230  -5.029  1.00 36.25 ? 107 F6X D O2    1 
HETATM 617 N  N4    . F6X D 2 7 ? -1.203  -1.070  -0.911  1.00 36.06 ? 107 F6X D N4    1 
HETATM 618 C  "C2'" . F6X D 2 7 ? -1.263  -1.778  -9.473  1.00 43.03 ? 107 F6X D "C2'" 1 
HETATM 619 C  "C3'" . F6X D 2 7 ? -2.192  -1.133  -10.496 1.00 42.58 ? 107 F6X D "C3'" 1 
HETATM 620 O  "O3'" . F6X D 2 7 ? -1.680  0.168   -10.974 1.00 43.95 ? 107 F6X D "O3'" 1 
HETATM 621 O  OP1   . F6X D 2 7 ? -1.166  2.005   -12.570 1.00 47.46 ? 107 F6X D OP1   1 
HETATM 622 P  P     . F6X D 2 7 ? -2.287  1.252   -11.866 1.00 45.89 ? 107 F6X D P     1 
HETATM 623 O  OP2   . F6X D 2 7 ? -3.214  0.603   -12.902 1.00 45.57 ? 107 F6X D OP2   1 
HETATM 624 C  C3A   . F6X D 2 7 ? -3.593  -0.916  -9.952  1.00 38.04 ? 107 F6X D C3A   1 
HETATM 625 O  "O1'" . F6X D 2 7 ? -0.328  -3.127  -11.093 1.00 46.16 ? 107 F6X D "O1'" 1 
HETATM 626 N  "N2'" . F6X D 2 7 ? -1.100  -0.762  -8.444  1.00 38.99 ? 107 F6X D "N2'" 1 
HETATM 627 C  C2A   . F6X D 2 7 ? -1.455  -0.934  -7.179  1.00 35.89 ? 107 F6X D C2A   1 
HETATM 628 O  O2A   . F6X D 2 7 ? -2.095  -1.882  -6.772  1.00 41.50 ? 107 F6X D O2A   1 
HETATM 629 C  C2B   . F6X D 2 7 ? -1.200  0.253   -6.299  1.00 35.52 ? 107 F6X D C2B   1 
HETATM 630 O  O6    . GT3 D 2 8 ? -0.821  2.468   -0.774  1.00 36.54 ? 108 GT3 D O6    1 
HETATM 631 C  C6    . GT3 D 2 8 ? -0.755  2.740   -2.002  1.00 37.05 ? 108 GT3 D C6    1 
HETATM 632 N  N1    . GT3 D 2 8 ? 0.272   2.328   -2.777  1.00 32.06 ? 108 GT3 D N1    1 
HETATM 633 C  C2    . GT3 D 2 8 ? 0.345   2.621   -4.106  1.00 36.01 ? 108 GT3 D C2    1 
HETATM 634 N  N2    . GT3 D 2 8 ? 1.404   2.201   -4.834  1.00 34.24 ? 108 GT3 D N2    1 
HETATM 635 N  N3    . GT3 D 2 8 ? -0.616  3.341   -4.740  1.00 34.04 ? 108 GT3 D N3    1 
HETATM 636 C  C4    . GT3 D 2 8 ? -1.680  3.786   -4.031  1.00 35.53 ? 108 GT3 D C4    1 
HETATM 637 C  C5    . GT3 D 2 8 ? -1.814  3.521   -2.678  1.00 35.85 ? 108 GT3 D C5    1 
HETATM 638 N  N7    . GT3 D 2 8 ? -2.969  4.089   -2.269  1.00 37.02 ? 108 GT3 D N7    1 
HETATM 639 C  C8    . GT3 D 2 8 ? -3.527  4.687   -3.346  1.00 35.27 ? 108 GT3 D C8    1 
HETATM 640 N  N9    . GT3 D 2 8 ? -2.747  4.488   -4.411  1.00 35.01 ? 108 GT3 D N9    1 
HETATM 641 C  C2B   . GT3 D 2 8 ? -2.920  4.952   -5.780  1.00 33.75 ? 108 GT3 D C2B   1 
HETATM 642 C  C2A   . GT3 D 2 8 ? -3.305  3.833   -6.733  1.00 37.36 ? 108 GT3 D C2A   1 
HETATM 643 O  O2A   . GT3 D 2 8 ? -3.688  2.731   -6.341  1.00 37.48 ? 108 GT3 D O2A   1 
HETATM 644 N  "N2'" . GT3 D 2 8 ? -3.283  4.244   -8.026  1.00 41.83 ? 108 GT3 D "N2'" 1 
HETATM 645 C  "C2'" . GT3 D 2 8 ? -3.645  3.416   -9.169  1.00 48.60 ? 108 GT3 D "C2'" 1 
HETATM 646 C  "C3'" . GT3 D 2 8 ? -4.555  4.382   -9.973  1.00 53.48 ? 108 GT3 D "C3'" 1 
HETATM 647 C  C3A   . GT3 D 2 8 ? -3.964  5.030   -11.235 1.00 55.00 ? 108 GT3 D C3A   1 
HETATM 648 O  "O3'" . GT3 D 2 8 ? -5.736  3.652   -10.309 1.00 58.13 ? 108 GT3 D "O3'" 1 
HETATM 649 C  "C1'" . GT3 D 2 8 ? -2.398  2.849   -9.846  1.00 47.85 ? 108 GT3 D "C1'" 1 
HETATM 650 O  "O1'" . GT3 D 2 8 ? -3.082  2.221   -11.000 1.00 43.90 ? 108 GT3 D "O1'" 1 
HETATM 651 O  O     . HOH E 3 . ? 1.085   1.191   -8.871  1.00 42.46 ? 101 HOH A O     1 
HETATM 652 O  O     . HOH E 3 . ? -0.988  6.947   -2.478  1.00 38.96 ? 102 HOH A O     1 
HETATM 653 O  O     . HOH E 3 . ? 10.657  -3.021  -5.978  1.00 54.21 ? 103 HOH A O     1 
HETATM 654 O  O     . HOH E 3 . ? -3.281  13.191  -3.645  1.00 57.87 ? 104 HOH A O     1 
HETATM 655 O  O     . HOH E 3 . ? -2.577  11.017  -0.977  1.00 48.25 ? 105 HOH A O     1 
HETATM 656 O  O     . HOH F 3 . ? 3.555   -12.708 4.125   1.00 54.76 ? 101 HOH B O     1 
HETATM 657 O  O     . HOH F 3 . ? -13.685 -12.112 15.782  1.00 35.75 ? 102 HOH B O     1 
HETATM 658 O  O     . HOH F 3 . ? -2.656  -5.339  4.182   1.00 47.59 ? 103 HOH B O     1 
HETATM 659 O  O     . HOH G 3 . ? 15.707  11.639  1.150   0.50 35.54 ? 201 HOH C O     1 
HETATM 660 O  O     . HOH G 3 . ? 9.397   12.435  -5.924  1.00 44.70 ? 202 HOH C O     1 
HETATM 661 O  O     . HOH G 3 . ? 10.063  3.487   0.793   1.00 44.54 ? 203 HOH C O     1 
HETATM 662 O  O     . HOH G 3 . ? 7.942   17.306  -7.575  1.00 46.38 ? 204 HOH C O     1 
HETATM 663 O  O     . HOH G 3 . ? 8.321   -0.427  4.074   1.00 43.78 ? 205 HOH C O     1 
HETATM 664 O  O     . HOH G 3 . ? -3.354  -5.645  6.775   1.00 51.29 ? 206 HOH C O     1 
HETATM 665 O  O     . HOH G 3 . ? 8.453   -4.482  9.395   1.00 49.28 ? 207 HOH C O     1 
HETATM 666 O  O     . HOH G 3 . ? 16.977  9.623   -4.066  1.00 31.32 ? 208 HOH C O     1 
HETATM 667 O  O     . HOH H 3 . ? -5.391  2.298   -4.411  1.00 42.41 ? 201 HOH D O     1 
HETATM 668 O  O     . HOH H 3 . ? -1.865  6.485   -8.696  1.00 41.87 ? 202 HOH D O     1 
HETATM 669 O  O     . HOH H 3 . ? -2.332  -17.209 4.701   1.00 45.65 ? 203 HOH D O     1 
HETATM 670 O  O     . HOH H 3 . ? -2.548  8.313   -4.349  1.00 44.76 ? 204 HOH D O     1 
HETATM 671 O  O     . HOH H 3 . ? -12.069 -14.720 -0.073  1.00 41.93 ? 205 HOH D O     1 
# 
loop_
_atom_site_anisotrop.id 
_atom_site_anisotrop.type_symbol 
_atom_site_anisotrop.pdbx_label_atom_id 
_atom_site_anisotrop.pdbx_label_alt_id 
_atom_site_anisotrop.pdbx_label_comp_id 
_atom_site_anisotrop.pdbx_label_asym_id 
_atom_site_anisotrop.pdbx_label_seq_id 
_atom_site_anisotrop.pdbx_PDB_ins_code 
_atom_site_anisotrop.U[1][1] 
_atom_site_anisotrop.U[2][2] 
_atom_site_anisotrop.U[3][3] 
_atom_site_anisotrop.U[1][2] 
_atom_site_anisotrop.U[1][3] 
_atom_site_anisotrop.U[2][3] 
_atom_site_anisotrop.pdbx_auth_seq_id 
_atom_site_anisotrop.pdbx_auth_comp_id 
_atom_site_anisotrop.pdbx_auth_asym_id 
_atom_site_anisotrop.pdbx_auth_atom_id 
1   O  "O5'" . G   A 1 ? 0.6147 0.9501 1.2622 0.0217  0.0671  0.0227  1   G   A "O5'" 
2   C  "C5'" . G   A 1 ? 0.5661 0.9692 1.2197 0.0828  0.0211  0.0423  1   G   A "C5'" 
3   C  "C4'" . G   A 1 ? 0.5271 0.9883 1.2109 0.1786  -0.0270 0.0537  1   G   A "C4'" 
4   O  "O4'" . G   A 1 ? 0.5521 0.9590 1.2068 0.1887  0.0518  0.0381  1   G   A "O4'" 
5   C  "C3'" . G   A 1 ? 0.5261 0.9672 1.2446 0.1720  -0.0306 0.0289  1   G   A "C3'" 
6   O  "O3'" . G   A 1 ? 0.6687 1.1788 1.3450 0.0740  -0.1341 -0.0254 1   G   A "O3'" 
7   C  "C2'" . G   A 1 ? 0.5065 0.9618 1.2049 0.2100  -0.0422 0.0549  1   G   A "C2'" 
8   O  "O2'" . G   A 1 ? 0.4518 1.0214 1.2335 0.1912  -0.0927 0.0882  1   G   A "O2'" 
9   C  "C1'" . G   A 1 ? 0.5896 0.9691 1.1244 0.1629  0.0031  0.0497  1   G   A "C1'" 
10  N  N9    . G   A 1 ? 0.6026 0.9068 1.0563 0.1388  0.0282  0.0483  1   G   A N9    
11  C  C8    . G   A 1 ? 0.6309 0.8363 1.0241 0.1164  0.0238  0.0019  1   G   A C8    
12  N  N7    . G   A 1 ? 0.5993 0.7430 0.9703 0.0712  0.0265  0.0416  1   G   A N7    
13  C  C5    . G   A 1 ? 0.6160 0.8056 0.9628 0.1248  0.0344  0.0583  1   G   A C5    
14  C  C6    . G   A 1 ? 0.5739 0.7910 0.8997 0.1027  0.0193  0.1117  1   G   A C6    
15  O  O6    . G   A 1 ? 0.5016 0.7465 0.8743 0.0953  0.1052  0.1065  1   G   A O6    
16  N  N1    . G   A 1 ? 0.4867 0.8623 0.8818 0.0981  0.0480  0.0922  1   G   A N1    
17  C  C2    . G   A 1 ? 0.6447 0.7841 0.8626 0.1138  0.0168  0.0925  1   G   A C2    
18  N  N2    . G   A 1 ? 0.5979 0.7445 0.8474 0.1103  -0.0530 0.1036  1   G   A N2    
19  N  N3    . G   A 1 ? 0.6433 0.8436 0.9465 0.1558  0.0016  0.1097  1   G   A N3    
20  C  C4    . G   A 1 ? 0.6508 0.8561 0.9538 0.1343  0.0311  0.0847  1   G   A C4    
21  P  P     . C   A 2 ? 0.6864 1.2414 1.3335 0.0089  -0.1763 -0.0244 2   C   A P     
22  O  OP1   . C   A 2 ? 0.7544 1.2855 1.2808 -0.1026 -0.2685 -0.0213 2   C   A OP1   
23  O  OP2   . C   A 2 ? 0.6266 1.0703 1.4515 -0.0988 -0.1437 -0.0832 2   C   A OP2   
24  O  "O5'" . C   A 2 ? 0.5855 1.1764 1.1602 0.1544  -0.2919 0.0864  2   C   A "O5'" 
25  C  "C5'" . C   A 2 ? 0.6402 1.0269 1.1169 0.1568  -0.2364 0.1287  2   C   A "C5'" 
26  C  "C4'" . C   A 2 ? 0.5809 0.9299 1.0463 0.2167  -0.2798 0.1062  2   C   A "C4'" 
27  O  "O4'" . C   A 2 ? 0.6069 0.8930 0.9809 0.1843  -0.2427 0.0987  2   C   A "O4'" 
28  C  "C3'" . C   A 2 ? 0.6057 0.8428 1.0447 0.1888  -0.3222 0.1504  2   C   A "C3'" 
29  O  "O3'" . C   A 2 ? 0.5846 0.8301 1.1733 0.1632  -0.3615 0.1265  2   C   A "O3'" 
30  C  "C2'" . C   A 2 ? 0.6894 0.8315 0.9349 0.1641  -0.2363 0.1876  2   C   A "C2'" 
31  O  "O2'" . C   A 2 ? 0.6891 0.7977 0.9969 0.2802  -0.2627 0.2387  2   C   A "O2'" 
32  C  "C1'" . C   A 2 ? 0.6077 0.8772 0.9579 0.1541  -0.1897 0.1391  2   C   A "C1'" 
33  N  N1    . C   A 2 ? 0.4172 0.8775 0.8508 0.1612  -0.1113 0.0931  2   C   A N1    
34  C  C2    . C   A 2 ? 0.4376 0.8628 0.8512 0.1469  -0.0515 0.1107  2   C   A C2    
35  O  O2    . C   A 2 ? 0.3450 0.8570 0.8929 0.2428  0.0271  0.0492  2   C   A O2    
36  N  N3    . C   A 2 ? 0.2710 0.8870 0.8721 0.1255  -0.0926 0.0841  2   C   A N3    
37  C  C4    . C   A 2 ? 0.4380 0.8475 0.8599 0.1822  -0.0591 0.0922  2   C   A C4    
38  N  N4    . C   A 2 ? 0.4588 0.8353 0.8998 0.1590  -0.0651 0.1284  2   C   A N4    
39  C  C5    . C   A 2 ? 0.3997 0.9027 0.8491 0.1256  -0.0459 0.0707  2   C   A C5    
40  C  C6    . C   A 2 ? 0.4000 0.8999 0.8891 0.2008  -0.0402 0.0525  2   C   A C6    
41  P  P     . U   A 3 ? 0.7000 0.8644 1.1428 0.0876  -0.3268 0.0949  3   U   A P     
42  O  OP1   . U   A 3 ? 0.7805 0.7639 1.1298 0.0057  -0.3418 -0.0231 3   U   A OP1   
43  O  OP2   . U   A 3 ? 0.5811 0.8261 1.1410 -0.0316 -0.2706 0.0993  3   U   A OP2   
44  O  "O5'" . U   A 3 ? 0.6473 0.8218 1.0085 0.0397  -0.3587 0.1028  3   U   A "O5'" 
45  C  "C5'" . U   A 3 ? 0.6574 0.8528 0.9835 0.0323  -0.3272 0.0721  3   U   A "C5'" 
46  C  "C4'" . U   A 3 ? 0.7089 0.8272 0.9790 0.0701  -0.3000 0.0827  3   U   A "C4'" 
47  O  "O4'" . U   A 3 ? 0.6643 0.8856 1.0168 0.1885  -0.3495 0.1059  3   U   A "O4'" 
48  C  "C3'" . U   A 3 ? 0.6697 0.8324 0.9458 0.1029  -0.2738 0.0827  3   U   A "C3'" 
49  O  "O3'" . U   A 3 ? 0.7341 0.7940 0.9672 0.1385  -0.3128 0.0900  3   U   A "O3'" 
50  C  "C2'" . U   A 3 ? 0.6723 0.7750 0.8731 0.1477  -0.2444 0.1107  3   U   A "C2'" 
51  O  "O2'" . U   A 3 ? 0.6724 0.7579 0.8472 0.1125  -0.3142 0.1979  3   U   A "O2'" 
52  C  "C1'" . U   A 3 ? 0.5974 0.8075 0.8902 0.1241  -0.2464 0.1023  3   U   A "C1'" 
53  N  N1    . U   A 3 ? 0.3838 0.7692 0.8680 0.1666  -0.2116 0.0740  3   U   A N1    
54  C  C2    . U   A 3 ? 0.3559 0.6555 0.8105 0.1338  -0.1723 0.0598  3   U   A C2    
55  O  O2    . U   A 3 ? 0.4098 0.6647 0.8422 0.0739  -0.1210 0.0660  3   U   A O2    
56  N  N3    . U   A 3 ? 0.2891 0.6887 0.8219 0.1498  -0.1691 0.0997  3   U   A N3    
57  C  C4    . U   A 3 ? 0.3589 0.6873 0.8270 0.1767  -0.1509 0.0992  3   U   A C4    
58  O  O4    . U   A 3 ? 0.4204 0.7540 0.7772 0.1031  -0.1551 0.0444  3   U   A O4    
59  C  C5    . U   A 3 ? 0.3045 0.7972 0.8620 0.1662  -0.1532 0.0791  3   U   A C5    
60  C  C6    . U   A 3 ? 0.4002 0.7578 0.8735 0.1696  -0.1779 0.0922  3   U   A C6    
61  P  P     . G   A 4 ? 0.7840 0.8326 1.0386 0.0435  -0.2274 0.1107  4   G   A P     
62  O  OP1   . G   A 4 ? 0.8429 0.8232 1.0953 0.0100  -0.2559 0.0548  4   G   A OP1   
63  O  OP2   . G   A 4 ? 0.7856 0.7396 0.9741 0.0854  -0.2665 0.1192  4   G   A OP2   
64  O  "O5'" . G   A 4 ? 0.6927 0.7661 0.9671 -0.0458 -0.2860 0.0840  4   G   A "O5'" 
65  C  "C5'" . G   A 4 ? 0.6496 0.7449 0.9334 -0.0144 -0.3248 0.0982  4   G   A "C5'" 
66  C  "C4'" . G   A 4 ? 0.6346 0.7592 0.9676 -0.0207 -0.2751 0.0570  4   G   A "C4'" 
67  O  "O4'" . G   A 4 ? 0.5653 0.7377 0.9503 0.0170  -0.3091 0.1199  4   G   A "O4'" 
68  C  "C3'" . G   A 4 ? 0.5744 0.7755 1.0165 0.0153  -0.3235 0.1030  4   G   A "C3'" 
69  O  "O3'" . G   A 4 ? 0.7477 0.8182 1.0948 0.0066  -0.3261 0.0518  4   G   A "O3'" 
70  C  "C2'" . G   A 4 ? 0.5015 0.7317 0.9633 -0.0205 -0.2206 0.0552  4   G   A "C2'" 
71  O  "O2'" . G   A 4 ? 0.5619 0.7012 0.9101 -0.0029 -0.2188 0.0975  4   G   A "O2'" 
72  C  "C1'" . G   A 4 ? 0.4568 0.7308 0.8446 0.0143  -0.2260 0.0882  4   G   A "C1'" 
73  N  N9    . G   A 4 ? 0.3556 0.6604 0.8307 0.1008  -0.2183 0.1134  4   G   A N9    
74  C  C8    . G   A 4 ? 0.3381 0.6325 0.8047 0.0656  -0.2132 0.0977  4   G   A C8    
75  N  N7    . G   A 4 ? 0.2300 0.5978 0.7942 0.0846  -0.1589 0.0813  4   G   A N7    
76  C  C5    . G   A 4 ? 0.2840 0.6074 0.8289 0.1318  -0.1871 0.0685  4   G   A C5    
77  C  C6    . G   A 4 ? 0.3092 0.5866 0.7484 0.0897  -0.1295 0.0528  4   G   A C6    
78  O  O6    . G   A 4 ? 0.2633 0.6342 0.8305 0.1553  -0.0365 0.0314  4   G   A O6    
79  N  N1    . G   A 4 ? 0.2994 0.4967 0.7955 0.1346  -0.2119 0.1194  4   G   A N1    
80  C  C2    . G   A 4 ? 0.2704 0.5855 0.8608 0.1069  -0.1560 0.0713  4   G   A C2    
81  N  N2    . G   A 4 ? 0.3143 0.5688 0.9488 0.1357  -0.0952 0.0443  4   G   A N2    
82  N  N3    . G   A 4 ? 0.3356 0.6233 0.8362 0.0828  -0.1385 0.0820  4   G   A N3    
83  C  C4    . G   A 4 ? 0.2361 0.6259 0.8067 0.0279  -0.2128 0.0891  4   G   A C4    
84  P  P     . C   A 5 ? 0.5966 0.7604 1.2964 0.0405  -0.3712 -0.0160 5   C   A P     
85  O  OP1   . C   A 5 ? 0.5355 0.8597 1.2639 0.1825  -0.4762 -0.0044 5   C   A OP1   
86  O  OP2   . C   A 5 ? 0.8310 0.7002 1.2470 0.0214  -0.2490 -0.0286 5   C   A OP2   
87  O  "O5'" . C   A 5 ? 0.7066 0.6779 1.1448 0.1417  -0.2870 0.0140  5   C   A "O5'" 
88  C  "C5'" . C   A 5 ? 0.5369 0.6722 1.0031 0.0641  -0.2250 0.0769  5   C   A "C5'" 
89  C  "C4'" . C   A 5 ? 0.4929 0.5996 0.8430 -0.0115 -0.1561 0.0863  5   C   A "C4'" 
90  O  "O4'" . C   A 5 ? 0.5509 0.6330 0.7808 -0.0155 -0.1287 0.1053  5   C   A "O4'" 
91  C  "C3'" . C   A 5 ? 0.3971 0.6325 0.8082 0.1109  -0.1024 0.0883  5   C   A "C3'" 
92  O  "O3'" . C   A 5 ? 0.5039 0.7000 0.7384 0.1004  -0.0565 0.0945  5   C   A "O3'" 
93  C  "C2'" . C   A 5 ? 0.4800 0.5941 0.7721 -0.0124 -0.1040 0.0587  5   C   A "C2'" 
94  O  "O2'" . C   A 5 ? 0.5099 0.6543 0.8064 -0.0220 -0.0670 0.0777  5   C   A "O2'" 
95  C  "C1'" . C   A 5 ? 0.5042 0.5599 0.7362 -0.0075 -0.0755 0.1053  5   C   A "C1'" 
96  N  N1    . C   A 5 ? 0.4471 0.5639 0.7214 0.0050  -0.1060 0.0473  5   C   A N1    
97  C  C2    . C   A 5 ? 0.4414 0.5355 0.7114 0.0217  -0.0722 0.0728  5   C   A C2    
98  O  O2    . C   A 5 ? 0.3938 0.7095 0.7913 -0.0173 -0.0507 0.0487  5   C   A O2    
99  N  N3    . C   A 5 ? 0.3408 0.5146 0.7336 -0.0414 -0.0681 0.0533  5   C   A N3    
100 C  C4    . C   A 5 ? 0.4553 0.5893 0.6307 0.0789  -0.0539 0.0747  5   C   A C4    
101 N  N4    . C   A 5 ? 0.4638 0.5270 0.6319 0.0366  -0.0314 0.0688  5   C   A N4    
102 C  C5    . C   A 5 ? 0.4148 0.4824 0.6839 0.0362  -0.0998 0.0761  5   C   A C5    
103 C  C6    . C   A 5 ? 0.4798 0.5023 0.6523 0.0410  -0.1134 0.0990  5   C   A C6    
104 P  P     . 5BU A 6 ? 0.5310 0.6926 0.7179 0.0864  0.0406  0.0436  6   5BU A P     
105 O  OP1   . 5BU A 6 ? 0.5086 0.7526 0.6835 0.1078  -0.0504 0.1058  6   5BU A OP1   
106 O  OP2   . 5BU A 6 ? 0.5286 0.6465 0.5866 -0.0226 0.0317  0.1122  6   5BU A OP2   
107 O  "O5'" . 5BU A 6 ? 0.4648 0.6970 0.7034 0.0656  0.0733  0.0799  6   5BU A "O5'" 
108 C  "C5'" . 5BU A 6 ? 0.4787 0.6541 0.6951 0.0077  0.0766  0.0305  6   5BU A "C5'" 
109 C  "C4'" . 5BU A 6 ? 0.4539 0.6564 0.7093 0.0234  0.0703  0.0024  6   5BU A "C4'" 
110 O  "O4'" . 5BU A 6 ? 0.4719 0.6323 0.6846 -0.0013 0.0117  0.0210  6   5BU A "O4'" 
111 C  "C3'" . 5BU A 6 ? 0.4558 0.6870 0.6972 0.0010  0.0476  0.0196  6   5BU A "C3'" 
112 O  "O3'" . 5BU A 6 ? 0.5572 0.7471 0.7328 0.0591  0.0958  0.0139  6   5BU A "O3'" 
113 C  "C2'" . 5BU A 6 ? 0.4589 0.6745 0.6997 0.0075  0.0588  0.0163  6   5BU A "C2'" 
114 O  "O2'" . 5BU A 6 ? 0.4526 0.8026 0.7179 0.0110  0.0868  0.0264  6   5BU A "O2'" 
115 C  "C1'" . 5BU A 6 ? 0.4451 0.6527 0.6988 0.0428  0.0526  0.0557  6   5BU A "C1'" 
116 N  N1    . 5BU A 6 ? 0.3584 0.6241 0.6745 0.0716  -0.0110 0.0868  6   5BU A N1    
117 C  C2    . 5BU A 6 ? 0.3251 0.5348 0.6647 0.0553  -0.0327 0.0624  6   5BU A C2    
118 O  O2    . 5BU A 6 ? 0.2774 0.5559 0.7106 0.0333  -0.0479 0.0377  6   5BU A O2    
119 N  N3    . 5BU A 6 ? 0.3333 0.5810 0.6289 0.0399  -0.0366 0.0743  6   5BU A N3    
120 C  C4    . 5BU A 6 ? 0.3063 0.5396 0.6165 -0.0046 -0.0638 0.0458  6   5BU A C4    
121 O  O4    . 5BU A 6 ? 0.3107 0.5939 0.6049 0.0304  -0.0776 0.0031  6   5BU A O4    
122 C  C5    . 5BU A 6 ? 0.2843 0.5650 0.6285 0.0003  -0.1205 0.0613  6   5BU A C5    
123 C  C6    . 5BU A 6 ? 0.3604 0.5802 0.6561 0.0286  -0.0752 0.0669  6   5BU A C6    
124 BR BR    . 5BU A 6 ? 0.3551 0.6682 0.6754 0.0673  -0.1302 0.0858  6   5BU A BR    
125 P  P     . G   A 7 ? 0.5697 0.7639 0.6907 0.0673  0.0602  0.0349  7   G   A P     
126 O  OP1   . G   A 7 ? 0.6305 0.7453 0.7348 0.0701  0.1010  0.0224  7   G   A OP1   
127 O  OP2   . G   A 7 ? 0.5775 0.7887 0.8096 0.1006  0.0593  0.0489  7   G   A OP2   
128 O  "O5'" . G   A 7 ? 0.5148 0.7492 0.6960 0.1309  0.1000  0.0142  7   G   A "O5'" 
129 C  "C5'" . G   A 7 ? 0.5368 0.7071 0.6882 0.2108  0.0905  0.0130  7   G   A "C5'" 
130 C  "C4'" . G   A 7 ? 0.5026 0.8121 0.6215 0.2110  0.1192  -0.0261 7   G   A "C4'" 
131 O  "O4'" . G   A 7 ? 0.3526 0.7596 0.6108 0.1774  0.0721  -0.0100 7   G   A "O4'" 
132 C  "C3'" . G   A 7 ? 0.4378 0.8341 0.7103 0.2451  0.1165  0.0152  7   G   A "C3'" 
133 O  "O3'" . G   A 7 ? 0.8900 0.7885 0.6488 0.2740  0.1579  0.0288  7   G   A "O3'" 
134 C  "C2'" . G   A 7 ? 0.2148 0.7641 0.7199 0.2236  0.1468  -0.0739 7   G   A "C2'" 
135 O  "O2'" . G   A 7 ? 0.5359 0.7912 0.8447 0.2845  -0.0994 0.0703  7   G   A "O2'" 
136 C  "C1'" . G   A 7 ? 0.2064 0.7326 0.6703 0.1756  0.0941  -0.0029 7   G   A "C1'" 
137 N  N9    . G   A 7 ? 0.1837 0.6206 0.5814 0.1329  0.0658  -0.0007 7   G   A N9    
138 C  C8    . G   A 7 ? 0.1780 0.5641 0.5721 0.1187  0.0894  0.0089  7   G   A C8    
139 N  N7    . G   A 7 ? 0.0465 0.5966 0.5907 0.1205  0.0068  0.0358  7   G   A N7    
140 C  C5    . G   A 7 ? 0.1530 0.5500 0.5783 0.1027  -0.0070 0.0007  7   G   A C5    
141 C  C6    . G   A 7 ? 0.2918 0.5386 0.5724 0.0499  0.0293  -0.0123 7   G   A C6    
142 O  O6    . G   A 7 ? 0.3050 0.5514 0.5906 0.0754  -0.0065 0.0149  7   G   A O6    
143 N  N1    . G   A 7 ? 0.1904 0.6050 0.5742 0.0542  0.0545  -0.0264 7   G   A N1    
144 C  C2    . G   A 7 ? 0.2256 0.6120 0.5564 0.0969  0.0153  0.0060  7   G   A C2    
145 N  N2    . G   A 7 ? 0.0945 0.6262 0.5897 0.1147  0.0111  0.0151  7   G   A N2    
146 N  N3    . G   A 7 ? 0.1212 0.6441 0.5697 0.1317  -0.0182 -0.0468 7   G   A N3    
147 C  C4    . G   A 7 ? 0.1545 0.5699 0.5521 0.1174  0.0270  -0.0065 7   G   A C4    
148 O  "O5'" . G   B 1 ? 0.5896 1.1232 0.8536 0.2465  0.1845  -0.1458 1   G   B "O5'" 
149 C  "C5'" . G   B 1 ? 0.5974 1.0425 0.9308 0.2604  0.1132  -0.1047 1   G   B "C5'" 
150 C  "C4'" . G   B 1 ? 0.6572 1.0115 0.9152 0.1758  0.0571  -0.1011 1   G   B "C4'" 
151 O  "O4'" . G   B 1 ? 0.6751 0.9897 0.9112 0.1112  0.0577  -0.0844 1   G   B "O4'" 
152 C  "C3'" . G   B 1 ? 0.6601 0.9687 0.9524 0.1541  0.0310  -0.0794 1   G   B "C3'" 
153 O  "O3'" . G   B 1 ? 0.5538 0.9528 0.9531 0.2514  -0.0320 -0.0646 1   G   B "O3'" 
154 C  "C2'" . G   B 1 ? 0.5692 0.9496 0.8651 0.0839  0.0040  -0.0486 1   G   B "C2'" 
155 O  "O2'" . G   B 1 ? 0.6273 0.9580 0.9033 -0.0454 0.1328  -0.0654 1   G   B "O2'" 
156 C  "C1'" . G   B 1 ? 0.6513 0.9520 0.8499 0.0824  -0.0191 -0.0487 1   G   B "C1'" 
157 N  N9    . G   B 1 ? 0.3973 0.8150 0.8157 0.1423  -0.0777 -0.0800 1   G   B N9    
158 C  C8    . G   B 1 ? 0.4804 0.8392 0.7840 0.0875  -0.0760 -0.0593 1   G   B C8    
159 N  N7    . G   B 1 ? 0.3452 0.8414 0.8147 0.1384  -0.1089 -0.0606 1   G   B N7    
160 C  C5    . G   B 1 ? 0.4486 0.8800 0.7929 0.1738  -0.1423 0.0142  1   G   B C5    
161 C  C6    . G   B 1 ? 0.5067 0.8655 0.7498 0.1136  -0.0962 0.0034  1   G   B C6    
162 O  O6    . G   B 1 ? 0.6066 0.8757 0.7358 0.0121  -0.0952 -0.0129 1   G   B O6    
163 N  N1    . G   B 1 ? 0.4249 0.8417 0.7624 0.0671  -0.1352 -0.0675 1   G   B N1    
164 C  C2    . G   B 1 ? 0.4735 0.8744 0.7753 0.1122  -0.0967 -0.0343 1   G   B C2    
165 N  N2    . G   B 1 ? 0.4300 0.9188 0.8194 0.0865  -0.1216 -0.0596 1   G   B N2    
166 N  N3    . G   B 1 ? 0.4081 0.8547 0.8274 0.1500  -0.1308 -0.0428 1   G   B N3    
167 C  C4    . G   B 1 ? 0.4188 0.8641 0.7706 0.1648  -0.0887 -0.0422 1   G   B C4    
168 P  P     . C   B 2 ? 0.7095 0.9086 1.0732 0.2238  0.0026  -0.0663 2   C   B P     
169 O  OP1   . C   B 2 ? 0.8423 1.0792 1.0121 0.1832  -0.0017 -0.0725 2   C   B OP1   
170 O  OP2   . C   B 2 ? 0.4497 1.0346 1.0808 0.3001  -0.1293 0.0061  2   C   B OP2   
171 O  "O5'" . C   B 2 ? 0.5609 0.9716 0.9154 0.1277  -0.1202 0.0048  2   C   B "O5'" 
172 C  "C5'" . C   B 2 ? 0.5926 0.9095 0.8304 0.1483  -0.0275 -0.0277 2   C   B "C5'" 
173 C  "C4'" . C   B 2 ? 0.5898 0.8341 0.7754 0.1500  -0.1183 -0.0293 2   C   B "C4'" 
174 O  "O4'" . C   B 2 ? 0.4690 0.8620 0.7315 0.1471  -0.1235 -0.0271 2   C   B "O4'" 
175 C  "C3'" . C   B 2 ? 0.5657 0.7664 0.7855 0.1803  -0.1152 -0.0425 2   C   B "C3'" 
176 O  "O3'" . C   B 2 ? 0.6160 0.6408 0.8259 0.1353  -0.1195 0.0213  2   C   B "O3'" 
177 C  "C2'" . C   B 2 ? 0.5343 0.8062 0.7409 0.1635  -0.0763 -0.0699 2   C   B "C2'" 
178 O  "O2'" . C   B 2 ? 0.7435 0.7491 0.6656 0.1156  -0.0736 -0.0768 2   C   B "O2'" 
179 C  "C1'" . C   B 2 ? 0.4997 0.7976 0.6593 0.2187  -0.1162 -0.0212 2   C   B "C1'" 
180 N  N1    . C   B 2 ? 0.3993 0.7950 0.6806 0.2395  -0.0973 0.0388  2   C   B N1    
181 C  C2    . C   B 2 ? 0.4573 0.7848 0.6620 0.1874  -0.0537 0.0195  2   C   B C2    
182 O  O2    . C   B 2 ? 0.4498 0.7394 0.6807 0.2444  0.0093  -0.0320 2   C   B O2    
183 N  N3    . C   B 2 ? 0.2793 0.7822 0.6303 0.1735  -0.0495 -0.0249 2   C   B N3    
184 C  C4    . C   B 2 ? 0.4688 0.7000 0.5603 0.2312  -0.0986 0.0765  2   C   B C4    
185 N  N4    . C   B 2 ? 0.5417 0.7687 0.5069 0.1826  -0.1549 -0.0017 2   C   B N4    
186 C  C5    . C   B 2 ? 0.3917 0.6942 0.6530 0.2311  -0.1105 0.0402  2   C   B C5    
187 C  C6    . C   B 2 ? 0.3677 0.7585 0.6431 0.2246  -0.0758 0.0359  2   C   B C6    
188 P  P     . U   B 3 ? 0.5849 0.6850 0.7727 0.1074  -0.0609 0.0028  3   U   B P     
189 O  OP1   . U   B 3 ? 0.7979 0.7016 0.8349 0.0303  -0.1958 -0.0019 3   U   B OP1   
190 O  OP2   . U   B 3 ? 0.6764 0.7633 0.7560 0.0949  -0.1101 0.0038  3   U   B OP2   
191 O  "O5'" . U   B 3 ? 0.5761 0.7070 0.6650 0.1064  -0.0494 0.1037  3   U   B "O5'" 
192 C  "C5'" . U   B 3 ? 0.5958 0.6936 0.6724 0.1174  -0.0674 0.0743  3   U   B "C5'" 
193 C  "C4'" . U   B 3 ? 0.5958 0.7067 0.6555 0.1001  -0.0441 0.0845  3   U   B "C4'" 
194 O  "O4'" . U   B 3 ? 0.6184 0.7152 0.6813 0.1053  -0.0361 0.0587  3   U   B "O4'" 
195 C  "C3'" . U   B 3 ? 0.6019 0.7233 0.6755 0.0664  -0.0355 0.0339  3   U   B "C3'" 
196 O  "O3'" . U   B 3 ? 0.5906 0.7844 0.6673 0.0643  -0.0243 0.0306  3   U   B "O3'" 
197 C  "C2'" . U   B 3 ? 0.5768 0.7050 0.6921 0.0743  -0.0306 0.0524  3   U   B "C2'" 
198 O  "O2'" . U   B 3 ? 0.4540 0.7391 0.6542 0.0075  -0.0348 0.0585  3   U   B "O2'" 
199 C  "C1'" . U   B 3 ? 0.6160 0.6708 0.6717 0.0718  -0.0402 0.0570  3   U   B "C1'" 
200 N  N1    . U   B 3 ? 0.5406 0.6551 0.6336 0.0515  -0.0394 0.0101  3   U   B N1    
201 C  C2    . U   B 3 ? 0.5841 0.6232 0.6270 0.0730  -0.0266 0.0187  3   U   B C2    
202 O  O2    . U   B 3 ? 0.5778 0.5691 0.6337 0.0691  -0.0432 0.0074  3   U   B O2    
203 N  N3    . U   B 3 ? 0.4622 0.5934 0.6880 0.0956  -0.0431 0.0146  3   U   B N3    
204 C  C4    . U   B 3 ? 0.4936 0.5976 0.6617 0.1148  -0.0740 0.0367  3   U   B C4    
205 O  O4    . U   B 3 ? 0.5100 0.5706 0.6730 0.0955  -0.1164 0.0140  3   U   B O4    
206 C  C5    . U   B 3 ? 0.4683 0.6147 0.6924 0.1389  -0.0506 0.0426  3   U   B C5    
207 C  C6    . U   B 3 ? 0.5573 0.6478 0.6193 0.0780  -0.0370 0.0323  3   U   B C6    
208 P  P     . G   B 4 ? 0.6313 0.8124 0.6230 0.0473  0.0098  0.0513  4   G   B P     
209 O  OP1   . G   B 4 ? 0.6306 0.8755 0.6995 0.0086  -0.0612 0.0240  4   G   B OP1   
210 O  OP2   . G   B 4 ? 0.4334 0.7615 0.5939 0.0732  0.0616  0.0105  4   G   B OP2   
211 O  "O5'" . G   B 4 ? 0.5353 0.7507 0.5906 0.1056  -0.0886 0.0546  4   G   B "O5'" 
212 C  "C5'" . G   B 4 ? 0.5672 0.7223 0.5695 0.1766  -0.0254 0.0204  4   G   B "C5'" 
213 C  "C4'" . G   B 4 ? 0.5595 0.6802 0.5658 0.1756  -0.0307 0.0222  4   G   B "C4'" 
214 O  "O4'" . G   B 4 ? 0.4676 0.7095 0.5823 0.1919  -0.0297 0.0247  4   G   B "O4'" 
215 C  "C3'" . G   B 4 ? 0.5827 0.7214 0.6274 0.1202  -0.0150 0.0195  4   G   B "C3'" 
216 O  "O3'" . G   B 4 ? 0.5822 0.8106 0.5738 0.1527  -0.0103 -0.0121 4   G   B "O3'" 
217 C  "C2'" . G   B 4 ? 0.5669 0.6692 0.6020 0.1030  -0.0525 0.0340  4   G   B "C2'" 
218 O  "O2'" . G   B 4 ? 0.5228 0.6673 0.6424 0.0620  -0.0818 0.0366  4   G   B "O2'" 
219 C  "C1'" . G   B 4 ? 0.5088 0.6610 0.5877 0.1356  -0.0356 0.0389  4   G   B "C1'" 
220 N  N9    . G   B 4 ? 0.5187 0.6148 0.5936 0.1165  -0.0363 0.0597  4   G   B N9    
221 C  C8    . G   B 4 ? 0.5173 0.5962 0.5664 0.1093  -0.0246 0.0288  4   G   B C8    
222 N  N7    . G   B 4 ? 0.5343 0.5610 0.5158 0.0379  -0.0162 0.0352  4   G   B N7    
223 C  C5    . G   B 4 ? 0.5001 0.5189 0.5690 0.0637  0.0028  0.0647  4   G   B C5    
224 C  C6    . G   B 4 ? 0.4163 0.5434 0.5580 0.0386  0.0167  0.0422  4   G   B C6    
225 O  O6    . G   B 4 ? 0.4077 0.5858 0.5365 0.0066  -0.0376 0.0434  4   G   B O6    
226 N  N1    . G   B 4 ? 0.4279 0.5318 0.6359 0.0524  0.0383  0.0568  4   G   B N1    
227 C  C2    . G   B 4 ? 0.4595 0.5693 0.5778 0.0761  0.0219  0.0634  4   G   B C2    
228 N  N2    . G   B 4 ? 0.4582 0.5609 0.5439 0.0485  0.0206  0.0691  4   G   B N2    
229 N  N3    . G   B 4 ? 0.4643 0.4845 0.5990 0.0981  0.0161  0.0908  4   G   B N3    
230 C  C4    . G   B 4 ? 0.4658 0.5590 0.5936 0.0675  0.0135  0.0390  4   G   B C4    
231 P  P     . C   B 5 ? 0.8233 0.8655 0.6823 0.0186  -0.0225 -0.0611 5   C   B P     
232 O  OP1   . C   B 5 ? 0.7143 1.0065 0.6444 0.0680  -0.0350 0.0232  5   C   B OP1   
233 O  OP2   . C   B 5 ? 0.7825 0.9281 0.8271 0.0083  0.0346  -0.0146 5   C   B OP2   
234 O  "O5'" . C   B 5 ? 0.5825 0.7776 0.7537 0.1062  -0.0431 0.0106  5   C   B "O5'" 
235 C  "C5'" . C   B 5 ? 0.5416 0.7259 0.7061 0.0634  -0.1008 -0.0003 5   C   B "C5'" 
236 C  "C4'" . C   B 5 ? 0.3937 0.6335 0.6677 0.1168  -0.1345 0.0639  5   C   B "C4'" 
237 O  "O4'" . C   B 5 ? 0.4740 0.6209 0.5964 0.1021  -0.0967 0.0080  5   C   B "O4'" 
238 C  "C3'" . C   B 5 ? 0.4338 0.6063 0.6812 0.1001  -0.1228 0.0469  5   C   B "C3'" 
239 O  "O3'" . C   B 5 ? 0.4716 0.6510 0.7028 0.0829  -0.1710 0.0404  5   C   B "O3'" 
240 C  "C2'" . C   B 5 ? 0.3793 0.5254 0.6836 0.1491  -0.1078 0.0593  5   C   B "C2'" 
241 O  "O2'" . C   B 5 ? 0.2677 0.5855 0.7968 0.0867  -0.1108 0.0827  5   C   B "O2'" 
242 C  "C1'" . C   B 5 ? 0.3883 0.5581 0.6126 0.1436  -0.1357 0.0812  5   C   B "C1'" 
243 N  N1    . C   B 5 ? 0.2924 0.5552 0.5966 0.0830  -0.1279 0.0435  5   C   B N1    
244 C  C2    . C   B 5 ? 0.3408 0.5477 0.5980 0.1187  -0.0887 0.0627  5   C   B C2    
245 O  O2    . C   B 5 ? 0.3447 0.6284 0.5504 0.1615  -0.0989 0.1041  5   C   B O2    
246 N  N3    . C   B 5 ? 0.2921 0.5796 0.5710 0.0520  -0.1261 0.0331  5   C   B N3    
247 C  C4    . C   B 5 ? 0.3442 0.5804 0.5912 0.1148  -0.0921 0.0517  5   C   B C4    
248 N  N4    . C   B 5 ? 0.3880 0.5033 0.5822 0.0851  -0.1253 0.0830  5   C   B N4    
249 C  C5    . C   B 5 ? 0.3057 0.5662 0.5769 0.0918  -0.0844 0.0175  5   C   B C5    
250 C  C6    . C   B 5 ? 0.3805 0.5358 0.5713 0.1009  -0.1055 0.0422  5   C   B C6    
251 P  P     . 5BU B 6 ? 0.4374 0.6682 0.7310 0.0840  -0.2223 0.0990  6   5BU B P     
252 O  OP1   . 5BU B 6 ? 0.5651 0.6727 0.7134 -0.0226 -0.2757 0.0976  6   5BU B OP1   
253 O  OP2   . 5BU B 6 ? 0.5445 0.6448 0.7463 0.1176  -0.1788 0.0261  6   5BU B OP2   
254 O  "O5'" . 5BU B 6 ? 0.3747 0.6371 0.7206 0.1809  -0.2451 0.0790  6   5BU B "O5'" 
255 C  "C5'" . 5BU B 6 ? 0.2684 0.7434 0.7945 0.1056  -0.1869 0.1094  6   5BU B "C5'" 
256 C  "C4'" . 5BU B 6 ? 0.3949 0.7303 0.8058 0.0796  -0.1525 0.0953  6   5BU B "C4'" 
257 O  "O4'" . 5BU B 6 ? 0.3269 0.7299 0.8090 0.1461  -0.1474 0.1332  6   5BU B "O4'" 
258 C  "C3'" . 5BU B 6 ? 0.3904 0.7341 0.8201 0.0890  -0.1257 0.1089  6   5BU B "C3'" 
259 O  "O3'" . 5BU B 6 ? 0.3714 0.6943 0.7901 0.1183  -0.1216 0.0906  6   5BU B "O3'" 
260 C  "C2'" . 5BU B 6 ? 0.4258 0.7290 0.8072 0.0938  -0.0880 0.0567  6   5BU B "C2'" 
261 O  "O2'" . 5BU B 6 ? 0.4622 0.8059 0.8736 0.0795  -0.0492 -0.0036 6   5BU B "O2'" 
262 C  "C1'" . 5BU B 6 ? 0.3901 0.6942 0.7652 0.1333  -0.1180 0.0958  6   5BU B "C1'" 
263 N  N1    . 5BU B 6 ? 0.4212 0.5856 0.7227 0.1406  -0.1053 0.0860  6   5BU B N1    
264 C  C2    . 5BU B 6 ? 0.5140 0.5228 0.6290 0.1175  -0.0775 0.0309  6   5BU B C2    
265 O  O2    . 5BU B 6 ? 0.6250 0.5496 0.6563 0.1259  -0.0251 0.0204  6   5BU B O2    
266 N  N3    . 5BU B 6 ? 0.4881 0.5280 0.6647 0.0975  -0.1172 0.0759  6   5BU B N3    
267 C  C4    . 5BU B 6 ? 0.5135 0.5567 0.6145 0.0882  -0.1485 0.0747  6   5BU B C4    
268 O  O4    . 5BU B 6 ? 0.4670 0.4479 0.6168 0.0261  -0.1498 0.0871  6   5BU B O4    
269 C  C5    . 5BU B 6 ? 0.4953 0.4960 0.6983 0.1652  -0.1658 0.1059  6   5BU B C5    
270 C  C6    . 5BU B 6 ? 0.4181 0.5944 0.6638 0.1191  -0.1483 0.0414  6   5BU B C6    
271 BR BR    . 5BU B 6 ? 0.5766 0.6558 0.6901 0.0759  -0.1737 0.0617  6   5BU B BR    
272 P  P     . G   B 7 ? 0.4211 0.7101 0.7924 0.0947  -0.0766 0.0790  7   G   B P     
273 O  OP1   . G   B 7 ? 0.4430 0.7611 0.7256 0.0306  -0.0826 0.1691  7   G   B OP1   
274 O  OP2   . G   B 7 ? 0.3528 0.7154 0.6122 -0.0162 -0.0700 0.0730  7   G   B OP2   
275 O  "O5'" . G   B 7 ? 0.3486 0.6832 0.7240 0.1117  -0.0299 0.0243  7   G   B "O5'" 
276 C  "C5'" . G   B 7 ? 0.3730 0.6718 0.6825 0.1480  -0.0250 0.0430  7   G   B "C5'" 
277 C  "C4'" . G   B 7 ? 0.1943 0.7565 0.6404 0.2189  0.0398  0.0162  7   G   B "C4'" 
278 O  "O4'" . G   B 7 ? 0.2177 0.6779 0.6744 0.2200  0.0502  0.0366  7   G   B "O4'" 
279 C  "C3'" . G   B 7 ? 0.4578 0.7427 0.5875 0.1478  0.0330  0.0179  7   G   B "C3'" 
280 O  "O3'" . G   B 7 ? 0.2523 0.9611 0.5666 0.2146  0.0495  0.0122  7   G   B "O3'" 
281 C  "C2'" . G   B 7 ? 0.2956 0.7322 0.5352 0.1109  0.1112  0.0267  7   G   B "C2'" 
282 O  "O2'" . G   B 7 ? 0.1635 0.7308 0.7025 0.1957  0.1131  -0.0297 7   G   B "O2'" 
283 C  "C1'" . G   B 7 ? 0.3133 0.6526 0.5879 0.1443  0.0715  0.0586  7   G   B "C1'" 
284 N  N9    . G   B 7 ? 0.2450 0.5734 0.5869 0.1513  -0.0185 0.0665  7   G   B N9    
285 C  C8    . G   B 7 ? 0.3094 0.5408 0.5603 0.1084  -0.0500 0.1095  7   G   B C8    
286 N  N7    . G   B 7 ? 0.3242 0.5885 0.5426 0.0802  0.0121  0.0230  7   G   B N7    
287 C  C5    . G   B 7 ? 0.2412 0.5598 0.5829 0.1217  -0.0138 0.0590  7   G   B C5    
288 C  C6    . G   B 7 ? 0.2764 0.5545 0.5766 0.1165  -0.0603 0.0373  7   G   B C6    
289 O  O6    . G   B 7 ? 0.2774 0.5555 0.5628 0.1218  -0.0595 0.0753  7   G   B O6    
290 N  N1    . G   B 7 ? 0.2003 0.5306 0.5660 0.1311  -0.0845 0.0217  7   G   B N1    
291 C  C2    . G   B 7 ? 0.2630 0.5175 0.5775 0.1188  -0.0300 0.0338  7   G   B C2    
292 N  N2    . G   B 7 ? 0.2448 0.5797 0.5459 0.0512  0.0352  0.0112  7   G   B N2    
293 N  N3    . G   B 7 ? 0.2016 0.5691 0.5553 0.1211  0.0196  -0.0059 7   G   B N3    
294 C  C4    . G   B 7 ? 0.2579 0.5195 0.5610 0.1345  -0.0252 0.0292  7   G   B C4    
295 C  "C1'" . F6X C 1 ? 0.6289 0.9993 0.8983 -0.0219 -0.0603 -0.0264 101 F6X C "C1'" 
296 N  N1    . F6X C 1 ? 0.6846 0.7727 0.8306 0.1306  0.0548  -0.1209 101 F6X C N1    
297 C  C6    . F6X C 1 ? 0.6003 0.7450 0.7881 0.0939  0.0944  -0.1234 101 F6X C C6    
298 C  C5    . F6X C 1 ? 0.6586 0.7279 0.7880 0.1387  0.0999  -0.1571 101 F6X C C5    
299 C  C4    . F6X C 1 ? 0.6475 0.8197 0.7612 0.1344  0.1421  -0.1540 101 F6X C C4    
300 N  N3    . F6X C 1 ? 0.6275 0.8812 0.7981 0.1443  0.1069  -0.1395 101 F6X C N3    
301 C  C2    . F6X C 1 ? 0.6555 0.8421 0.7733 0.1355  0.0556  -0.1004 101 F6X C C2    
302 O  O2    . F6X C 1 ? 0.5874 0.9498 0.8479 0.1686  -0.0010 -0.1106 101 F6X C O2    
303 N  N4    . F6X C 1 ? 0.6555 0.9153 0.7474 0.1176  0.0989  -0.1000 101 F6X C N4    
304 C  "C2'" . F6X C 1 ? 0.5520 0.9610 0.8410 -0.0151 -0.0664 -0.0795 101 F6X C "C2'" 
305 C  "C3'" . F6X C 1 ? 0.5846 0.8677 0.7631 0.0282  0.0087  -0.0626 101 F6X C "C3'" 
306 O  "O3'" . F6X C 1 ? 0.4764 0.6653 0.7175 0.1216  -0.0069 0.0505  101 F6X C "O3'" 
307 O  OP1   . F6X C 1 ? 0.6195 0.7110 0.5882 0.0178  0.0242  0.0206  101 F6X C OP1   
308 P  P     . F6X C 1 ? 0.5346 0.6473 0.6037 0.0707  0.0071  0.0357  101 F6X C P     
309 O  OP2   . F6X C 1 ? 0.4676 0.7118 0.7138 0.0995  0.0542  0.0872  101 F6X C OP2   
310 C  C3A   . F6X C 1 ? 0.6111 0.8476 0.7719 -0.0023 0.0355  -0.0265 101 F6X C C3A   
311 O  "O1'" . F6X C 1 ? 0.7043 1.0033 1.0252 -0.0984 -0.0907 -0.0471 101 F6X C "O1'" 
312 N  "N2'" . F6X C 1 ? 0.5509 0.9179 0.8408 0.0195  -0.0875 -0.0716 101 F6X C "N2'" 
313 C  C2A   . F6X C 1 ? 0.5507 0.8942 0.8536 0.0434  -0.0663 -0.0794 101 F6X C C2A   
314 O  O2A   . F6X C 1 ? 0.5684 0.8662 0.8936 0.0402  -0.0614 -0.0960 101 F6X C O2A   
315 C  C2B   . F6X C 1 ? 0.6808 0.8115 0.8410 0.0910  0.0354  -0.0721 101 F6X C C2B   
316 O  O2A   . F73 C 2 ? 0.4188 0.6205 0.7619 0.1859  -0.0467 0.0934  102 F73 C O2A   
317 C  "C3'" . F73 C 2 ? 0.3671 0.7168 0.7518 0.1349  -0.0568 0.0777  102 F73 C "C3'" 
318 O  "O3'" . F73 C 2 ? 0.3541 0.7439 0.7009 0.0891  -0.0617 0.0847  102 F73 C "O3'" 
319 C  "C2'" . F73 C 2 ? 0.3621 0.6713 0.7420 0.1305  -0.0501 0.0673  102 F73 C "C2'" 
320 C  "C1'" . F73 C 2 ? 0.3805 0.7143 0.7249 0.1201  0.0252  0.0511  102 F73 C "C1'" 
321 N  N9    . F73 C 2 ? 0.3275 0.6343 0.7633 0.0883  -0.1219 0.0463  102 F73 C N9    
322 C  C8    . F73 C 2 ? 0.4194 0.6770 0.7509 0.0558  -0.0241 0.0978  102 F73 C C8    
323 N  N7    . F73 C 2 ? 0.4038 0.6096 0.8281 0.0878  -0.0384 0.0226  102 F73 C N7    
324 C  C5    . F73 C 2 ? 0.3996 0.6025 0.8030 0.0486  -0.0489 0.0202  102 F73 C C5    
325 C  C6    . F73 C 2 ? 0.4402 0.6320 0.8198 0.0678  -0.0006 -0.0250 102 F73 C C6    
326 O  O6    . F73 C 2 ? 0.4811 0.7418 0.8012 -0.0610 -0.0347 -0.0169 102 F73 C O6    
327 N  N1    . F73 C 2 ? 0.5155 0.7244 0.8262 0.1018  -0.0166 -0.0086 102 F73 C N1    
328 C  C2    . F73 C 2 ? 0.5325 0.7030 0.8204 0.1347  -0.0257 0.0107  102 F73 C C2    
329 N  N2    . F73 C 2 ? 0.6932 0.7432 0.8432 0.1588  -0.0726 0.0387  102 F73 C N2    
330 N  N3    . F73 C 2 ? 0.4834 0.6066 0.7931 0.1015  -0.0976 0.0127  102 F73 C N3    
331 C  C4    . F73 C 2 ? 0.3311 0.6176 0.8046 0.0725  -0.0664 0.0089  102 F73 C C4    
332 O  OP2   . F73 C 2 ? 0.3294 0.7437 0.6611 0.1394  0.1586  0.0389  102 F73 C OP2   
333 P  P     . F73 C 2 ? 0.4490 0.6830 0.6915 0.0888  0.0625  0.0249  102 F73 C P     
334 O  OP1   . F73 C 2 ? 0.3359 0.8997 0.8790 0.0473  0.0373  0.0449  102 F73 C OP1   
335 C  C3A   . F73 C 2 ? 0.4757 0.7060 0.7322 0.0833  -0.0215 0.0709  102 F73 C C3A   
336 O  "O1'" . F73 C 2 ? 0.5016 0.6334 0.7290 0.1319  0.0417  0.0362  102 F73 C "O1'" 
337 N  "N2'" . F73 C 2 ? 0.4390 0.6456 0.7022 0.1209  -0.1007 0.1348  102 F73 C "N2'" 
338 C  C2A   . F73 C 2 ? 0.4310 0.6324 0.7317 0.1383  -0.0914 0.0890  102 F73 C C2A   
339 C  C2B   . F73 C 2 ? 0.2693 0.6803 0.7242 0.1420  -0.1712 0.0778  102 F73 C C2B   
340 N  N1    . F6U C 3 ? 0.3502 0.5781 0.6820 0.0002  -0.1468 0.1026  103 F6U C N1    
341 C  C2    . F6U C 3 ? 0.4468 0.5229 0.6494 0.0097  -0.1471 0.1132  103 F6U C C2    
342 N  N3    . F6U C 3 ? 0.4662 0.5458 0.7083 0.0189  -0.1704 0.1068  103 F6U C N3    
343 C  C4    . F6U C 3 ? 0.4029 0.5830 0.6633 0.0210  -0.1087 0.0952  103 F6U C C4    
344 O  OP1   . F6U C 3 ? 0.4840 0.7324 0.6550 0.1443  -0.0591 0.0181  103 F6U C OP1   
345 P  P     . F6U C 3 ? 0.3847 0.5780 0.7388 0.1639  -0.0624 0.0414  103 F6U C P     
346 O  OP2   . F6U C 3 ? 0.4154 0.6303 0.7652 0.1631  -0.0200 -0.0431 103 F6U C OP2   
347 O  "O3'" . F6U C 3 ? 0.3039 0.6036 0.7076 0.0780  -0.1034 0.0751  103 F6U C "O3'" 
348 C  "C3'" . F6U C 3 ? 0.3617 0.6588 0.7615 0.1441  -0.1007 0.0608  103 F6U C "C3'" 
349 C  C3A   . F6U C 3 ? 0.3728 0.6732 0.7700 0.1435  -0.0824 0.0696  103 F6U C C3A   
350 C  "C2'" . F6U C 3 ? 0.3309 0.6289 0.8098 0.1446  -0.0960 0.0653  103 F6U C "C2'" 
351 C  "C1'" . F6U C 3 ? 0.3822 0.6583 0.8040 0.1599  -0.1118 0.0568  103 F6U C "C1'" 
352 O  "O1'" . F6U C 3 ? 0.3465 0.6277 0.8339 0.1970  -0.0932 0.0922  103 F6U C "O1'" 
353 N  "N2'" . F6U C 3 ? 0.3724 0.6265 0.7110 0.1179  -0.1442 0.0839  103 F6U C "N2'" 
354 C  C2A   . F6U C 3 ? 0.4319 0.6113 0.6927 0.0792  -0.0862 0.0558  103 F6U C C2A   
355 O  O2A   . F6U C 3 ? 0.4361 0.5955 0.6753 0.0609  -0.1115 0.0689  103 F6U C O2A   
356 C  C2B   . F6U C 3 ? 0.4663 0.6316 0.6318 0.0498  -0.0849 0.0579  103 F6U C C2B   
357 N  N9    . F6U C 3 ? 0.4178 0.5555 0.6586 0.0528  -0.1112 0.0633  103 F6U C N9    
358 C  C8    . F6U C 3 ? 0.3971 0.5545 0.6705 0.0388  -0.1010 0.0837  103 F6U C C8    
359 N  N7    . F6U C 3 ? 0.4068 0.6132 0.6308 -0.0098 -0.0359 0.0572  103 F6U C N7    
360 C  C5    . F6U C 3 ? 0.4128 0.5342 0.7112 0.0183  -0.0801 0.0642  103 F6U C C5    
361 C  C6    . F6U C 3 ? 0.4223 0.5951 0.6542 0.0283  -0.0901 0.0908  103 F6U C C6    
362 N  N6    . F6U C 3 ? 0.3383 0.5340 0.7085 0.1290  -0.0894 0.1174  103 F6U C N6    
363 C  "C1'" . F6X C 4 ? 0.3655 0.6389 0.7385 0.1697  -0.0978 0.0156  104 F6X C "C1'" 
364 N  N1    . F6X C 4 ? 0.1349 0.6008 0.7413 0.0314  -0.0217 0.0217  104 F6X C N1    
365 C  C6    . F6X C 4 ? 0.1700 0.5772 0.7312 -0.0015 -0.0121 0.0235  104 F6X C C6    
366 C  C5    . F6X C 4 ? 0.1940 0.6289 0.7278 0.0360  -0.0452 0.0084  104 F6X C C5    
367 C  C4    . F6X C 4 ? 0.2034 0.5762 0.7247 0.0257  -0.0387 0.0067  104 F6X C C4    
368 N  N3    . F6X C 4 ? 0.1450 0.5601 0.7212 0.0329  -0.0597 0.0514  104 F6X C N3    
369 C  C2    . F6X C 4 ? 0.2175 0.5696 0.6925 0.0553  0.0078  0.0245  104 F6X C C2    
370 O  O2    . F6X C 4 ? 0.3175 0.5219 0.6394 0.0906  -0.0335 0.0722  104 F6X C O2    
371 N  N4    . F6X C 4 ? 0.1827 0.6178 0.8572 0.0333  -0.0524 0.0261  104 F6X C N4    
372 C  "C2'" . F6X C 4 ? 0.4213 0.5577 0.7107 0.0968  -0.1129 0.0071  104 F6X C "C2'" 
373 C  "C3'" . F6X C 4 ? 0.4853 0.5858 0.6948 0.0980  -0.1319 -0.0026 104 F6X C "C3'" 
374 O  "O3'" . F6X C 4 ? 0.5146 0.5719 0.5880 0.1579  -0.1611 0.0880  104 F6X C "O3'" 
375 O  OP1   . F6X C 4 ? 0.4552 0.5855 0.6497 0.1554  -0.0694 0.0667  104 F6X C OP1   
376 P  P     . F6X C 4 ? 0.3374 0.5878 0.6465 0.1420  -0.0890 0.0797  104 F6X C P     
377 O  OP2   . F6X C 4 ? 0.4299 0.5159 0.6668 0.2325  -0.1279 0.0149  104 F6X C OP2   
378 C  C3A   . F6X C 4 ? 0.5205 0.5846 0.6957 0.0861  -0.1309 -0.0275 104 F6X C C3A   
379 O  "O1'" . F6X C 4 ? 0.3568 0.6492 0.7213 0.1923  -0.1388 0.1210  104 F6X C "O1'" 
380 N  "N2'" . F6X C 4 ? 0.2981 0.6115 0.7278 0.1381  -0.0866 0.0156  104 F6X C "N2'" 
381 C  C2A   . F6X C 4 ? 0.2747 0.5484 0.8182 0.0704  -0.0859 -0.0175 104 F6X C C2A   
382 O  O2A   . F6X C 4 ? 0.3581 0.5318 0.8925 0.0298  -0.1405 -0.0489 104 F6X C O2A   
383 C  C2B   . F6X C 4 ? 0.1402 0.6470 0.7789 0.0737  -0.0667 -0.0080 104 F6X C C2B   
384 O  O2A   . F73 C 5 ? 0.3624 0.5817 0.7114 0.0457  0.0276  -0.0445 105 F73 C O2A   
385 C  "C3'" . F73 C 5 ? 0.3653 0.6137 0.8026 0.0418  0.0278  -0.0028 105 F73 C "C3'" 
386 O  "O3'" . F73 C 5 ? 0.2437 0.6635 0.7663 0.0999  -0.0952 0.0362  105 F73 C "O3'" 
387 C  "C2'" . F73 C 5 ? 0.3348 0.5636 0.8066 0.0936  0.0403  0.0318  105 F73 C "C2'" 
388 C  "C1'" . F73 C 5 ? 0.3913 0.6201 0.7885 0.0576  0.0711  0.0407  105 F73 C "C1'" 
389 N  N9    . F73 C 5 ? 0.2369 0.5686 0.6696 0.0910  -0.0511 0.0276  105 F73 C N9    
390 C  C8    . F73 C 5 ? 0.2496 0.5741 0.6133 0.0711  -0.0625 0.0798  105 F73 C C8    
391 N  N7    . F73 C 5 ? 0.1487 0.5841 0.6627 0.0651  -0.0052 0.0544  105 F73 C N7    
392 C  C5    . F73 C 5 ? 0.1050 0.5510 0.6513 0.0888  -0.0228 0.0333  105 F73 C C5    
393 C  C6    . F73 C 5 ? 0.2167 0.5698 0.6479 0.0416  -0.0767 0.0339  105 F73 C C6    
394 O  O6    . F73 C 5 ? 0.2833 0.5169 0.6797 0.0985  -0.0434 0.0423  105 F73 C O6    
395 N  N1    . F73 C 5 ? 0.2153 0.5149 0.6680 0.0123  -0.0750 0.0439  105 F73 C N1    
396 C  C2    . F73 C 5 ? 0.2276 0.5745 0.6692 0.0233  -0.0437 0.0588  105 F73 C C2    
397 N  N2    . F73 C 5 ? 0.3043 0.6036 0.6429 0.0343  -0.0743 0.0842  105 F73 C N2    
398 N  N3    . F73 C 5 ? 0.1929 0.5610 0.6507 0.0278  -0.0441 0.0336  105 F73 C N3    
399 C  C4    . F73 C 5 ? 0.0996 0.5724 0.6759 0.0817  -0.0218 0.0296  105 F73 C C4    
400 O  OP2   . F73 C 5 ? 0.1388 0.6881 0.7155 0.1576  -0.0921 -0.0046 105 F73 C OP2   
401 P  P     . F73 C 5 ? 0.4571 0.6286 0.6390 0.0171  -0.0525 0.0411  105 F73 C P     
402 O  OP1   . F73 C 5 ? 0.2533 0.7980 0.7332 0.0916  -0.1306 0.0485  105 F73 C OP1   
403 C  C3A   . F73 C 5 ? 0.3482 0.6236 0.8300 0.0713  0.0065  -0.0442 105 F73 C C3A   
404 O  "O1'" . F73 C 5 ? 0.4766 0.5586 0.6333 0.1254  -0.1127 0.1111  105 F73 C "O1'" 
405 N  "N2'" . F73 C 5 ? 0.3208 0.5874 0.7494 0.1017  0.0271  0.0238  105 F73 C "N2'" 
406 C  C2A   . F73 C 5 ? 0.2813 0.5870 0.7561 0.0700  0.0646  -0.0203 105 F73 C C2A   
407 C  C2B   . F73 C 5 ? 0.2374 0.5782 0.7522 0.1103  0.0232  -0.0111 105 F73 C C2B   
408 N  N1    . F6U C 6 ? 0.2913 0.4881 0.5441 0.0649  -0.0058 0.0007  106 F6U C N1    
409 C  C2    . F6U C 6 ? 0.2822 0.4458 0.5454 0.0506  0.0019  0.0147  106 F6U C C2    
410 N  N3    . F6U C 6 ? 0.2534 0.5120 0.5592 0.1163  -0.0229 0.0120  106 F6U C N3    
411 C  C4    . F6U C 6 ? 0.2063 0.5456 0.5424 0.0994  -0.0408 0.0453  106 F6U C C4    
412 O  OP1   . F6U C 6 ? 0.4915 0.7114 0.7358 0.1044  -0.0282 0.0513  106 F6U C OP1   
413 P  P     . F6U C 6 ? 0.4478 0.6454 0.5872 0.0347  -0.0325 0.0257  106 F6U C P     
414 O  OP2   . F6U C 6 ? 0.4900 0.6741 0.7185 0.0227  -0.1084 -0.0129 106 F6U C OP2   
415 O  "O3'" . F6U C 6 ? 0.2916 0.6219 0.5809 0.0946  -0.0573 0.0369  106 F6U C "O3'" 
416 C  "C3'" . F6U C 6 ? 0.4431 0.6372 0.6627 0.1192  -0.0102 0.0441  106 F6U C "C3'" 
417 C  C3A   . F6U C 6 ? 0.4259 0.6590 0.6446 0.0876  0.0090  0.0329  106 F6U C C3A   
418 C  "C2'" . F6U C 6 ? 0.4069 0.6550 0.6665 0.1433  0.0105  0.0457  106 F6U C "C2'" 
419 C  "C1'" . F6U C 6 ? 0.3875 0.6850 0.6825 0.1039  0.0166  0.0581  106 F6U C "C1'" 
420 O  "O1'" . F6U C 6 ? 0.4079 0.6788 0.6853 0.0913  -0.0152 0.0970  106 F6U C "O1'" 
421 N  "N2'" . F6U C 6 ? 0.3897 0.6748 0.6976 0.1856  -0.0539 0.0428  106 F6U C "N2'" 
422 C  C2A   . F6U C 6 ? 0.3150 0.6594 0.6632 0.1047  -0.0375 0.0448  106 F6U C C2A   
423 O  O2A   . F6U C 6 ? 0.2670 0.6643 0.6515 0.1131  0.0057  0.0044  106 F6U C O2A   
424 C  C2B   . F6U C 6 ? 0.3150 0.5731 0.5407 0.1453  -0.0223 0.0714  106 F6U C C2B   
425 N  N9    . F6U C 6 ? 0.2261 0.6009 0.5473 0.0669  -0.0327 0.0579  106 F6U C N9    
426 C  C8    . F6U C 6 ? 0.2475 0.5794 0.5410 0.0947  -0.0305 0.0579  106 F6U C C8    
427 N  N7    . F6U C 6 ? 0.2422 0.5946 0.5369 0.0924  -0.0502 0.0408  106 F6U C N7    
428 C  C5    . F6U C 6 ? 0.1891 0.5391 0.5425 0.0796  -0.0515 0.0263  106 F6U C C5    
429 C  C6    . F6U C 6 ? 0.2848 0.5244 0.5255 0.0946  -0.0264 0.0153  106 F6U C C6    
430 N  N6    . F6U C 6 ? 0.2692 0.5391 0.5522 0.1035  0.0148  0.0084  106 F6U C N6    
431 C  "C1'" . F6X C 7 ? 0.3569 0.7300 0.5589 0.0662  -0.0784 0.0438  107 F6X C "C1'" 
432 N  N1    . F6X C 7 ? 0.3225 0.5644 0.4764 0.1282  -0.0835 0.0057  107 F6X C N1    
433 C  C6    . F6X C 7 ? 0.3349 0.5403 0.4835 0.1138  -0.0459 -0.0206 107 F6X C C6    
434 C  C5    . F6X C 7 ? 0.2925 0.5084 0.5182 0.1613  -0.0581 -0.0252 107 F6X C C5    
435 C  C4    . F6X C 7 ? 0.3441 0.4776 0.5079 0.1092  -0.0615 0.0172  107 F6X C C4    
436 N  N3    . F6X C 7 ? 0.3057 0.5315 0.4683 0.0519  -0.0469 0.0009  107 F6X C N3    
437 C  C2    . F6X C 7 ? 0.3313 0.5355 0.4885 0.0954  -0.0712 -0.0032 107 F6X C C2    
438 O  O2    . F6X C 7 ? 0.3516 0.5005 0.5481 0.0910  0.0278  -0.0356 107 F6X C O2    
439 N  N4    . F6X C 7 ? 0.2220 0.6331 0.4778 0.0660  -0.0468 0.0311  107 F6X C N4    
440 C  "C2'" . F6X C 7 ? 0.4115 0.6451 0.5668 0.0761  -0.0397 0.0062  107 F6X C "C2'" 
441 C  "C3'" . F6X C 7 ? 0.4889 0.6716 0.5500 0.0699  -0.0517 0.0525  107 F6X C "C3'" 
442 O  "O3'" . F6X C 7 ? 0.6759 0.6804 0.5355 0.0103  -0.0569 0.0244  107 F6X C "O3'" 
443 O  OP1   . F6X C 7 ? 0.7054 0.7066 0.7043 0.0974  -0.0273 0.0933  107 F6X C OP1   
444 P  P     . F6X C 7 ? 0.6054 0.7267 0.5664 0.0482  -0.0636 0.0725  107 F6X C P     
445 O  OP2   . F6X C 7 ? 0.8658 0.7890 0.5986 0.0406  -0.0535 0.0156  107 F6X C OP2   
446 C  C3A   . F6X C 7 ? 0.5249 0.6326 0.5164 0.0829  0.0006  0.0906  107 F6X C C3A   
447 O  "O1'" . F6X C 7 ? 0.4242 0.6954 0.6061 0.0500  -0.0290 0.0410  107 F6X C "O1'" 
448 N  "N2'" . F6X C 7 ? 0.3881 0.6918 0.4985 0.1045  -0.0877 0.0298  107 F6X C "N2'" 
449 C  C2A   . F6X C 7 ? 0.3860 0.6205 0.5137 0.1091  -0.0821 0.0198  107 F6X C C2A   
450 O  O2A   . F6X C 7 ? 0.3282 0.6141 0.5135 0.0777  -0.0648 0.0151  107 F6X C O2A   
451 C  C2B   . F6X C 7 ? 0.3652 0.6472 0.4317 0.1182  -0.0742 0.0040  107 F6X C C2B   
452 O  O6    . GT3 C 8 ? 0.2953 0.5435 0.6553 0.1504  -0.0364 0.0044  108 GT3 C O6    
453 C  C6    . GT3 C 8 ? 0.4623 0.5847 0.5469 0.0467  -0.0260 0.0406  108 GT3 C C6    
454 N  N1    . GT3 C 8 ? 0.4249 0.4886 0.5589 -0.0080 -0.0405 0.0526  108 GT3 C N1    
455 C  C2    . GT3 C 8 ? 0.4027 0.5470 0.5354 0.0065  -0.0602 0.0114  108 GT3 C C2    
456 N  N2    . GT3 C 8 ? 0.3728 0.5414 0.6033 -0.0303 -0.0531 0.0009  108 GT3 C N2    
457 N  N3    . GT3 C 8 ? 0.3576 0.5670 0.5491 0.0132  -0.0534 0.0416  108 GT3 C N3    
458 C  C4    . GT3 C 8 ? 0.4214 0.6305 0.5695 0.0740  0.0014  0.0107  108 GT3 C C4    
459 C  C5    . GT3 C 8 ? 0.4390 0.5979 0.5748 0.0504  0.0060  0.0395  108 GT3 C C5    
460 N  N7    . GT3 C 8 ? 0.4530 0.6309 0.5746 0.0625  0.0213  0.0962  108 GT3 C N7    
461 C  C8    . GT3 C 8 ? 0.4921 0.6277 0.5435 0.0740  0.0509  0.0049  108 GT3 C C8    
462 N  N9    . GT3 C 8 ? 0.4498 0.6327 0.5826 0.0235  0.0137  0.0150  108 GT3 C N9    
463 C  C2B   . GT3 C 8 ? 0.5299 0.6114 0.5604 0.0366  0.0303  0.0043  108 GT3 C C2B   
464 C  C2A   . GT3 C 8 ? 0.4003 0.6411 0.6789 0.0496  -0.0027 0.0127  108 GT3 C C2A   
465 O  O2A   . GT3 C 8 ? 0.3737 0.6499 0.6083 0.1127  -0.0005 0.0344  108 GT3 C O2A   
466 N  "N2'" . GT3 C 8 ? 0.5800 0.7160 0.6740 0.0249  -0.0471 0.0343  108 GT3 C "N2'" 
467 C  "C2'" . GT3 C 8 ? 0.6895 0.7199 0.8016 -0.0626 -0.0468 -0.0380 108 GT3 C "C2'" 
468 C  "C3'" . GT3 C 8 ? 0.7200 0.8144 0.8087 -0.0493 -0.0222 -0.0736 108 GT3 C "C3'" 
469 C  C3A   . GT3 C 8 ? 0.8018 0.8091 0.8965 -0.0174 -0.0058 -0.0275 108 GT3 C C3A   
470 O  "O3'" . GT3 C 8 ? 0.6190 0.7530 1.0062 -0.0367 -0.0172 -0.0594 108 GT3 C "O3'" 
471 C  "C1'" . GT3 C 8 ? 0.7099 0.7697 0.7533 -0.0567 -0.0086 -0.0434 108 GT3 C "C1'" 
472 O  "O1'" . GT3 C 8 ? 0.6601 0.7464 0.7033 -0.0951 -0.0279 0.0369  108 GT3 C "O1'" 
473 C  "C1'" . F6X D 1 ? 0.6475 0.8463 0.7725 0.0667  -0.0005 -0.0556 101 F6X D "C1'" 
474 N  N1    . F6X D 1 ? 0.4510 0.6344 0.6729 0.0610  -0.0804 -0.0413 101 F6X D N1    
475 C  C6    . F6X D 1 ? 0.5274 0.5652 0.7074 0.0570  -0.0495 -0.0252 101 F6X D C6    
476 C  C5    . F6X D 1 ? 0.5080 0.6576 0.6968 0.0491  -0.0770 -0.0385 101 F6X D C5    
477 C  C4    . F6X D 1 ? 0.5057 0.6611 0.7289 0.0969  -0.0764 0.0076  101 F6X D C4    
478 N  N3    . F6X D 1 ? 0.4494 0.6562 0.7349 0.1150  -0.0248 -0.0102 101 F6X D N3    
479 C  C2    . F6X D 1 ? 0.4665 0.6976 0.6533 0.0769  -0.0697 -0.0157 101 F6X D C2    
480 O  O2    . F6X D 1 ? 0.3768 0.7248 0.6694 0.0072  0.0125  -0.0576 101 F6X D O2    
481 N  N4    . F6X D 1 ? 0.4966 0.6358 0.7377 0.0548  -0.0665 0.0613  101 F6X D N4    
482 C  "C2'" . F6X D 1 ? 0.5173 0.7300 0.7814 0.0796  -0.0217 -0.0652 101 F6X D "C2'" 
483 C  "C3'" . F6X D 1 ? 0.4991 0.7355 0.7311 0.0366  -0.0134 -0.0199 101 F6X D "C3'" 
484 O  "O3'" . F6X D 1 ? 0.3875 0.6344 0.6451 0.0942  0.0859  0.0249  101 F6X D "O3'" 
485 O  OP1   . F6X D 1 ? 0.3727 0.6063 0.6961 0.1230  -0.0282 0.0081  101 F6X D OP1   
486 P  P     . F6X D 1 ? 0.3741 0.6110 0.6758 0.0944  0.0225  0.0153  101 F6X D P     
487 O  OP2   . F6X D 1 ? 0.4293 0.6282 0.6646 0.0638  0.0027  0.0265  101 F6X D OP2   
488 C  C3A   . F6X D 1 ? 0.4995 0.6505 0.7192 0.1052  0.0235  -0.0358 101 F6X D C3A   
489 O  "O1'" . F6X D 1 ? 0.7278 0.8725 0.8972 0.0902  0.0295  -0.1292 101 F6X D "O1'" 
490 N  "N2'" . F6X D 1 ? 0.4836 0.7250 0.7591 0.0867  -0.0592 -0.0213 101 F6X D "N2'" 
491 C  C2A   . F6X D 1 ? 0.4385 0.6959 0.8135 0.0881  -0.0664 -0.0664 101 F6X D C2A   
492 O  O2A   . F6X D 1 ? 0.3790 0.6927 0.9625 0.0769  -0.0795 -0.0862 101 F6X D O2A   
493 C  C2B   . F6X D 1 ? 0.4183 0.6708 0.7656 0.1157  -0.0573 -0.0573 101 F6X D C2B   
494 O  O2A   . F73 D 2 ? 0.3323 0.6031 0.8263 0.1324  0.0516  -0.0791 102 F73 D O2A   
495 C  "C3'" . F73 D 2 ? 0.5523 0.6275 0.6847 0.0139  -0.0173 0.0469  102 F73 D "C3'" 
496 O  "O3'" . F73 D 2 ? 0.4770 0.6014 0.6265 0.0664  0.0526  0.0649  102 F73 D "O3'" 
497 C  "C2'" . F73 D 2 ? 0.5729 0.5866 0.6904 0.0079  -0.0009 0.0345  102 F73 D "C2'" 
498 C  "C1'" . F73 D 2 ? 0.3783 0.6095 0.7533 0.0357  -0.0094 0.0588  102 F73 D "C1'" 
499 N  N9    . F73 D 2 ? 0.3912 0.5705 0.6474 0.1090  -0.0470 -0.0053 102 F73 D N9    
500 C  C8    . F73 D 2 ? 0.4094 0.5243 0.6267 0.1184  -0.0280 -0.0073 102 F73 D C8    
501 N  N7    . F73 D 2 ? 0.4481 0.5416 0.6634 0.1534  -0.0247 -0.0574 102 F73 D N7    
502 C  C5    . F73 D 2 ? 0.4275 0.5251 0.6514 0.1309  -0.0531 -0.0359 102 F73 D C5    
503 C  C6    . F73 D 2 ? 0.4563 0.5326 0.6233 0.1210  -0.0559 -0.0427 102 F73 D C6    
504 O  O6    . F73 D 2 ? 0.4291 0.5816 0.7108 0.1230  -0.0639 -0.0190 102 F73 D O6    
505 N  N1    . F73 D 2 ? 0.4656 0.5356 0.6427 0.1053  -0.1095 -0.0297 102 F73 D N1    
506 C  C2    . F73 D 2 ? 0.4415 0.5807 0.6463 0.1282  -0.0816 -0.0268 102 F73 D C2    
507 N  N2    . F73 D 2 ? 0.3476 0.6299 0.6482 0.1235  -0.1152 -0.0402 102 F73 D N2    
508 N  N3    . F73 D 2 ? 0.4251 0.5797 0.5765 0.0398  -0.0899 -0.0472 102 F73 D N3    
509 C  C4    . F73 D 2 ? 0.4433 0.5203 0.5951 0.1044  -0.0632 -0.0302 102 F73 D C4    
510 O  OP2   . F73 D 2 ? 0.3992 0.6898 0.7536 0.0892  -0.0769 0.0586  102 F73 D OP2   
511 P  P     . F73 D 2 ? 0.3852 0.6347 0.6544 0.0790  -0.0356 0.0311  102 F73 D P     
512 O  OP1   . F73 D 2 ? 0.4263 0.6223 0.6730 0.1764  -0.0175 -0.0105 102 F73 D OP1   
513 C  C3A   . F73 D 2 ? 0.5630 0.6473 0.6520 0.0007  -0.0361 0.0197  102 F73 D C3A   
514 O  "O1'" . F73 D 2 ? 0.2175 0.6293 0.7574 0.0211  0.0592  0.0150  102 F73 D "O1'" 
515 N  "N2'" . F73 D 2 ? 0.4740 0.5726 0.7840 0.0734  0.0030  -0.0024 102 F73 D "N2'" 
516 C  C2A   . F73 D 2 ? 0.4667 0.5722 0.7611 0.0568  -0.0547 -0.0572 102 F73 D C2A   
517 C  C2B   . F73 D 2 ? 0.4023 0.5321 0.6927 0.1173  -0.0588 -0.0287 102 F73 D C2B   
518 N  N1    . F6U D 3 ? 0.6456 0.4901 0.5848 -0.0295 -0.0700 0.0325  103 F6U D N1    
519 C  C2    . F6U D 3 ? 0.6710 0.5027 0.6167 0.0250  0.0004  0.0426  103 F6U D C2    
520 N  N3    . F6U D 3 ? 0.6962 0.4911 0.5584 0.0149  -0.0104 0.0550  103 F6U D N3    
521 C  C4    . F6U D 3 ? 0.6702 0.5135 0.6114 0.0838  -0.0243 0.0789  103 F6U D C4    
522 O  OP1   . F6U D 3 ? 0.4454 0.7054 0.7577 0.0325  0.0824  0.0118  103 F6U D OP1   
523 P  P     . F6U D 3 ? 0.4874 0.6202 0.7167 0.0648  0.0397  0.0082  103 F6U D P     
524 O  OP2   . F6U D 3 ? 0.3646 0.6391 0.7581 0.1084  0.1041  -0.0629 103 F6U D OP2   
525 O  "O3'" . F6U D 3 ? 0.4761 0.6275 0.6795 0.1068  0.0228  0.0701  103 F6U D "O3'" 
526 C  "C3'" . F6U D 3 ? 0.4898 0.6384 0.7975 0.0780  -0.0044 0.0015  103 F6U D "C3'" 
527 C  C3A   . F6U D 3 ? 0.5044 0.6240 0.7955 0.1130  -0.0023 -0.0163 103 F6U D C3A   
528 C  "C2'" . F6U D 3 ? 0.4862 0.6334 0.7834 0.0679  -0.0333 0.0325  103 F6U D "C2'" 
529 C  "C1'" . F6U D 3 ? 0.3828 0.6603 0.8430 0.1250  -0.0342 0.0007  103 F6U D "C1'" 
530 O  "O1'" . F6U D 3 ? 0.1796 0.6311 0.7188 0.1119  -0.0458 0.0759  103 F6U D "O1'" 
531 N  "N2'" . F6U D 3 ? 0.4909 0.6117 0.8130 0.1116  -0.0284 0.0422  103 F6U D "N2'" 
532 C  C2A   . F6U D 3 ? 0.4697 0.5726 0.7913 0.0790  -0.0338 0.0381  103 F6U D C2A   
533 O  O2A   . F6U D 3 ? 0.4030 0.5506 0.7873 0.1420  -0.0247 0.0606  103 F6U D O2A   
534 C  C2B   . F6U D 3 ? 0.5707 0.5586 0.7502 0.0597  -0.0323 0.0708  103 F6U D C2B   
535 N  N9    . F6U D 3 ? 0.6367 0.4950 0.6460 0.0984  -0.0150 0.0958  103 F6U D N9    
536 C  C8    . F6U D 3 ? 0.6425 0.4550 0.6497 0.0605  -0.0592 0.0613  103 F6U D C8    
537 N  N7    . F6U D 3 ? 0.6271 0.4700 0.6079 0.0872  -0.0683 0.1035  103 F6U D N7    
538 C  C5    . F6U D 3 ? 0.6314 0.5291 0.5926 0.0363  -0.0560 0.0775  103 F6U D C5    
539 C  C6    . F6U D 3 ? 0.6484 0.4839 0.6011 0.0167  -0.0453 0.0504  103 F6U D C6    
540 N  N6    . F6U D 3 ? 0.6779 0.4826 0.6253 0.0461  -0.0573 0.0466  103 F6U D N6    
541 C  "C1'" . F6X D 4 ? 0.5891 0.6762 0.7661 0.1080  0.0299  0.0128  104 F6X D "C1'" 
542 N  N1    . F6X D 4 ? 0.4271 0.4908 0.5868 0.1043  -0.0814 -0.0001 104 F6X D N1    
543 C  C6    . F6X D 4 ? 0.4601 0.4915 0.5861 0.1068  -0.0787 0.0505  104 F6X D C6    
544 C  C5    . F6X D 4 ? 0.3954 0.4598 0.5762 0.1272  -0.1478 0.0643  104 F6X D C5    
545 C  C4    . F6X D 4 ? 0.4168 0.4847 0.5810 0.0723  -0.0816 0.0269  104 F6X D C4    
546 N  N3    . F6X D 4 ? 0.4668 0.4043 0.5902 0.0870  -0.0818 0.0261  104 F6X D N3    
547 C  C2    . F6X D 4 ? 0.4113 0.5202 0.5990 0.1290  -0.1130 0.0653  104 F6X D C2    
548 O  O2    . F6X D 4 ? 0.3272 0.4832 0.5840 0.1322  -0.0527 0.0316  104 F6X D O2    
549 N  N4    . F6X D 4 ? 0.4770 0.4668 0.5936 0.0615  -0.0248 0.0366  104 F6X D N4    
550 C  "C2'" . F6X D 4 ? 0.5637 0.6392 0.7238 0.0835  0.0287  -0.0024 104 F6X D "C2'" 
551 C  "C3'" . F6X D 4 ? 0.5673 0.6459 0.7246 0.0763  0.0325  -0.0141 104 F6X D "C3'" 
552 O  "O3'" . F6X D 4 ? 0.5156 0.6326 0.5917 0.1105  -0.0263 0.0037  104 F6X D "O3'" 
553 O  OP1   . F6X D 4 ? 0.4240 0.6700 0.6966 0.1403  -0.0453 -0.0164 104 F6X D OP1   
554 P  P     . F6X D 4 ? 0.4258 0.6429 0.6651 0.1270  -0.0306 0.0161  104 F6X D P     
555 O  OP2   . F6X D 4 ? 0.4560 0.6590 0.6970 0.1369  0.0163  -0.0356 104 F6X D OP2   
556 C  C3A   . F6X D 4 ? 0.5993 0.6326 0.7242 0.1015  0.0444  0.0148  104 F6X D C3A   
557 O  "O1'" . F6X D 4 ? 0.5718 0.6614 0.7174 0.0831  0.0476  0.0518  104 F6X D "O1'" 
558 N  "N2'" . F6X D 4 ? 0.5066 0.6416 0.7061 0.0944  0.0322  -0.0200 104 F6X D "N2'" 
559 C  C2A   . F6X D 4 ? 0.4609 0.6241 0.6570 0.0468  0.0049  -0.0427 104 F6X D C2A   
560 O  O2A   . F6X D 4 ? 0.4436 0.6302 0.7575 0.0737  0.0212  -0.0143 104 F6X D O2A   
561 C  C2B   . F6X D 4 ? 0.4648 0.5912 0.6656 0.0650  0.0080  0.0042  104 F6X D C2B   
562 O  O2A   . F73 D 5 ? 0.6269 0.6362 0.6930 -0.0612 -0.1903 0.0740  105 F73 D O2A   
563 C  "C3'" . F73 D 5 ? 0.4982 0.6081 0.6374 0.0494  -0.0666 0.0062  105 F73 D "C3'" 
564 O  "O3'" . F73 D 5 ? 0.6257 0.5893 0.6271 0.0672  0.0721  0.0132  105 F73 D "O3'" 
565 C  "C2'" . F73 D 5 ? 0.4817 0.6180 0.6611 0.0445  -0.0808 0.0372  105 F73 D "C2'" 
566 C  "C1'" . F73 D 5 ? 0.5315 0.6163 0.6563 0.0599  -0.1203 0.0744  105 F73 D "C1'" 
567 N  N9    . F73 D 5 ? 0.4481 0.5683 0.5573 0.0325  -0.1727 0.0407  105 F73 D N9    
568 C  C8    . F73 D 5 ? 0.4749 0.5716 0.4996 0.0661  -0.1401 0.0832  105 F73 D C8    
569 N  N7    . F73 D 5 ? 0.5261 0.5180 0.4397 0.0795  -0.1572 0.0300  105 F73 D N7    
570 C  C5    . F73 D 5 ? 0.4188 0.5363 0.5386 0.0690  -0.1723 0.0485  105 F73 D C5    
571 C  C6    . F73 D 5 ? 0.4517 0.5082 0.5398 0.0473  -0.1173 0.0487  105 F73 D C6    
572 O  O6    . F73 D 5 ? 0.4542 0.5087 0.5098 0.0753  -0.1389 0.0783  105 F73 D O6    
573 N  N1    . F73 D 5 ? 0.4305 0.5214 0.5253 0.0241  -0.1197 0.0585  105 F73 D N1    
574 C  C2    . F73 D 5 ? 0.3829 0.4651 0.5708 0.0832  -0.1452 0.0663  105 F73 D C2    
575 N  N2    . F73 D 5 ? 0.4438 0.4889 0.5407 0.0786  -0.1702 0.1042  105 F73 D N2    
576 N  N3    . F73 D 5 ? 0.3574 0.5291 0.5698 0.0782  -0.1486 0.0543  105 F73 D N3    
577 C  C4    . F73 D 5 ? 0.4021 0.5006 0.5569 0.0568  -0.1801 0.0479  105 F73 D C4    
578 O  OP2   . F73 D 5 ? 0.4858 0.6885 0.6301 0.0577  -0.0181 -0.0571 105 F73 D OP2   
579 P  P     . F73 D 5 ? 0.4663 0.6158 0.6046 0.0757  0.0406  -0.0379 105 F73 D P     
580 O  OP1   . F73 D 5 ? 0.4335 0.7222 0.5980 0.0572  -0.0157 0.0051  105 F73 D OP1   
581 C  C3A   . F73 D 5 ? 0.4839 0.5842 0.5409 0.0281  -0.0502 0.0353  105 F73 D C3A   
582 O  "O1'" . F73 D 5 ? 0.6229 0.6415 0.6263 0.0544  0.0402  0.0433  105 F73 D "O1'" 
583 N  "N2'" . F73 D 5 ? 0.5106 0.6233 0.5968 0.1115  -0.1344 0.0471  105 F73 D "N2'" 
584 C  C2A   . F73 D 5 ? 0.4752 0.6259 0.5963 0.0448  -0.1502 0.0137  105 F73 D C2A   
585 C  C2B   . F73 D 5 ? 0.4267 0.6073 0.6072 0.0023  -0.1505 0.0327  105 F73 D C2B   
586 N  N1    . F6U D 6 ? 0.3209 0.4512 0.5677 0.0703  -0.1576 0.0156  106 F6U D N1    
587 C  C2    . F6U D 6 ? 0.3074 0.4304 0.5781 0.0370  -0.1451 0.0012  106 F6U D C2    
588 N  N3    . F6U D 6 ? 0.2522 0.4809 0.6109 0.1035  -0.1155 0.0320  106 F6U D N3    
589 C  C4    . F6U D 6 ? 0.2486 0.5291 0.5792 0.0979  -0.1547 0.0134  106 F6U D C4    
590 O  OP1   . F6U D 6 ? 0.6129 0.6403 0.6207 0.0080  -0.0420 -0.0051 106 F6U D OP1   
591 P  P     . F6U D 6 ? 0.5708 0.6146 0.5261 0.0407  -0.0116 0.0254  106 F6U D P     
592 O  OP2   . F6U D 6 ? 0.5960 0.6112 0.5177 0.0672  0.0994  0.0375  106 F6U D OP2   
593 O  "O3'" . F6U D 6 ? 0.5704 0.5135 0.6171 0.0820  -0.0272 0.0466  106 F6U D "O3'" 
594 C  "C3'" . F6U D 6 ? 0.4989 0.5577 0.6437 0.0644  -0.0310 -0.0037 106 F6U D "C3'" 
595 C  C3A   . F6U D 6 ? 0.4808 0.5978 0.6783 0.0529  -0.0766 -0.0021 106 F6U D C3A   
596 C  "C2'" . F6U D 6 ? 0.4118 0.6233 0.6794 0.0740  -0.0700 -0.0030 106 F6U D "C2'" 
597 C  "C1'" . F6U D 6 ? 0.4898 0.6341 0.7215 0.1323  -0.0453 -0.0224 106 F6U D "C1'" 
598 O  "O1'" . F6U D 6 ? 0.6848 0.6194 0.6159 0.0932  -0.0271 0.0233  106 F6U D "O1'" 
599 N  "N2'" . F6U D 6 ? 0.2098 0.5582 0.6890 0.1241  -0.0984 0.0295  106 F6U D "N2'" 
600 C  C2A   . F6U D 6 ? 0.3350 0.5643 0.6114 0.1170  -0.1387 0.0615  106 F6U D C2A   
601 O  O2A   . F6U D 6 ? 0.4450 0.5593 0.6310 0.0580  -0.1449 0.0604  106 F6U D O2A   
602 C  C2B   . F6U D 6 ? 0.2743 0.5348 0.5918 0.1209  -0.1142 0.0797  106 F6U D C2B   
603 N  N9    . F6U D 6 ? 0.3407 0.5188 0.5494 0.0782  -0.1188 0.0454  106 F6U D N9    
604 C  C8    . F6U D 6 ? 0.3248 0.5056 0.5315 0.0689  -0.1475 0.0433  106 F6U D C8    
605 N  N7    . F6U D 6 ? 0.2896 0.4879 0.5289 0.0584  -0.1429 0.0128  106 F6U D N7    
606 C  C5    . F6U D 6 ? 0.2510 0.4974 0.5570 0.0206  -0.1524 0.0177  106 F6U D C5    
607 C  C6    . F6U D 6 ? 0.2769 0.5389 0.5666 0.0485  -0.1316 0.0356  106 F6U D C6    
608 N  N6    . F6U D 6 ? 0.3154 0.5478 0.5438 0.0431  -0.1335 0.0277  106 F6U D N6    
609 C  "C1'" . F6X D 7 ? 0.4964 0.6112 0.5798 0.0251  -0.0646 -0.0110 107 F6X D "C1'" 
610 N  N1    . F6X D 7 ? 0.2591 0.4864 0.5373 0.0466  -0.0663 0.0483  107 F6X D N1    
611 C  C6    . F6X D 7 ? 0.2263 0.4839 0.5508 0.0747  -0.0802 0.0467  107 F6X D C6    
612 C  C5    . F6X D 7 ? 0.1868 0.4704 0.5389 0.0118  -0.0638 0.0251  107 F6X D C5    
613 C  C4    . F6X D 7 ? 0.3071 0.4580 0.5271 0.0737  -0.0467 0.0449  107 F6X D C4    
614 N  N3    . F6X D 7 ? 0.2355 0.4847 0.5405 0.0214  -0.0576 0.0253  107 F6X D N3    
615 C  C2    . F6X D 7 ? 0.2488 0.4727 0.5480 0.0519  -0.0472 0.0446  107 F6X D C2    
616 O  O2    . F6X D 7 ? 0.2333 0.5784 0.5654 0.0055  -0.0326 -0.0023 107 F6X D O2    
617 N  N4    . F6X D 7 ? 0.3396 0.5259 0.5046 0.0463  -0.0449 0.0011  107 F6X D N4    
618 C  "C2'" . F6X D 7 ? 0.4998 0.5556 0.5795 0.0577  -0.0747 0.0178  107 F6X D "C2'" 
619 C  "C3'" . F6X D 7 ? 0.4870 0.5601 0.5705 0.0609  -0.0505 0.0502  107 F6X D "C3'" 
620 O  "O3'" . F6X D 7 ? 0.5123 0.6021 0.5554 0.0233  -0.0763 0.0699  107 F6X D "O3'" 
621 O  OP1   . F6X D 7 ? 0.5902 0.6590 0.5538 0.1014  -0.0371 0.1497  107 F6X D OP1   
622 P  P     . F6X D 7 ? 0.5873 0.6578 0.4984 0.0478  -0.0685 0.0656  107 F6X D P     
623 O  OP2   . F6X D 7 ? 0.3935 0.7470 0.5910 0.1221  -0.0959 0.0506  107 F6X D OP2   
624 C  C3A   . F6X D 7 ? 0.4248 0.4584 0.5621 0.1101  -0.1244 0.0953  107 F6X D C3A   
625 O  "O1'" . F6X D 7 ? 0.6492 0.5659 0.5384 0.0380  0.0311  -0.0272 107 F6X D "O1'" 
626 N  "N2'" . F6X D 7 ? 0.4035 0.4986 0.5793 0.0661  -0.0531 0.0407  107 F6X D "N2'" 
627 C  C2A   . F6X D 7 ? 0.2827 0.5070 0.5739 0.0409  -0.0930 0.0630  107 F6X D C2A   
628 O  O2A   . F6X D 7 ? 0.4225 0.5182 0.6359 -0.0003 -0.0731 0.0797  107 F6X D O2A   
629 C  C2B   . F6X D 7 ? 0.2860 0.5187 0.5448 0.0583  -0.0482 0.0571  107 F6X D C2B   
630 O  O6    . GT3 D 8 ? 0.2688 0.5909 0.5286 0.0819  0.0014  0.0366  108 GT3 D O6    
631 C  C6    . GT3 D 8 ? 0.2994 0.5905 0.5175 0.0643  -0.0123 0.0086  108 GT3 D C6    
632 N  N1    . GT3 D 8 ? 0.1837 0.4770 0.5572 0.0732  -0.0964 -0.0388 108 GT3 D N1    
633 C  C2    . GT3 D 8 ? 0.2881 0.5202 0.5600 0.0367  -0.0744 -0.0160 108 GT3 D C2    
634 N  N2    . GT3 D 8 ? 0.2857 0.4995 0.5155 -0.0086 -0.0963 -0.0547 108 GT3 D N2    
635 N  N3    . GT3 D 8 ? 0.2646 0.4825 0.5462 0.0068  -0.0568 -0.0052 108 GT3 D N3    
636 C  C4    . GT3 D 8 ? 0.2597 0.5339 0.5563 0.0885  -0.0797 0.0291  108 GT3 D C4    
637 C  C5    . GT3 D 8 ? 0.2733 0.5578 0.5311 0.0488  -0.0488 -0.0276 108 GT3 D C5    
638 N  N7    . GT3 D 8 ? 0.2791 0.6363 0.4909 0.0699  -0.0309 0.0103  108 GT3 D N7    
639 C  C8    . GT3 D 8 ? 0.2460 0.5502 0.5439 0.0776  -0.0633 0.0037  108 GT3 D C8    
640 N  N9    . GT3 D 8 ? 0.1962 0.5640 0.5700 0.0745  -0.0573 0.0172  108 GT3 D N9    
641 C  C2B   . GT3 D 8 ? 0.1284 0.5269 0.6270 0.1384  -0.1260 0.0674  108 GT3 D C2B   
642 C  C2A   . GT3 D 8 ? 0.2312 0.5245 0.6638 0.1437  -0.1354 0.0569  108 GT3 D C2A   
643 O  O2A   . GT3 D 8 ? 0.2697 0.5020 0.6521 0.1696  -0.1623 0.0702  108 GT3 D O2A   
644 N  "N2'" . GT3 D 8 ? 0.2230 0.6892 0.6768 0.1077  -0.1410 0.0493  108 GT3 D "N2'" 
645 C  "C2'" . GT3 D 8 ? 0.4830 0.6854 0.6779 0.1127  -0.2055 0.0645  108 GT3 D "C2'" 
646 C  "C3'" . GT3 D 8 ? 0.5141 0.8074 0.7105 0.1313  -0.3094 0.0544  108 GT3 D "C3'" 
647 C  C3A   . GT3 D 8 ? 0.5862 0.8313 0.6721 0.1217  -0.4060 0.1150  108 GT3 D C3A   
648 O  "O3'" . GT3 D 8 ? 0.5508 0.7580 0.8999 0.0742  -0.2532 0.0985  108 GT3 D "O3'" 
649 C  "C1'" . GT3 D 8 ? 0.4977 0.6622 0.6580 0.1115  -0.2222 0.0296  108 GT3 D "C1'" 
650 O  "O1'" . GT3 D 8 ? 0.5284 0.5853 0.5541 0.1144  -0.1619 0.0604  108 GT3 D "O1'" 
651 O  O     . HOH E . ? 0.5227 0.5733 0.5171 -0.0039 0.0156  0.0621  101 HOH A O     
652 O  O     . HOH E . ? 0.3097 0.4536 0.7170 0.0886  -0.1066 0.0625  102 HOH A O     
653 O  O     . HOH E . ? 0.5067 0.8837 0.6690 0.0644  0.0420  0.0376  103 HOH A O     
654 O  O     . HOH E . ? 0.5579 0.7629 0.8779 0.1934  -0.0291 0.0859  104 HOH A O     
655 O  O     . HOH E . ? 0.5305 0.6955 0.6071 0.2199  -0.1320 0.0109  105 HOH A O     
656 O  O     . HOH F . ? 0.5194 0.8021 0.7590 0.1713  -0.1629 0.2675  101 HOH B O     
657 O  O     . HOH F . ? 0.2665 0.6516 0.4400 0.1773  -0.0328 0.0659  102 HOH B O     
658 O  O     . HOH F . ? 0.5543 0.5332 0.7204 0.2699  -0.1194 0.0473  103 HOH B O     
659 O  O     . HOH G . ? 0.2181 0.5548 0.5771 0.2887  -0.0251 0.0448  201 HOH C O     
660 O  O     . HOH G . ? 0.4031 0.7029 0.5922 0.1562  -0.2171 0.1213  202 HOH C O     
661 O  O     . HOH G . ? 0.3417 0.5691 0.7813 0.0346  -0.0959 -0.0339 203 HOH C O     
662 O  O     . HOH G . ? 0.2331 0.8253 0.7035 0.1521  0.0799  -0.0322 204 HOH C O     
663 O  O     . HOH G . ? 0.4951 0.5901 0.5780 0.1163  -0.1703 0.0966  205 HOH C O     
664 O  O     . HOH G . ? 0.6216 0.6850 0.6420 -0.0231 -0.0921 0.0204  206 HOH C O     
665 O  O     . HOH G . ? 0.4139 0.8422 0.6163 0.0111  -0.1297 0.1502  207 HOH C O     
666 O  O     . HOH G . ? 0.0991 0.6199 0.4710 0.1370  -0.0320 0.0077  208 HOH C O     
667 O  O     . HOH H . ? 0.3596 0.6426 0.6089 0.0762  -0.0209 0.0795  201 HOH D O     
668 O  O     . HOH H . ? 0.4450 0.6010 0.5445 -0.0828 -0.0467 0.0634  202 HOH D O     
669 O  O     . HOH H . ? 0.3638 0.7413 0.6293 0.0629  -0.0359 0.1062  203 HOH D O     
670 O  O     . HOH H . ? 0.2981 0.6761 0.7262 0.0783  -0.0328 -0.0084 204 HOH D O     
671 O  O     . HOH H . ? 0.3056 0.6462 0.6410 0.2670  0.0957  0.0973  205 HOH D O     
# 
